data_8ZNT
#
_entry.id   8ZNT
#
_cell.length_a   77.085
_cell.length_b   85.326
_cell.length_c   104.580
_cell.angle_alpha   106.772
_cell.angle_beta   91.437
_cell.angle_gamma   116.914
#
_symmetry.space_group_name_H-M   'P 1'
#
loop_
_entity.id
_entity.type
_entity.pdbx_description
1 polymer 'Catalytic antibody T99_C220A'
2 non-polymer GLYCEROL
3 non-polymer 1,2-ETHANEDIOL
4 non-polymer DI(HYDROXYETHYL)ETHER
5 non-polymer 'POTASSIUM ION'
6 non-polymer 'CHLORIDE ION'
7 water water
#
_entity_poly.entity_id   1
_entity_poly.type   'polypeptide(L)'
_entity_poly.pdbx_seq_one_letter_code
;MDIVMTQTPVSLAVTPGQSASISCRSSQSLLHGDGRSYLYWYVQRPGQSPQLLMYEASTRVSGVPDRFTGSGSGTDFTLK
ISRVEAEDVGVYYCMQGTHWPGTFGPGTKVDIKRTVAAPSVFIFPPSDEQLKSGTASVVCLLNNFYPREAKVQWKVDNAL
QSGNSQESVTEQDSKDSTYSLSSTLTLSKADYEKHKVYACEVTHQGLSSPVTKSFNRGEALEVLFQ
;
_entity_poly.pdbx_strand_id   A,B,C,D,E,F,G,H
#
# COMPACT_ATOMS: atom_id res chain seq x y z
N MET A 1 15.41 -37.54 -18.98
CA MET A 1 14.00 -37.19 -18.99
C MET A 1 13.78 -35.77 -18.47
N ASP A 2 14.88 -35.06 -18.27
CA ASP A 2 14.88 -33.63 -17.95
C ASP A 2 14.16 -33.33 -16.64
N ILE A 3 14.93 -33.18 -15.57
CA ILE A 3 14.36 -32.90 -14.25
C ILE A 3 13.79 -31.49 -14.25
N VAL A 4 12.52 -31.38 -13.86
CA VAL A 4 11.87 -30.08 -13.72
C VAL A 4 12.24 -29.49 -12.36
N MET A 5 12.73 -28.25 -12.36
CA MET A 5 13.14 -27.57 -11.15
C MET A 5 12.12 -26.49 -10.81
N THR A 6 11.50 -26.61 -9.64
CA THR A 6 10.54 -25.64 -9.15
C THR A 6 11.12 -24.88 -7.97
N GLN A 7 10.79 -23.60 -7.86
CA GLN A 7 11.30 -22.76 -6.80
C GLN A 7 10.16 -22.00 -6.15
N THR A 8 10.25 -21.83 -4.83
CA THR A 8 9.30 -21.04 -4.07
C THR A 8 10.06 -20.35 -2.95
N PRO A 9 9.68 -19.11 -2.59
CA PRO A 9 8.59 -18.32 -3.18
C PRO A 9 8.99 -17.65 -4.49
N VAL A 10 8.01 -17.03 -5.15
CA VAL A 10 8.29 -16.33 -6.40
C VAL A 10 9.14 -15.08 -6.13
N SER A 11 8.84 -14.36 -5.05
CA SER A 11 9.50 -13.11 -4.73
C SER A 11 9.69 -13.01 -3.22
N LEU A 12 10.65 -12.18 -2.82
CA LEU A 12 10.95 -11.98 -1.40
C LEU A 12 11.48 -10.58 -1.18
N ALA A 13 10.77 -9.78 -0.40
CA ALA A 13 11.21 -8.46 0.01
C ALA A 13 11.47 -8.49 1.51
N VAL A 14 12.65 -8.03 1.92
CA VAL A 14 13.16 -8.29 3.26
C VAL A 14 13.72 -7.01 3.88
N THR A 15 13.78 -7.00 5.22
CA THR A 15 14.35 -5.93 6.03
C THR A 15 15.84 -6.18 6.25
N PRO A 16 16.69 -5.17 6.13
CA PRO A 16 18.14 -5.39 6.33
C PRO A 16 18.42 -5.93 7.73
N GLY A 17 18.94 -7.15 7.79
CA GLY A 17 19.18 -7.86 9.03
C GLY A 17 18.23 -9.04 9.25
N GLN A 18 17.05 -9.01 8.66
CA GLN A 18 16.12 -10.11 8.78
C GLN A 18 16.60 -11.30 7.96
N SER A 19 16.21 -12.50 8.39
CA SER A 19 16.59 -13.73 7.72
C SER A 19 15.65 -14.06 6.56
N ALA A 20 16.20 -14.74 5.55
CA ALA A 20 15.45 -15.20 4.39
C ALA A 20 15.63 -16.71 4.23
N SER A 21 14.77 -17.31 3.41
CA SER A 21 14.75 -18.77 3.28
C SER A 21 14.12 -19.12 1.94
N ILE A 22 14.94 -19.63 1.01
CA ILE A 22 14.50 -19.99 -0.33
C ILE A 22 14.50 -21.51 -0.45
N SER A 23 13.47 -22.05 -1.10
CA SER A 23 13.31 -23.48 -1.29
C SER A 23 13.35 -23.82 -2.78
N CYS A 24 13.80 -25.05 -3.07
CA CYS A 24 13.93 -25.53 -4.43
C CYS A 24 13.59 -27.02 -4.45
N ARG A 25 12.74 -27.42 -5.39
CA ARG A 25 12.31 -28.81 -5.52
C ARG A 25 12.65 -29.33 -6.92
N SER A 26 12.99 -30.61 -6.98
CA SER A 26 13.29 -31.29 -8.23
C SER A 26 12.23 -32.36 -8.50
N SER A 27 11.90 -32.53 -9.79
CA SER A 27 10.88 -33.50 -10.17
C SER A 27 11.31 -34.93 -9.87
N GLN A 28 12.61 -35.22 -9.95
CA GLN A 28 13.15 -36.50 -9.57
C GLN A 28 14.27 -36.29 -8.56
N SER A 29 14.68 -37.37 -7.91
CA SER A 29 15.71 -37.27 -6.88
C SER A 29 17.07 -36.99 -7.51
N LEU A 30 17.85 -36.14 -6.83
CA LEU A 30 19.16 -35.74 -7.29
C LEU A 30 20.28 -36.40 -6.49
N LEU A 31 19.95 -37.45 -5.72
CA LEU A 31 20.96 -38.16 -4.96
C LEU A 31 21.84 -38.98 -5.89
N HIS A 32 23.15 -38.81 -5.76
CA HIS A 32 24.11 -39.51 -6.61
C HIS A 32 24.64 -40.76 -5.90
N GLY A 33 25.38 -41.57 -6.66
CA GLY A 33 25.90 -42.80 -6.12
C GLY A 33 26.88 -42.60 -4.98
N ASP A 34 27.66 -41.52 -5.01
CA ASP A 34 28.64 -41.24 -3.98
C ASP A 34 28.03 -40.63 -2.73
N GLY A 35 26.70 -40.51 -2.67
CA GLY A 35 26.03 -39.96 -1.51
C GLY A 35 25.86 -38.46 -1.51
N ARG A 36 26.31 -37.77 -2.55
CA ARG A 36 26.22 -36.33 -2.64
C ARG A 36 25.07 -35.92 -3.54
N SER A 37 24.40 -34.82 -3.18
CA SER A 37 23.30 -34.28 -3.97
C SER A 37 23.84 -33.08 -4.75
N TYR A 38 24.05 -33.26 -6.05
CA TYR A 38 24.70 -32.24 -6.88
C TYR A 38 23.66 -31.20 -7.28
N LEU A 39 23.48 -30.21 -6.41
CA LEU A 39 22.60 -29.07 -6.65
C LEU A 39 23.28 -27.84 -6.07
N TYR A 40 23.45 -26.81 -6.89
CA TYR A 40 24.15 -25.61 -6.46
C TYR A 40 23.26 -24.37 -6.58
N TRP A 41 23.54 -23.38 -5.74
CA TRP A 41 22.84 -22.12 -5.73
C TRP A 41 23.71 -21.02 -6.32
N TYR A 42 23.08 -20.08 -7.01
CA TYR A 42 23.77 -18.89 -7.49
C TYR A 42 22.78 -17.73 -7.54
N VAL A 43 23.30 -16.51 -7.50
CA VAL A 43 22.50 -15.31 -7.48
C VAL A 43 22.87 -14.46 -8.70
N GLN A 44 21.85 -13.98 -9.40
CA GLN A 44 22.02 -13.10 -10.55
C GLN A 44 21.84 -11.64 -10.12
N ARG A 45 22.68 -10.77 -10.66
CA ARG A 45 22.62 -9.35 -10.33
C ARG A 45 22.85 -8.52 -11.58
N PRO A 46 22.15 -7.41 -11.73
CA PRO A 46 22.26 -6.60 -12.96
C PRO A 46 23.67 -6.05 -13.14
N GLY A 47 24.21 -6.22 -14.33
CA GLY A 47 25.54 -5.74 -14.63
C GLY A 47 26.67 -6.50 -13.98
N GLN A 48 26.38 -7.62 -13.33
CA GLN A 48 27.38 -8.43 -12.66
C GLN A 48 27.41 -9.84 -13.23
N SER A 49 28.53 -10.52 -13.01
CA SER A 49 28.57 -11.93 -13.32
C SER A 49 27.95 -12.72 -12.18
N PRO A 50 27.29 -13.84 -12.48
CA PRO A 50 26.60 -14.59 -11.41
C PRO A 50 27.58 -15.08 -10.36
N GLN A 51 27.13 -15.07 -9.11
CA GLN A 51 27.94 -15.47 -7.97
C GLN A 51 27.48 -16.82 -7.46
N LEU A 52 28.41 -17.77 -7.38
CA LEU A 52 28.11 -19.09 -6.82
C LEU A 52 28.20 -19.03 -5.30
N LEU A 53 27.17 -19.53 -4.62
CA LEU A 53 27.06 -19.44 -3.17
C LEU A 53 27.16 -20.80 -2.49
N MET A 54 26.39 -21.78 -2.93
CA MET A 54 26.37 -23.10 -2.34
C MET A 54 26.49 -24.15 -3.45
N TYR A 55 27.13 -25.27 -3.11
CA TYR A 55 27.22 -26.39 -4.03
C TYR A 55 27.18 -27.67 -3.21
N GLU A 56 26.81 -28.77 -3.88
CA GLU A 56 26.56 -30.05 -3.21
C GLU A 56 25.54 -29.88 -2.09
N ALA A 57 24.52 -29.06 -2.37
CA ALA A 57 23.38 -28.81 -1.48
C ALA A 57 23.76 -28.12 -0.19
N SER A 58 24.86 -28.53 0.44
CA SER A 58 25.20 -28.08 1.79
C SER A 58 26.55 -27.39 1.92
N THR A 59 27.44 -27.53 0.94
CA THR A 59 28.79 -26.99 1.07
C THR A 59 28.85 -25.55 0.58
N ARG A 60 29.45 -24.68 1.39
CA ARG A 60 29.51 -23.25 1.10
C ARG A 60 30.73 -22.93 0.25
N VAL A 61 30.52 -22.05 -0.75
CA VAL A 61 31.63 -21.61 -1.58
C VAL A 61 32.55 -20.71 -0.76
N SER A 62 33.86 -20.87 -0.96
CA SER A 62 34.83 -20.08 -0.23
C SER A 62 34.67 -18.60 -0.56
N GLY A 63 34.63 -17.77 0.48
CA GLY A 63 34.44 -16.34 0.32
C GLY A 63 33.02 -15.88 0.60
N VAL A 64 32.07 -16.79 0.70
CA VAL A 64 30.68 -16.44 1.00
C VAL A 64 30.49 -16.41 2.51
N PRO A 65 29.90 -15.35 3.07
CA PRO A 65 29.79 -15.26 4.53
C PRO A 65 28.99 -16.41 5.12
N ASP A 66 29.11 -16.58 6.44
CA ASP A 66 28.43 -17.65 7.15
C ASP A 66 26.92 -17.43 7.25
N ARG A 67 26.42 -16.28 6.83
CA ARG A 67 24.98 -16.05 6.82
C ARG A 67 24.26 -17.05 5.93
N PHE A 68 24.95 -17.56 4.91
CA PHE A 68 24.36 -18.50 3.97
C PHE A 68 24.53 -19.93 4.47
N THR A 69 23.46 -20.71 4.34
CA THR A 69 23.42 -22.09 4.84
C THR A 69 22.59 -22.94 3.90
N GLY A 70 23.16 -24.04 3.44
CA GLY A 70 22.51 -24.94 2.50
C GLY A 70 21.94 -26.15 3.22
N SER A 71 20.74 -26.56 2.79
CA SER A 71 20.04 -27.67 3.42
C SER A 71 19.29 -28.47 2.37
N GLY A 72 19.18 -29.76 2.61
CA GLY A 72 18.32 -30.62 1.82
C GLY A 72 19.07 -31.81 1.24
N SER A 73 18.27 -32.75 0.74
CA SER A 73 18.78 -33.93 0.07
C SER A 73 17.65 -34.54 -0.72
N GLY A 74 18.01 -35.25 -1.80
CA GLY A 74 17.02 -35.89 -2.64
C GLY A 74 16.30 -34.91 -3.54
N THR A 75 15.04 -34.59 -3.21
CA THR A 75 14.21 -33.74 -4.05
C THR A 75 13.84 -32.42 -3.39
N ASP A 76 14.38 -32.12 -2.20
CA ASP A 76 14.04 -30.90 -1.50
C ASP A 76 15.30 -30.24 -0.96
N PHE A 77 15.47 -28.95 -1.27
CA PHE A 77 16.64 -28.20 -0.86
C PHE A 77 16.23 -26.79 -0.48
N THR A 78 16.88 -26.23 0.54
CA THR A 78 16.60 -24.87 0.99
C THR A 78 17.90 -24.11 1.20
N LEU A 79 17.86 -22.82 0.87
CA LEU A 79 18.95 -21.90 1.16
C LEU A 79 18.45 -20.86 2.16
N LYS A 80 19.24 -20.61 3.20
CA LYS A 80 18.85 -19.68 4.25
C LYS A 80 19.93 -18.63 4.44
N ILE A 81 19.52 -17.37 4.44
CA ILE A 81 20.40 -16.23 4.74
C ILE A 81 19.95 -15.64 6.06
N SER A 82 20.86 -15.64 7.05
CA SER A 82 20.47 -15.27 8.41
C SER A 82 20.31 -13.77 8.60
N ARG A 83 21.19 -12.97 8.00
CA ARG A 83 21.12 -11.51 8.12
C ARG A 83 21.32 -10.92 6.73
N VAL A 84 20.22 -10.69 6.01
CA VAL A 84 20.30 -10.23 4.63
C VAL A 84 20.82 -8.80 4.61
N GLU A 85 21.90 -8.59 3.86
CA GLU A 85 22.44 -7.26 3.63
C GLU A 85 22.03 -6.76 2.26
N ALA A 86 22.44 -5.53 1.93
CA ALA A 86 22.14 -5.00 0.60
C ALA A 86 22.94 -5.70 -0.49
N GLU A 87 24.13 -6.20 -0.16
CA GLU A 87 24.93 -6.90 -1.15
C GLU A 87 24.38 -8.28 -1.47
N ASP A 88 23.49 -8.81 -0.63
CA ASP A 88 22.85 -10.09 -0.91
C ASP A 88 21.68 -9.97 -1.88
N VAL A 89 21.38 -8.76 -2.34
CA VAL A 89 20.21 -8.53 -3.17
C VAL A 89 20.45 -9.11 -4.57
N GLY A 90 19.46 -9.83 -5.07
CA GLY A 90 19.55 -10.42 -6.39
C GLY A 90 18.50 -11.50 -6.55
N VAL A 91 18.51 -12.13 -7.72
CA VAL A 91 17.58 -13.22 -8.03
C VAL A 91 18.32 -14.54 -7.85
N TYR A 92 17.80 -15.39 -6.97
CA TYR A 92 18.47 -16.60 -6.55
C TYR A 92 17.97 -17.80 -7.35
N TYR A 93 18.91 -18.63 -7.81
CA TYR A 93 18.59 -19.77 -8.65
C TYR A 93 19.25 -21.03 -8.10
N CYS A 94 18.54 -22.15 -8.21
CA CYS A 94 19.09 -23.48 -7.99
C CYS A 94 19.24 -24.16 -9.33
N MET A 95 20.28 -24.98 -9.45
CA MET A 95 20.53 -25.72 -10.68
C MET A 95 21.03 -27.11 -10.35
N GLN A 96 20.46 -28.12 -10.98
CA GLN A 96 20.90 -29.49 -10.79
C GLN A 96 21.92 -29.86 -11.87
N GLY A 97 22.98 -30.54 -11.42
CA GLY A 97 24.00 -31.02 -12.34
C GLY A 97 24.14 -32.52 -12.28
N THR A 98 23.18 -33.17 -11.62
CA THR A 98 23.22 -34.63 -11.49
C THR A 98 22.91 -35.32 -12.81
N HIS A 99 21.80 -34.96 -13.44
CA HIS A 99 21.35 -35.59 -14.66
C HIS A 99 21.57 -34.67 -15.86
N TRP A 100 21.88 -35.26 -16.99
CA TRP A 100 22.00 -34.52 -18.23
C TRP A 100 20.63 -34.35 -18.87
N PRO A 101 20.30 -33.15 -19.37
CA PRO A 101 21.12 -31.94 -19.24
C PRO A 101 20.86 -31.20 -17.95
N GLY A 102 21.72 -30.25 -17.59
CA GLY A 102 21.46 -29.43 -16.42
C GLY A 102 20.16 -28.67 -16.54
N THR A 103 19.52 -28.44 -15.40
CA THR A 103 18.26 -27.71 -15.36
C THR A 103 18.24 -26.83 -14.12
N PHE A 104 17.52 -25.70 -14.23
CA PHE A 104 17.47 -24.71 -13.17
C PHE A 104 16.03 -24.25 -12.97
N GLY A 105 15.76 -23.71 -11.78
CA GLY A 105 14.44 -23.27 -11.43
C GLY A 105 14.10 -21.92 -12.02
N PRO A 106 12.88 -21.45 -11.73
CA PRO A 106 12.46 -20.15 -12.25
C PRO A 106 13.16 -18.97 -11.59
N GLY A 107 13.68 -19.15 -10.38
CA GLY A 107 14.35 -18.09 -9.67
C GLY A 107 13.46 -17.44 -8.62
N THR A 108 14.10 -16.74 -7.69
CA THR A 108 13.41 -16.04 -6.61
C THR A 108 14.04 -14.66 -6.45
N LYS A 109 13.23 -13.61 -6.63
CA LYS A 109 13.73 -12.25 -6.49
C LYS A 109 13.87 -11.91 -5.01
N VAL A 110 15.08 -11.55 -4.60
CA VAL A 110 15.38 -11.17 -3.23
C VAL A 110 15.93 -9.75 -3.24
N ASP A 111 15.20 -8.82 -2.63
CA ASP A 111 15.69 -7.46 -2.51
C ASP A 111 15.23 -6.88 -1.18
N ILE A 112 15.73 -5.69 -0.87
CA ILE A 112 15.40 -5.01 0.37
C ILE A 112 14.00 -4.38 0.23
N LYS A 113 13.15 -4.65 1.20
CA LYS A 113 11.79 -4.10 1.18
C LYS A 113 11.80 -2.62 1.55
N ARG A 114 11.00 -1.85 0.83
CA ARG A 114 10.76 -0.45 1.16
C ARG A 114 9.35 -0.11 0.74
N THR A 115 8.94 1.12 1.00
CA THR A 115 7.62 1.56 0.59
C THR A 115 7.53 1.62 -0.93
N VAL A 116 6.30 1.44 -1.44
CA VAL A 116 6.10 1.52 -2.88
C VAL A 116 6.42 2.93 -3.36
N ALA A 117 7.21 3.01 -4.43
CA ALA A 117 7.59 4.29 -5.03
C ALA A 117 7.24 4.24 -6.50
N ALA A 118 6.43 5.20 -6.95
CA ALA A 118 6.08 5.26 -8.37
C ALA A 118 7.24 5.86 -9.16
N PRO A 119 7.48 5.37 -10.37
CA PRO A 119 8.61 5.87 -11.15
C PRO A 119 8.36 7.28 -11.68
N SER A 120 9.43 8.06 -11.73
CA SER A 120 9.43 9.32 -12.46
C SER A 120 9.83 9.02 -13.90
N VAL A 121 8.98 9.42 -14.84
CA VAL A 121 9.14 9.05 -16.23
C VAL A 121 9.60 10.27 -17.02
N PHE A 122 10.67 10.09 -17.79
CA PHE A 122 11.20 11.12 -18.68
C PHE A 122 11.48 10.50 -20.03
N ILE A 123 11.16 11.21 -21.10
CA ILE A 123 11.43 10.78 -22.47
C ILE A 123 12.41 11.75 -23.09
N PHE A 124 13.29 11.21 -23.94
CA PHE A 124 14.36 12.00 -24.55
C PHE A 124 14.39 11.75 -26.06
N PRO A 125 14.36 12.80 -26.87
CA PRO A 125 14.54 12.63 -28.31
C PRO A 125 15.98 12.30 -28.64
N PRO A 126 16.24 11.68 -29.78
CA PRO A 126 17.64 11.41 -30.17
C PRO A 126 18.37 12.71 -30.48
N SER A 127 19.70 12.63 -30.35
CA SER A 127 20.53 13.79 -30.63
C SER A 127 20.58 14.07 -32.12
N ASP A 128 20.82 15.34 -32.47
CA ASP A 128 21.05 15.69 -33.86
C ASP A 128 22.35 15.08 -34.38
N GLU A 129 23.31 14.85 -33.48
CA GLU A 129 24.58 14.26 -33.89
C GLU A 129 24.40 12.78 -34.26
N GLN A 130 23.54 12.07 -33.52
CA GLN A 130 23.31 10.66 -33.84
C GLN A 130 22.42 10.50 -35.06
N LEU A 131 21.46 11.40 -35.26
CA LEU A 131 20.67 11.37 -36.48
C LEU A 131 21.50 11.75 -37.70
N LYS A 132 22.57 12.52 -37.50
CA LYS A 132 23.53 12.75 -38.56
C LYS A 132 24.20 11.45 -38.99
N SER A 133 24.31 10.48 -38.08
CA SER A 133 24.87 9.17 -38.38
C SER A 133 23.86 8.24 -39.03
N GLY A 134 22.58 8.62 -39.12
CA GLY A 134 21.56 7.79 -39.70
C GLY A 134 20.79 6.93 -38.71
N THR A 135 21.10 7.02 -37.42
CA THR A 135 20.43 6.24 -36.40
C THR A 135 19.67 7.16 -35.44
N ALA A 136 18.57 6.65 -34.91
CA ALA A 136 17.74 7.39 -33.96
C ALA A 136 17.42 6.49 -32.77
N SER A 137 17.89 6.90 -31.60
CA SER A 137 17.66 6.16 -30.35
C SER A 137 16.79 7.02 -29.43
N VAL A 138 15.51 6.68 -29.32
CA VAL A 138 14.58 7.32 -28.41
C VAL A 138 14.68 6.62 -27.06
N VAL A 139 14.73 7.39 -25.99
CA VAL A 139 15.01 6.88 -24.65
C VAL A 139 13.90 7.30 -23.70
N CYS A 140 13.35 6.35 -22.97
CA CYS A 140 12.42 6.59 -21.89
C CYS A 140 13.06 6.15 -20.58
N LEU A 141 13.04 7.03 -19.58
CA LEU A 141 13.73 6.80 -18.32
C LEU A 141 12.72 6.67 -17.20
N LEU A 142 12.92 5.68 -16.33
CA LEU A 142 12.08 5.44 -15.16
C LEU A 142 12.97 5.55 -13.94
N ASN A 143 12.71 6.55 -13.10
CA ASN A 143 13.61 6.91 -12.01
C ASN A 143 13.00 6.58 -10.66
N ASN A 144 13.78 5.89 -9.82
CA ASN A 144 13.52 5.72 -8.39
C ASN A 144 12.11 5.17 -8.14
N PHE A 145 11.95 3.88 -8.42
CA PHE A 145 10.69 3.20 -8.24
C PHE A 145 10.88 1.88 -7.50
N TYR A 146 9.80 1.45 -6.83
CA TYR A 146 9.77 0.19 -6.10
C TYR A 146 8.32 -0.28 -6.04
N PRO A 147 8.06 -1.58 -6.25
CA PRO A 147 9.04 -2.64 -6.56
C PRO A 147 9.54 -2.61 -8.00
N ARG A 148 10.37 -3.60 -8.36
CA ARG A 148 11.01 -3.61 -9.67
C ARG A 148 10.00 -3.77 -10.78
N GLU A 149 8.92 -4.51 -10.55
CA GLU A 149 7.96 -4.85 -11.60
C GLU A 149 7.42 -3.59 -12.26
N ALA A 150 7.62 -3.48 -13.56
CA ALA A 150 7.15 -2.34 -14.34
C ALA A 150 7.11 -2.74 -15.80
N LYS A 151 6.24 -2.09 -16.55
CA LYS A 151 6.06 -2.36 -17.97
C LYS A 151 6.21 -1.07 -18.76
N VAL A 152 7.07 -1.10 -19.78
CA VAL A 152 7.31 0.04 -20.66
C VAL A 152 6.77 -0.31 -22.04
N GLN A 153 5.88 0.52 -22.57
CA GLN A 153 5.27 0.31 -23.87
C GLN A 153 5.56 1.51 -24.75
N TRP A 154 6.19 1.26 -25.90
CA TRP A 154 6.47 2.31 -26.88
C TRP A 154 5.29 2.48 -27.82
N LYS A 155 4.97 3.74 -28.11
CA LYS A 155 3.87 4.09 -29.01
C LYS A 155 4.37 5.08 -30.05
N VAL A 156 4.01 4.84 -31.31
CA VAL A 156 4.37 5.74 -32.41
C VAL A 156 3.07 6.14 -33.09
N ASP A 157 2.72 7.42 -32.99
CA ASP A 157 1.46 7.94 -33.52
C ASP A 157 0.28 7.17 -32.95
N ASN A 158 0.34 6.90 -31.64
CA ASN A 158 -0.64 6.12 -30.89
C ASN A 158 -0.74 4.67 -31.35
N ALA A 159 0.22 4.20 -32.12
CA ALA A 159 0.29 2.80 -32.54
C ALA A 159 1.36 2.08 -31.72
N LEU A 160 1.05 0.85 -31.31
CA LEU A 160 1.94 0.10 -30.44
C LEU A 160 3.21 -0.32 -31.18
N GLN A 161 4.36 0.09 -30.66
CA GLN A 161 5.66 -0.29 -31.20
C GLN A 161 6.35 -1.22 -30.22
N SER A 162 6.78 -2.39 -30.70
CA SER A 162 7.45 -3.39 -29.88
C SER A 162 8.86 -3.72 -30.35
N GLY A 163 9.14 -3.61 -31.63
CA GLY A 163 10.46 -3.95 -32.13
C GLY A 163 11.49 -2.87 -31.80
N ASN A 164 12.75 -3.29 -31.85
CA ASN A 164 13.88 -2.38 -31.75
C ASN A 164 13.90 -1.64 -30.41
N SER A 165 13.76 -2.38 -29.32
CA SER A 165 13.76 -1.80 -27.98
C SER A 165 14.64 -2.64 -27.06
N GLN A 166 15.37 -1.96 -26.18
CA GLN A 166 16.23 -2.59 -25.19
C GLN A 166 15.92 -2.00 -23.82
N GLU A 167 15.92 -2.85 -22.80
CA GLU A 167 15.65 -2.44 -21.42
C GLU A 167 16.88 -2.69 -20.57
N SER A 168 17.13 -1.80 -19.62
CA SER A 168 18.29 -1.91 -18.73
C SER A 168 17.94 -1.30 -17.39
N VAL A 169 17.91 -2.13 -16.35
CA VAL A 169 17.62 -1.68 -15.00
C VAL A 169 18.88 -1.71 -14.17
N THR A 170 18.96 -0.80 -13.19
CA THR A 170 20.09 -0.77 -12.29
C THR A 170 19.92 -1.81 -11.19
N GLU A 171 20.97 -1.98 -10.39
CA GLU A 171 20.84 -2.72 -9.15
C GLU A 171 19.99 -1.93 -8.17
N GLN A 172 19.46 -2.63 -7.16
CA GLN A 172 18.73 -1.92 -6.12
C GLN A 172 19.67 -0.97 -5.40
N ASP A 173 19.29 0.31 -5.35
CA ASP A 173 20.11 1.32 -4.71
C ASP A 173 20.34 0.98 -3.24
N SER A 174 21.62 0.96 -2.83
CA SER A 174 21.94 0.51 -1.49
C SER A 174 21.45 1.47 -0.41
N LYS A 175 21.08 2.70 -0.79
CA LYS A 175 20.68 3.76 0.14
C LYS A 175 19.16 3.90 0.24
N ASP A 176 18.49 4.24 -0.86
CA ASP A 176 17.05 4.42 -0.86
C ASP A 176 16.28 3.18 -1.31
N SER A 177 16.98 2.12 -1.73
CA SER A 177 16.36 0.84 -2.06
C SER A 177 15.40 0.93 -3.24
N THR A 178 15.52 1.96 -4.07
CA THR A 178 14.71 2.08 -5.28
C THR A 178 15.47 1.53 -6.48
N TYR A 179 14.73 1.38 -7.58
CA TYR A 179 15.29 0.98 -8.87
C TYR A 179 15.14 2.12 -9.87
N SER A 180 16.02 2.12 -10.86
CA SER A 180 15.92 3.03 -12.00
C SER A 180 16.14 2.24 -13.27
N LEU A 181 15.38 2.57 -14.31
CA LEU A 181 15.36 1.79 -15.54
C LEU A 181 15.38 2.73 -16.74
N SER A 182 15.97 2.25 -17.83
CA SER A 182 15.97 2.98 -19.09
C SER A 182 15.59 2.02 -20.22
N SER A 183 14.73 2.49 -21.10
CA SER A 183 14.32 1.75 -22.29
C SER A 183 14.66 2.58 -23.51
N THR A 184 15.37 1.97 -24.46
CA THR A 184 15.88 2.67 -25.64
C THR A 184 15.28 2.05 -26.89
N LEU A 185 14.56 2.86 -27.66
CA LEU A 185 14.01 2.46 -28.96
C LEU A 185 14.95 2.99 -30.05
N THR A 186 15.62 2.08 -30.74
CA THR A 186 16.59 2.44 -31.76
C THR A 186 16.01 2.19 -33.14
N LEU A 187 15.84 3.26 -33.91
CA LEU A 187 15.26 3.19 -35.25
C LEU A 187 16.22 3.77 -36.27
N SER A 188 15.98 3.43 -37.53
CA SER A 188 16.67 4.11 -38.62
C SER A 188 16.19 5.54 -38.73
N LYS A 189 17.02 6.39 -39.34
CA LYS A 189 16.63 7.78 -39.55
C LYS A 189 15.39 7.87 -40.43
N ALA A 190 15.28 7.00 -41.44
CA ALA A 190 14.11 7.02 -42.31
C ALA A 190 12.87 6.55 -41.57
N ASP A 191 12.99 5.44 -40.84
CA ASP A 191 11.88 4.98 -40.01
C ASP A 191 11.52 5.99 -38.94
N TYR A 192 12.51 6.70 -38.41
CA TYR A 192 12.25 7.69 -37.36
C TYR A 192 11.46 8.88 -37.89
N GLU A 193 11.69 9.27 -39.14
CA GLU A 193 10.99 10.41 -39.72
C GLU A 193 9.65 10.03 -40.35
N LYS A 194 9.23 8.78 -40.23
CA LYS A 194 7.93 8.33 -40.70
C LYS A 194 6.84 8.56 -39.67
N HIS A 195 7.18 9.03 -38.48
CA HIS A 195 6.22 9.22 -37.40
C HIS A 195 6.39 10.61 -36.81
N LYS A 196 5.31 11.11 -36.20
CA LYS A 196 5.26 12.45 -35.65
C LYS A 196 5.47 12.45 -34.13
N VAL A 197 4.59 11.77 -33.39
CA VAL A 197 4.62 11.77 -31.93
C VAL A 197 5.20 10.45 -31.44
N TYR A 198 6.23 10.52 -30.61
CA TYR A 198 6.80 9.37 -29.93
C TYR A 198 6.42 9.42 -28.46
N ALA A 199 6.14 8.27 -27.87
CA ALA A 199 5.76 8.25 -26.47
C ALA A 199 6.09 6.89 -25.86
N CYS A 200 6.34 6.86 -24.56
CA CYS A 200 6.39 5.60 -23.83
C CYS A 200 5.29 5.58 -22.78
N GLU A 201 4.64 4.44 -22.65
CA GLU A 201 3.57 4.23 -21.69
C GLU A 201 4.09 3.30 -20.60
N VAL A 202 4.01 3.76 -19.35
CA VAL A 202 4.61 3.08 -18.21
C VAL A 202 3.49 2.63 -17.28
N THR A 203 3.57 1.36 -16.87
CA THR A 203 2.62 0.79 -15.92
C THR A 203 3.39 0.33 -14.69
N HIS A 204 2.92 0.75 -13.52
CA HIS A 204 3.56 0.41 -12.26
C HIS A 204 2.51 0.35 -11.17
N GLN A 205 2.79 -0.45 -10.14
CA GLN A 205 1.82 -0.68 -9.07
C GLN A 205 1.47 0.61 -8.34
N GLY A 206 2.43 1.52 -8.21
CA GLY A 206 2.18 2.77 -7.53
C GLY A 206 1.45 3.81 -8.33
N LEU A 207 1.09 3.50 -9.58
CA LEU A 207 0.36 4.43 -10.44
C LEU A 207 -1.09 4.00 -10.53
N SER A 208 -2.00 4.98 -10.44
CA SER A 208 -3.42 4.68 -10.57
C SER A 208 -3.77 4.23 -11.98
N SER A 209 -3.30 4.97 -12.98
CA SER A 209 -3.47 4.66 -14.38
C SER A 209 -2.12 4.79 -15.07
N PRO A 210 -1.92 4.11 -16.20
CA PRO A 210 -0.63 4.19 -16.90
C PRO A 210 -0.26 5.63 -17.24
N VAL A 211 1.03 5.93 -17.11
CA VAL A 211 1.58 7.26 -17.37
C VAL A 211 2.26 7.26 -18.74
N THR A 212 1.88 8.20 -19.59
CA THR A 212 2.46 8.33 -20.93
C THR A 212 3.24 9.64 -21.00
N LYS A 213 4.51 9.55 -21.39
CA LYS A 213 5.34 10.72 -21.65
C LYS A 213 5.66 10.76 -23.13
N SER A 214 5.39 11.90 -23.77
CA SER A 214 5.47 11.99 -25.22
C SER A 214 6.38 13.14 -25.64
N PHE A 215 6.62 13.20 -26.94
CA PHE A 215 7.20 14.36 -27.59
C PHE A 215 6.92 14.26 -29.08
N ASN A 216 7.11 15.39 -29.76
CA ASN A 216 6.97 15.48 -31.22
C ASN A 216 8.29 15.96 -31.79
N ARG A 217 8.74 15.32 -32.86
CA ARG A 217 10.00 15.65 -33.50
C ARG A 217 9.80 16.78 -34.52
N GLY A 218 10.84 17.59 -34.68
CA GLY A 218 10.80 18.70 -35.62
C GLY A 218 11.18 18.30 -37.04
N ASP B 2 8.33 -14.60 54.70
CA ASP B 2 8.13 -14.01 53.38
C ASP B 2 9.43 -14.03 52.58
N ILE B 3 9.45 -14.81 51.50
CA ILE B 3 10.65 -14.98 50.68
C ILE B 3 10.65 -13.92 49.59
N VAL B 4 11.73 -13.14 49.53
CA VAL B 4 11.92 -12.17 48.47
C VAL B 4 12.69 -12.83 47.34
N MET B 5 12.17 -12.71 46.11
CA MET B 5 12.76 -13.32 44.93
C MET B 5 13.33 -12.20 44.05
N THR B 6 14.65 -12.20 43.89
CA THR B 6 15.33 -11.27 43.00
C THR B 6 15.72 -12.00 41.71
N GLN B 7 15.89 -11.22 40.64
CA GLN B 7 16.12 -11.78 39.33
C GLN B 7 16.98 -10.83 38.51
N THR B 8 17.97 -11.39 37.80
CA THR B 8 18.83 -10.65 36.91
C THR B 8 19.01 -11.48 35.63
N PRO B 9 19.06 -10.83 34.47
CA PRO B 9 18.89 -9.38 34.29
C PRO B 9 17.43 -8.97 34.22
N VAL B 10 17.18 -7.69 33.95
CA VAL B 10 15.80 -7.23 33.76
C VAL B 10 15.34 -7.55 32.35
N SER B 11 16.19 -7.29 31.36
CA SER B 11 15.89 -7.58 29.97
C SER B 11 17.10 -8.23 29.34
N LEU B 12 16.91 -8.78 28.14
CA LEU B 12 18.00 -9.44 27.44
C LEU B 12 17.64 -9.55 25.97
N ALA B 13 18.43 -8.91 25.11
CA ALA B 13 18.27 -8.98 23.66
C ALA B 13 19.42 -9.81 23.11
N VAL B 14 19.10 -10.91 22.42
CA VAL B 14 20.10 -11.84 21.92
C VAL B 14 19.91 -12.06 20.43
N THR B 15 21.02 -12.35 19.74
CA THR B 15 20.98 -12.75 18.34
C THR B 15 20.62 -14.23 18.22
N PRO B 16 20.02 -14.64 17.10
CA PRO B 16 19.70 -16.07 16.94
C PRO B 16 20.96 -16.93 16.97
N GLY B 17 20.93 -17.95 17.82
CA GLY B 17 22.07 -18.80 18.06
C GLY B 17 22.83 -18.49 19.35
N GLN B 18 22.69 -17.27 19.88
CA GLN B 18 23.33 -16.91 21.13
C GLN B 18 22.77 -17.76 22.28
N SER B 19 23.43 -17.65 23.43
CA SER B 19 23.02 -18.31 24.65
C SER B 19 22.52 -17.29 25.66
N ALA B 20 21.53 -17.69 26.45
CA ALA B 20 20.96 -16.84 27.49
C ALA B 20 21.11 -17.52 28.83
N SER B 21 21.18 -16.69 29.89
CA SER B 21 21.29 -17.20 31.25
C SER B 21 20.58 -16.23 32.18
N ILE B 22 19.59 -16.73 32.91
CA ILE B 22 18.84 -15.94 33.88
C ILE B 22 19.11 -16.51 35.26
N SER B 23 19.18 -15.62 36.25
CA SER B 23 19.48 -16.01 37.62
C SER B 23 18.36 -15.56 38.55
N CYS B 24 18.16 -16.33 39.62
CA CYS B 24 17.17 -15.99 40.64
C CYS B 24 17.74 -16.31 42.01
N ARG B 25 17.53 -15.40 42.94
CA ARG B 25 17.99 -15.54 44.31
C ARG B 25 16.81 -15.41 45.27
N SER B 26 16.90 -16.08 46.40
CA SER B 26 15.85 -16.09 47.40
C SER B 26 16.39 -15.54 48.72
N SER B 27 15.51 -14.90 49.48
CA SER B 27 15.89 -14.33 50.76
C SER B 27 16.26 -15.39 51.79
N GLN B 28 15.80 -16.62 51.60
CA GLN B 28 16.17 -17.74 52.46
C GLN B 28 16.38 -18.96 51.58
N SER B 29 16.89 -20.02 52.20
CA SER B 29 17.07 -21.27 51.46
C SER B 29 15.73 -21.83 51.01
N LEU B 30 15.68 -22.28 49.76
CA LEU B 30 14.51 -22.95 49.22
C LEU B 30 14.55 -24.45 49.39
N LEU B 31 15.58 -24.98 50.05
CA LEU B 31 15.70 -26.42 50.28
C LEU B 31 14.72 -26.84 51.37
N HIS B 32 13.86 -27.79 51.05
CA HIS B 32 12.86 -28.28 51.99
C HIS B 32 13.38 -29.50 52.75
N GLY B 33 12.64 -29.90 53.78
CA GLY B 33 13.02 -31.05 54.57
C GLY B 33 13.03 -32.36 53.82
N ASP B 34 12.37 -32.41 52.65
CA ASP B 34 12.32 -33.62 51.84
C ASP B 34 13.48 -33.72 50.85
N GLY B 35 14.43 -32.80 50.90
CA GLY B 35 15.59 -32.86 50.04
C GLY B 35 15.42 -32.23 48.68
N ARG B 36 14.29 -31.59 48.41
CA ARG B 36 14.05 -30.91 47.15
C ARG B 36 13.99 -29.41 47.37
N SER B 37 14.37 -28.66 46.34
CA SER B 37 14.25 -27.21 46.32
C SER B 37 13.15 -26.86 45.33
N TYR B 38 12.03 -26.37 45.85
CA TYR B 38 10.83 -26.13 45.03
C TYR B 38 10.98 -24.78 44.36
N LEU B 39 11.48 -24.80 43.13
CA LEU B 39 11.72 -23.62 42.31
C LEU B 39 11.41 -24.01 40.87
N TYR B 40 10.55 -23.24 40.22
CA TYR B 40 10.20 -23.54 38.84
C TYR B 40 10.26 -22.29 37.97
N TRP B 41 10.55 -22.51 36.70
CA TRP B 41 10.67 -21.47 35.69
C TRP B 41 9.52 -21.59 34.70
N TYR B 42 8.89 -20.46 34.39
CA TYR B 42 7.86 -20.39 33.36
C TYR B 42 8.04 -19.10 32.58
N VAL B 43 7.41 -19.05 31.41
CA VAL B 43 7.55 -17.93 30.50
C VAL B 43 6.16 -17.45 30.08
N GLN B 44 5.94 -16.14 30.16
CA GLN B 44 4.70 -15.53 29.71
C GLN B 44 4.90 -14.92 28.33
N ARG B 45 3.87 -14.99 27.49
CA ARG B 45 3.88 -14.43 26.15
C ARG B 45 2.55 -13.74 25.89
N PRO B 46 2.54 -12.68 25.09
CA PRO B 46 1.29 -11.94 24.86
C PRO B 46 0.24 -12.78 24.18
N GLY B 47 -0.98 -12.77 24.74
CA GLY B 47 -2.08 -13.50 24.18
C GLY B 47 -2.02 -15.00 24.37
N GLN B 48 -1.02 -15.50 25.11
CA GLN B 48 -0.82 -16.92 25.32
C GLN B 48 -0.97 -17.24 26.81
N SER B 49 -1.21 -18.50 27.08
CA SER B 49 -1.18 -19.00 28.45
C SER B 49 0.27 -19.25 28.87
N PRO B 50 0.57 -19.16 30.17
CA PRO B 50 1.96 -19.35 30.61
C PRO B 50 2.46 -20.76 30.32
N GLN B 51 3.73 -20.85 29.97
CA GLN B 51 4.37 -22.12 29.60
C GLN B 51 5.38 -22.50 30.67
N LEU B 52 5.21 -23.68 31.26
CA LEU B 52 6.13 -24.17 32.28
C LEU B 52 7.32 -24.84 31.61
N LEU B 53 8.52 -24.51 32.07
CA LEU B 53 9.76 -24.96 31.45
C LEU B 53 10.58 -25.90 32.32
N MET B 54 10.66 -25.61 33.62
CA MET B 54 11.57 -26.31 34.51
C MET B 54 11.00 -26.24 35.91
N TYR B 55 11.07 -27.33 36.65
CA TYR B 55 10.62 -27.37 38.04
C TYR B 55 11.65 -28.08 38.90
N GLU B 56 11.54 -27.87 40.20
CA GLU B 56 12.53 -28.35 41.17
C GLU B 56 13.94 -27.93 40.74
N ALA B 57 14.03 -26.68 40.27
CA ALA B 57 15.28 -26.01 39.89
C ALA B 57 15.92 -26.58 38.64
N SER B 58 15.92 -27.90 38.47
CA SER B 58 16.68 -28.53 37.39
C SER B 58 15.93 -29.56 36.56
N THR B 59 14.68 -29.90 36.91
CA THR B 59 13.96 -30.95 36.21
C THR B 59 13.11 -30.34 35.09
N ARG B 60 13.43 -30.67 33.85
CA ARG B 60 12.73 -30.12 32.70
C ARG B 60 11.43 -30.90 32.42
N VAL B 61 10.35 -30.15 32.16
CA VAL B 61 9.08 -30.79 31.81
C VAL B 61 9.15 -31.28 30.36
N SER B 62 8.47 -32.38 30.09
CA SER B 62 8.59 -33.00 28.78
C SER B 62 7.88 -32.16 27.73
N GLY B 63 8.54 -32.00 26.58
CA GLY B 63 8.12 -31.10 25.54
C GLY B 63 9.04 -29.92 25.35
N VAL B 64 9.80 -29.55 26.38
CA VAL B 64 10.76 -28.45 26.29
C VAL B 64 12.04 -28.98 25.64
N PRO B 65 12.61 -28.26 24.67
CA PRO B 65 13.84 -28.74 24.04
C PRO B 65 14.99 -28.84 25.03
N ASP B 66 15.94 -29.73 24.71
CA ASP B 66 17.10 -29.94 25.57
C ASP B 66 18.02 -28.73 25.65
N ARG B 67 17.77 -27.70 24.85
CA ARG B 67 18.54 -26.46 24.95
C ARG B 67 18.29 -25.75 26.28
N PHE B 68 17.17 -26.03 26.93
CA PHE B 68 16.85 -25.44 28.23
C PHE B 68 17.47 -26.30 29.33
N THR B 69 18.31 -25.68 30.17
CA THR B 69 18.93 -26.37 31.29
C THR B 69 18.74 -25.55 32.55
N GLY B 70 18.35 -26.21 33.63
CA GLY B 70 18.18 -25.58 34.92
C GLY B 70 19.18 -26.11 35.92
N SER B 71 19.73 -25.22 36.74
CA SER B 71 20.64 -25.58 37.81
C SER B 71 20.39 -24.67 38.98
N GLY B 72 20.56 -25.21 40.19
CA GLY B 72 20.28 -24.40 41.37
C GLY B 72 20.75 -24.99 42.68
N SER B 73 21.29 -24.12 43.54
CA SER B 73 21.68 -24.51 44.88
C SER B 73 20.45 -24.54 45.79
N GLY B 74 20.39 -23.60 46.72
CA GLY B 74 19.22 -23.45 47.57
C GLY B 74 18.85 -21.99 47.71
N THR B 75 19.80 -21.11 47.39
CA THR B 75 19.57 -19.68 47.42
C THR B 75 19.87 -18.99 46.10
N ASP B 76 20.51 -19.65 45.15
CA ASP B 76 20.74 -19.11 43.82
C ASP B 76 20.41 -20.17 42.78
N PHE B 77 19.74 -19.75 41.71
CA PHE B 77 19.25 -20.66 40.68
C PHE B 77 19.47 -20.04 39.32
N THR B 78 19.63 -20.88 38.31
CA THR B 78 19.97 -20.42 36.96
C THR B 78 19.24 -21.25 35.93
N LEU B 79 18.70 -20.57 34.91
CA LEU B 79 18.11 -21.20 33.75
C LEU B 79 18.91 -20.78 32.51
N LYS B 80 19.28 -21.74 31.68
CA LYS B 80 20.11 -21.47 30.51
C LYS B 80 19.43 -21.99 29.25
N ILE B 81 19.52 -21.20 28.18
CA ILE B 81 19.04 -21.58 26.86
C ILE B 81 20.23 -21.50 25.92
N SER B 82 20.67 -22.66 25.41
CA SER B 82 21.86 -22.73 24.58
C SER B 82 21.65 -22.07 23.23
N ARG B 83 20.80 -22.66 22.39
CA ARG B 83 20.37 -22.01 21.16
C ARG B 83 19.07 -21.28 21.43
N VAL B 84 18.97 -20.06 20.89
CA VAL B 84 17.81 -19.20 21.14
C VAL B 84 17.19 -18.85 19.79
N GLU B 85 16.02 -19.41 19.51
CA GLU B 85 15.25 -19.07 18.32
C GLU B 85 14.00 -18.30 18.73
N ALA B 86 13.32 -17.72 17.73
CA ALA B 86 12.19 -16.86 17.98
C ALA B 86 11.09 -17.53 18.80
N GLU B 87 11.06 -18.86 18.84
CA GLU B 87 10.05 -19.57 19.60
C GLU B 87 10.17 -19.31 21.09
N ASP B 88 11.40 -19.09 21.58
CA ASP B 88 11.65 -18.94 23.01
C ASP B 88 11.41 -17.54 23.54
N VAL B 89 10.96 -16.61 22.70
CA VAL B 89 10.81 -15.22 23.12
C VAL B 89 9.65 -15.11 24.10
N GLY B 90 9.88 -14.35 25.18
CA GLY B 90 8.86 -14.15 26.18
C GLY B 90 9.45 -13.47 27.39
N VAL B 91 8.68 -13.49 28.48
CA VAL B 91 9.11 -12.96 29.77
C VAL B 91 9.22 -14.12 30.74
N TYR B 92 10.44 -14.38 31.22
CA TYR B 92 10.75 -15.56 32.02
C TYR B 92 10.67 -15.22 33.51
N TYR B 93 10.05 -16.13 34.27
CA TYR B 93 9.85 -15.92 35.70
C TYR B 93 10.31 -17.15 36.48
N CYS B 94 10.73 -16.92 37.72
CA CYS B 94 11.00 -17.98 38.66
C CYS B 94 10.04 -17.83 39.84
N MET B 95 9.66 -18.97 40.43
CA MET B 95 8.71 -18.99 41.53
C MET B 95 9.13 -20.05 42.54
N GLN B 96 9.14 -19.68 43.81
CA GLN B 96 9.46 -20.62 44.89
C GLN B 96 8.18 -21.20 45.47
N GLY B 97 8.20 -22.50 45.73
CA GLY B 97 7.06 -23.18 46.31
C GLY B 97 7.39 -23.86 47.62
N THR B 98 8.51 -23.46 48.23
CA THR B 98 8.95 -24.09 49.48
C THR B 98 8.25 -23.47 50.68
N HIS B 99 8.19 -22.14 50.73
CA HIS B 99 7.67 -21.42 51.88
C HIS B 99 6.35 -20.74 51.53
N TRP B 100 5.40 -20.78 52.47
CA TRP B 100 4.12 -20.11 52.28
C TRP B 100 4.25 -18.64 52.68
N PRO B 101 3.77 -17.70 51.86
CA PRO B 101 3.21 -17.99 50.54
C PRO B 101 4.27 -18.02 49.45
N GLY B 102 3.95 -18.59 48.29
CA GLY B 102 4.87 -18.55 47.18
C GLY B 102 5.14 -17.13 46.74
N THR B 103 6.31 -16.94 46.12
CA THR B 103 6.72 -15.61 45.67
C THR B 103 7.55 -15.77 44.41
N PHE B 104 7.55 -14.72 43.58
CA PHE B 104 8.23 -14.74 42.29
C PHE B 104 9.04 -13.47 42.11
N GLY B 105 10.01 -13.54 41.19
CA GLY B 105 10.86 -12.41 40.91
C GLY B 105 10.23 -11.42 39.97
N PRO B 106 10.97 -10.36 39.66
CA PRO B 106 10.44 -9.33 38.76
C PRO B 106 10.29 -9.79 37.32
N GLY B 107 11.00 -10.82 36.91
CA GLY B 107 10.91 -11.30 35.55
C GLY B 107 12.02 -10.76 34.67
N THR B 108 12.37 -11.51 33.63
CA THR B 108 13.43 -11.15 32.69
C THR B 108 12.86 -11.16 31.28
N LYS B 109 12.92 -10.01 30.62
CA LYS B 109 12.41 -9.87 29.25
C LYS B 109 13.46 -10.40 28.28
N VAL B 110 13.13 -11.49 27.58
CA VAL B 110 14.02 -12.09 26.59
C VAL B 110 13.35 -11.96 25.22
N ASP B 111 14.10 -11.44 24.25
CA ASP B 111 13.59 -11.25 22.89
C ASP B 111 14.75 -11.43 21.91
N ILE B 112 14.45 -11.28 20.63
CA ILE B 112 15.45 -11.40 19.57
C ILE B 112 15.99 -10.00 19.26
N LYS B 113 17.30 -9.85 19.33
CA LYS B 113 17.92 -8.55 19.11
C LYS B 113 17.92 -8.20 17.62
N ARG B 114 17.61 -6.94 17.33
CA ARG B 114 17.68 -6.41 15.99
C ARG B 114 17.96 -4.92 16.08
N THR B 115 18.15 -4.29 14.93
CA THR B 115 18.40 -2.85 14.90
C THR B 115 17.16 -2.09 15.36
N VAL B 116 17.39 -0.91 15.93
CA VAL B 116 16.29 -0.09 16.45
C VAL B 116 15.41 0.35 15.29
N ALA B 117 14.10 0.13 15.45
CA ALA B 117 13.12 0.47 14.43
C ALA B 117 12.06 1.37 15.06
N ALA B 118 11.89 2.56 14.52
CA ALA B 118 10.88 3.47 15.04
C ALA B 118 9.50 3.03 14.59
N PRO B 119 8.48 3.18 15.43
CA PRO B 119 7.12 2.80 15.03
C PRO B 119 6.55 3.77 14.00
N SER B 120 5.80 3.22 13.06
CA SER B 120 4.99 4.02 12.15
C SER B 120 3.60 4.16 12.77
N VAL B 121 3.18 5.40 13.04
CA VAL B 121 2.02 5.67 13.88
C VAL B 121 0.84 6.05 13.00
N PHE B 122 -0.34 5.55 13.38
CA PHE B 122 -1.60 5.89 12.72
C PHE B 122 -2.69 6.04 13.77
N ILE B 123 -3.61 6.97 13.54
CA ILE B 123 -4.74 7.23 14.42
C ILE B 123 -6.03 7.01 13.63
N PHE B 124 -7.05 6.46 14.30
CA PHE B 124 -8.30 6.08 13.63
C PHE B 124 -9.49 6.65 14.36
N PRO B 125 -10.37 7.39 13.69
CA PRO B 125 -11.62 7.83 14.31
C PRO B 125 -12.59 6.66 14.44
N PRO B 126 -13.58 6.77 15.32
CA PRO B 126 -14.59 5.70 15.41
C PRO B 126 -15.43 5.64 14.15
N SER B 127 -15.98 4.46 13.89
CA SER B 127 -16.87 4.26 12.76
C SER B 127 -18.23 4.91 13.01
N ASP B 128 -18.87 5.36 11.94
CA ASP B 128 -20.21 5.93 12.06
C ASP B 128 -21.20 4.92 12.62
N GLU B 129 -21.00 3.63 12.31
CA GLU B 129 -21.90 2.61 12.82
C GLU B 129 -21.75 2.43 14.32
N GLN B 130 -20.50 2.28 14.80
CA GLN B 130 -20.29 2.15 16.23
C GLN B 130 -20.76 3.38 16.99
N LEU B 131 -20.71 4.55 16.35
CA LEU B 131 -21.20 5.76 17.00
C LEU B 131 -22.70 5.68 17.25
N LYS B 132 -23.44 4.98 16.39
CA LYS B 132 -24.87 4.81 16.60
C LYS B 132 -25.15 3.79 17.70
N SER B 133 -24.20 2.88 17.97
CA SER B 133 -24.33 2.01 19.12
C SER B 133 -24.09 2.74 20.44
N GLY B 134 -23.61 3.97 20.40
CA GLY B 134 -23.38 4.77 21.58
C GLY B 134 -21.97 4.78 22.11
N THR B 135 -21.05 4.05 21.47
CA THR B 135 -19.67 3.93 21.93
C THR B 135 -18.72 4.45 20.86
N ALA B 136 -17.71 5.19 21.30
CA ALA B 136 -16.68 5.73 20.41
C ALA B 136 -15.33 5.14 20.80
N SER B 137 -14.76 4.33 19.92
CA SER B 137 -13.45 3.71 20.13
C SER B 137 -12.43 4.40 19.24
N VAL B 138 -11.55 5.19 19.84
CA VAL B 138 -10.46 5.85 19.12
C VAL B 138 -9.22 4.97 19.24
N VAL B 139 -8.66 4.57 18.09
CA VAL B 139 -7.54 3.65 18.04
C VAL B 139 -6.33 4.38 17.49
N CYS B 140 -5.19 4.21 18.15
CA CYS B 140 -3.91 4.71 17.67
C CYS B 140 -2.97 3.52 17.52
N LEU B 141 -2.38 3.38 16.34
CA LEU B 141 -1.65 2.16 15.98
C LEU B 141 -0.16 2.45 15.87
N LEU B 142 0.63 1.67 16.59
CA LEU B 142 2.09 1.72 16.53
C LEU B 142 2.56 0.48 15.78
N ASN B 143 3.09 0.67 14.57
CA ASN B 143 3.36 -0.43 13.66
C ASN B 143 4.87 -0.69 13.57
N ASN B 144 5.25 -1.96 13.78
CA ASN B 144 6.58 -2.47 13.48
C ASN B 144 7.69 -1.64 14.11
N PHE B 145 7.95 -1.85 15.40
CA PHE B 145 8.97 -1.09 16.11
C PHE B 145 9.80 -2.03 16.97
N TYR B 146 11.01 -1.57 17.31
CA TYR B 146 11.90 -2.28 18.19
C TYR B 146 12.83 -1.26 18.83
N PRO B 147 13.13 -1.36 20.14
CA PRO B 147 12.70 -2.43 21.06
C PRO B 147 11.25 -2.31 21.51
N ARG B 148 10.85 -3.21 22.42
CA ARG B 148 9.45 -3.29 22.83
C ARG B 148 8.99 -2.01 23.52
N GLU B 149 9.88 -1.33 24.24
CA GLU B 149 9.49 -0.21 25.08
C GLU B 149 8.97 0.95 24.25
N ALA B 150 7.72 1.35 24.51
CA ALA B 150 7.11 2.48 23.83
C ALA B 150 6.17 3.17 24.80
N LYS B 151 5.74 4.37 24.44
CA LYS B 151 4.90 5.18 25.31
C LYS B 151 3.88 5.93 24.48
N VAL B 152 2.60 5.72 24.79
CA VAL B 152 1.50 6.38 24.10
C VAL B 152 0.76 7.25 25.11
N GLN B 153 0.51 8.50 24.74
CA GLN B 153 -0.25 9.42 25.56
C GLN B 153 -1.38 10.01 24.73
N TRP B 154 -2.61 9.89 25.22
CA TRP B 154 -3.77 10.40 24.52
C TRP B 154 -4.05 11.84 24.94
N LYS B 155 -4.41 12.67 23.96
CA LYS B 155 -4.77 14.06 24.21
C LYS B 155 -6.08 14.36 23.49
N VAL B 156 -6.96 15.07 24.16
CA VAL B 156 -8.24 15.50 23.59
C VAL B 156 -8.30 17.01 23.75
N ASP B 157 -8.21 17.73 22.63
CA ASP B 157 -8.16 19.19 22.62
C ASP B 157 -7.00 19.68 23.49
N ASN B 158 -5.85 19.05 23.32
CA ASN B 158 -4.62 19.38 24.04
C ASN B 158 -4.78 19.21 25.56
N ALA B 159 -5.62 18.27 25.97
CA ALA B 159 -5.80 17.93 27.38
C ALA B 159 -5.40 16.47 27.57
N LEU B 160 -4.47 16.23 28.49
CA LEU B 160 -3.96 14.88 28.71
C LEU B 160 -5.04 13.99 29.30
N GLN B 161 -5.17 12.79 28.75
CA GLN B 161 -6.18 11.83 29.16
C GLN B 161 -5.61 10.83 30.15
N SER B 162 -6.50 10.18 30.89
CA SER B 162 -6.13 9.15 31.86
C SER B 162 -7.36 8.34 32.22
N GLY B 163 -7.20 7.02 32.25
CA GLY B 163 -8.27 6.11 32.64
C GLY B 163 -9.08 5.55 31.50
N ASN B 164 -9.21 6.28 30.38
CA ASN B 164 -10.07 5.89 29.27
C ASN B 164 -9.30 5.18 28.15
N SER B 165 -8.10 4.66 28.44
CA SER B 165 -7.26 4.08 27.40
C SER B 165 -6.81 2.69 27.82
N GLN B 166 -6.59 1.83 26.82
CA GLN B 166 -6.05 0.50 27.02
C GLN B 166 -5.21 0.15 25.82
N GLU B 167 -4.11 -0.58 26.06
CA GLU B 167 -3.21 -0.96 24.98
C GLU B 167 -2.88 -2.44 25.07
N SER B 168 -2.70 -3.04 23.89
CA SER B 168 -2.25 -4.42 23.76
C SER B 168 -1.12 -4.47 22.77
N VAL B 169 -0.21 -5.43 22.97
CA VAL B 169 1.01 -5.55 22.18
C VAL B 169 1.08 -6.94 21.57
N THR B 170 1.55 -7.01 20.34
CA THR B 170 1.78 -8.31 19.71
C THR B 170 3.03 -8.96 20.30
N GLU B 171 3.08 -10.28 20.20
CA GLU B 171 4.34 -10.96 20.44
C GLU B 171 5.35 -10.55 19.38
N GLN B 172 6.62 -10.81 19.65
CA GLN B 172 7.66 -10.46 18.70
C GLN B 172 7.45 -11.22 17.40
N ASP B 173 7.40 -10.49 16.30
CA ASP B 173 7.26 -11.10 14.98
C ASP B 173 8.43 -12.03 14.72
N SER B 174 8.12 -13.27 14.30
CA SER B 174 9.16 -14.26 14.07
C SER B 174 10.00 -13.97 12.84
N LYS B 175 9.53 -13.08 11.96
CA LYS B 175 10.26 -12.78 10.72
C LYS B 175 11.16 -11.56 10.91
N ASP B 176 10.59 -10.36 10.99
CA ASP B 176 11.37 -9.14 11.12
C ASP B 176 11.65 -8.75 12.57
N SER B 177 11.32 -9.62 13.53
CA SER B 177 11.71 -9.43 14.94
C SER B 177 11.22 -8.09 15.50
N THR B 178 10.03 -7.67 15.07
CA THR B 178 9.48 -6.38 15.48
C THR B 178 8.21 -6.57 16.30
N TYR B 179 7.81 -5.49 16.97
CA TYR B 179 6.56 -5.42 17.70
C TYR B 179 5.65 -4.38 17.08
N SER B 180 4.34 -4.55 17.28
CA SER B 180 3.35 -3.55 16.92
C SER B 180 2.33 -3.46 18.05
N LEU B 181 1.81 -2.26 18.27
CA LEU B 181 0.98 -2.01 19.43
C LEU B 181 -0.25 -1.19 19.06
N SER B 182 -1.37 -1.53 19.68
CA SER B 182 -2.59 -0.75 19.57
C SER B 182 -2.94 -0.19 20.94
N SER B 183 -3.46 1.03 20.96
CA SER B 183 -3.94 1.66 22.18
C SER B 183 -5.28 2.31 21.87
N THR B 184 -6.33 1.82 22.49
CA THR B 184 -7.68 2.28 22.22
C THR B 184 -8.14 3.24 23.31
N LEU B 185 -8.57 4.43 22.91
CA LEU B 185 -9.21 5.39 23.79
C LEU B 185 -10.71 5.27 23.58
N THR B 186 -11.42 4.76 24.58
CA THR B 186 -12.84 4.47 24.47
C THR B 186 -13.62 5.41 25.39
N LEU B 187 -14.53 6.18 24.80
CA LEU B 187 -15.50 6.96 25.56
C LEU B 187 -16.87 6.78 24.94
N SER B 188 -17.88 7.37 25.57
CA SER B 188 -19.23 7.29 25.04
C SER B 188 -19.39 8.23 23.85
N LYS B 189 -20.44 7.98 23.06
CA LYS B 189 -20.71 8.82 21.89
C LYS B 189 -20.88 10.28 22.29
N ALA B 190 -21.53 10.53 23.41
CA ALA B 190 -21.74 11.91 23.84
C ALA B 190 -20.43 12.60 24.19
N ASP B 191 -19.51 11.89 24.86
CA ASP B 191 -18.19 12.46 25.13
C ASP B 191 -17.43 12.73 23.84
N TYR B 192 -17.62 11.87 22.84
CA TYR B 192 -16.91 12.03 21.56
C TYR B 192 -17.33 13.33 20.87
N GLU B 193 -18.63 13.63 20.82
CA GLU B 193 -19.12 14.80 20.13
C GLU B 193 -18.91 16.09 20.93
N LYS B 194 -18.37 16.01 22.14
CA LYS B 194 -18.10 17.17 22.96
C LYS B 194 -16.74 17.79 22.67
N HIS B 195 -15.94 17.18 21.78
CA HIS B 195 -14.59 17.64 21.51
C HIS B 195 -14.30 17.55 20.01
N LYS B 196 -13.23 18.21 19.59
CA LYS B 196 -12.93 18.40 18.18
C LYS B 196 -11.69 17.65 17.72
N VAL B 197 -10.55 17.81 18.40
CA VAL B 197 -9.27 17.27 17.95
C VAL B 197 -8.84 16.16 18.89
N TYR B 198 -8.50 15.01 18.31
CA TYR B 198 -8.07 13.83 19.05
C TYR B 198 -6.66 13.46 18.61
N ALA B 199 -5.72 13.50 19.54
CA ALA B 199 -4.31 13.35 19.22
C ALA B 199 -3.70 12.18 19.98
N CYS B 200 -2.61 11.67 19.42
CA CYS B 200 -1.96 10.48 19.94
C CYS B 200 -0.45 10.74 19.95
N GLU B 201 0.13 10.88 21.13
CA GLU B 201 1.54 11.22 21.28
C GLU B 201 2.34 9.98 21.60
N VAL B 202 3.37 9.69 20.79
CA VAL B 202 4.15 8.48 20.88
C VAL B 202 5.62 8.83 21.03
N THR B 203 6.27 8.26 22.04
CA THR B 203 7.72 8.37 22.21
C THR B 203 8.35 6.99 22.12
N HIS B 204 9.49 6.91 21.44
CA HIS B 204 10.19 5.64 21.25
C HIS B 204 11.67 5.92 21.04
N GLN B 205 12.49 4.92 21.36
CA GLN B 205 13.93 5.06 21.20
C GLN B 205 14.31 5.38 19.75
N GLY B 206 13.51 4.96 18.78
CA GLY B 206 13.80 5.26 17.39
C GLY B 206 13.29 6.60 16.90
N LEU B 207 12.56 7.33 17.74
CA LEU B 207 12.05 8.64 17.37
C LEU B 207 12.92 9.72 18.00
N SER B 208 13.44 10.62 17.17
CA SER B 208 14.21 11.77 17.67
C SER B 208 13.32 12.82 18.30
N SER B 209 12.03 12.82 18.01
CA SER B 209 11.05 13.71 18.58
C SER B 209 9.74 12.96 18.75
N PRO B 210 8.96 13.28 19.77
CA PRO B 210 7.67 12.60 19.96
C PRO B 210 6.76 12.80 18.77
N VAL B 211 6.26 11.70 18.24
CA VAL B 211 5.37 11.71 17.08
C VAL B 211 3.94 11.90 17.55
N THR B 212 3.24 12.86 16.95
CA THR B 212 1.87 13.21 17.34
C THR B 212 0.97 13.09 16.11
N LYS B 213 0.19 12.02 16.05
CA LYS B 213 -0.80 11.82 14.99
C LYS B 213 -2.19 12.17 15.53
N SER B 214 -2.88 13.05 14.81
CA SER B 214 -4.16 13.57 15.28
C SER B 214 -5.20 13.48 14.16
N PHE B 215 -6.43 13.86 14.49
CA PHE B 215 -7.46 14.02 13.47
C PHE B 215 -8.51 14.98 14.00
N ASN B 216 -9.22 15.61 13.07
CA ASN B 216 -10.26 16.58 13.39
C ASN B 216 -11.63 15.91 13.21
N ARG B 217 -12.47 15.99 14.25
CA ARG B 217 -13.76 15.32 14.26
C ARG B 217 -14.86 16.17 13.61
N GLY B 218 -15.01 17.41 14.07
CA GLY B 218 -16.04 18.30 13.55
C GLY B 218 -16.60 19.24 14.59
N MET C 1 0.88 30.30 -4.21
CA MET C 1 0.31 31.60 -3.86
C MET C 1 1.15 32.30 -2.82
N ASP C 2 1.80 31.51 -1.95
CA ASP C 2 2.63 32.06 -0.90
C ASP C 2 3.98 32.50 -1.46
N ILE C 3 4.49 33.61 -0.92
CA ILE C 3 5.81 34.09 -1.31
C ILE C 3 6.86 33.15 -0.73
N VAL C 4 7.80 32.73 -1.57
CA VAL C 4 8.94 31.93 -1.15
C VAL C 4 10.19 32.79 -1.24
N MET C 5 10.96 32.82 -0.16
CA MET C 5 12.16 33.65 -0.06
C MET C 5 13.39 32.76 -0.16
N THR C 6 14.26 33.06 -1.11
CA THR C 6 15.52 32.35 -1.30
C THR C 6 16.68 33.25 -0.92
N GLN C 7 17.76 32.63 -0.43
CA GLN C 7 18.93 33.35 0.03
C GLN C 7 20.19 32.72 -0.53
N THR C 8 21.18 33.56 -0.87
CA THR C 8 22.49 33.13 -1.31
C THR C 8 23.52 34.01 -0.62
N PRO C 9 24.63 33.43 -0.13
CA PRO C 9 24.90 32.00 -0.18
C PRO C 9 24.34 31.27 1.05
N VAL C 10 24.75 30.02 1.24
CA VAL C 10 24.28 29.26 2.40
C VAL C 10 25.04 29.67 3.66
N SER C 11 26.37 29.73 3.57
CA SER C 11 27.20 30.09 4.71
C SER C 11 28.32 31.01 4.25
N LEU C 12 28.96 31.66 5.22
CA LEU C 12 30.04 32.60 4.94
C LEU C 12 31.04 32.56 6.09
N ALA C 13 32.27 32.16 5.79
CA ALA C 13 33.37 32.19 6.76
C ALA C 13 34.26 33.37 6.43
N VAL C 14 34.36 34.32 7.35
CA VAL C 14 35.00 35.62 7.10
C VAL C 14 36.27 35.71 7.92
N THR C 15 37.39 36.03 7.26
CA THR C 15 38.63 36.28 7.96
C THR C 15 38.59 37.65 8.62
N PRO C 16 39.24 37.80 9.78
CA PRO C 16 39.24 39.10 10.49
C PRO C 16 39.75 40.22 9.59
N GLY C 17 38.87 41.19 9.32
CA GLY C 17 39.14 42.30 8.43
C GLY C 17 38.34 42.24 7.13
N GLN C 18 37.98 41.04 6.68
CA GLN C 18 37.21 40.88 5.47
C GLN C 18 35.77 41.35 5.68
N SER C 19 35.08 41.64 4.58
CA SER C 19 33.71 42.11 4.59
C SER C 19 32.81 41.14 3.83
N ALA C 20 31.54 41.05 4.27
CA ALA C 20 30.60 40.10 3.71
C ALA C 20 29.40 40.78 3.07
N SER C 21 28.72 40.05 2.20
CA SER C 21 27.50 40.53 1.55
C SER C 21 26.53 39.37 1.39
N ILE C 22 25.28 39.58 1.79
CA ILE C 22 24.22 38.57 1.72
C ILE C 22 23.22 39.00 0.66
N SER C 23 22.71 38.03 -0.10
CA SER C 23 21.67 38.30 -1.07
C SER C 23 20.37 37.61 -0.67
N CYS C 24 19.25 38.23 -1.05
CA CYS C 24 17.94 37.66 -0.82
C CYS C 24 17.04 38.01 -2.00
N ARG C 25 16.16 37.08 -2.36
CA ARG C 25 15.20 37.31 -3.43
C ARG C 25 13.84 36.76 -3.02
N SER C 26 12.79 37.43 -3.48
CA SER C 26 11.41 37.03 -3.30
C SER C 26 10.89 36.39 -4.58
N SER C 27 9.88 35.53 -4.44
CA SER C 27 9.24 35.00 -5.63
C SER C 27 8.46 36.09 -6.36
N GLN C 28 7.73 36.91 -5.62
CA GLN C 28 6.98 38.02 -6.17
C GLN C 28 7.52 39.33 -5.60
N SER C 29 7.20 40.43 -6.29
CA SER C 29 7.73 41.73 -5.90
C SER C 29 7.10 42.19 -4.58
N LEU C 30 7.94 42.71 -3.69
CA LEU C 30 7.51 43.19 -2.40
C LEU C 30 7.16 44.67 -2.39
N LEU C 31 7.26 45.34 -3.54
CA LEU C 31 6.76 46.72 -3.64
C LEU C 31 5.25 46.72 -3.46
N HIS C 32 4.76 47.70 -2.70
CA HIS C 32 3.40 47.64 -2.19
C HIS C 32 2.46 48.70 -2.74
N GLY C 33 2.96 49.86 -3.13
CA GLY C 33 2.06 50.95 -3.43
C GLY C 33 2.18 52.03 -2.38
N ASP C 34 3.41 52.53 -2.23
CA ASP C 34 3.74 53.68 -1.41
C ASP C 34 5.22 53.97 -1.67
N GLY C 35 5.81 53.17 -2.56
CA GLY C 35 7.21 53.25 -2.90
C GLY C 35 8.08 52.26 -2.14
N ARG C 36 7.60 51.71 -1.03
CA ARG C 36 8.43 50.94 -0.12
C ARG C 36 8.29 49.44 -0.38
N SER C 37 9.43 48.74 -0.34
CA SER C 37 9.44 47.28 -0.36
C SER C 37 9.55 46.79 1.08
N TYR C 38 8.52 46.08 1.53
CA TYR C 38 8.47 45.65 2.92
C TYR C 38 9.28 44.38 3.09
N LEU C 39 10.55 44.55 3.48
CA LEU C 39 11.48 43.45 3.70
C LEU C 39 12.43 43.86 4.81
N TYR C 40 12.62 42.99 5.79
CA TYR C 40 13.52 43.28 6.89
C TYR C 40 14.52 42.15 7.08
N TRP C 41 15.68 42.50 7.63
CA TRP C 41 16.76 41.58 7.93
C TRP C 41 16.90 41.42 9.43
N TYR C 42 17.19 40.20 9.87
CA TYR C 42 17.47 39.94 11.28
C TYR C 42 18.50 38.82 11.37
N VAL C 43 19.17 38.76 12.51
CA VAL C 43 20.24 37.81 12.76
C VAL C 43 19.91 37.02 14.02
N GLN C 44 19.98 35.70 13.92
CA GLN C 44 19.79 34.82 15.07
C GLN C 44 21.14 34.48 15.69
N ARG C 45 21.19 34.48 17.02
CA ARG C 45 22.42 34.18 17.75
C ARG C 45 22.11 33.21 18.88
N PRO C 46 22.98 32.23 19.12
CA PRO C 46 22.69 31.22 20.14
C PRO C 46 22.46 31.83 21.51
N GLY C 47 21.35 31.46 22.13
CA GLY C 47 21.02 31.93 23.46
C GLY C 47 20.63 33.39 23.56
N GLN C 48 20.40 34.05 22.43
CA GLN C 48 20.07 35.47 22.41
C GLN C 48 18.85 35.71 21.55
N SER C 49 18.09 36.76 21.90
CA SER C 49 16.95 37.15 21.10
C SER C 49 17.40 37.60 19.72
N PRO C 50 16.57 37.39 18.69
CA PRO C 50 16.94 37.86 17.35
C PRO C 50 17.04 39.37 17.31
N GLN C 51 17.97 39.86 16.47
CA GLN C 51 18.26 41.28 16.38
C GLN C 51 17.83 41.80 15.02
N LEU C 52 16.87 42.72 15.01
CA LEU C 52 16.48 43.42 13.79
C LEU C 52 17.56 44.42 13.39
N LEU C 53 17.98 44.36 12.13
CA LEU C 53 19.06 45.21 11.63
C LEU C 53 18.56 46.21 10.58
N MET C 54 17.93 45.73 9.53
CA MET C 54 17.42 46.56 8.45
C MET C 54 15.94 46.28 8.27
N TYR C 55 15.18 47.31 7.90
CA TYR C 55 13.76 47.13 7.59
C TYR C 55 13.39 48.02 6.42
N GLU C 56 12.33 47.63 5.71
CA GLU C 56 11.91 48.26 4.46
C GLU C 56 13.07 48.32 3.48
N ALA C 57 13.73 47.17 3.32
CA ALA C 57 14.82 46.94 2.36
C ALA C 57 16.10 47.69 2.71
N SER C 58 16.02 48.98 3.01
CA SER C 58 17.21 49.81 3.13
C SER C 58 17.30 50.66 4.39
N THR C 59 16.23 50.78 5.18
CA THR C 59 16.28 51.62 6.37
C THR C 59 16.97 50.88 7.52
N ARG C 60 17.93 51.54 8.16
CA ARG C 60 18.72 50.93 9.21
C ARG C 60 18.12 51.25 10.58
N VAL C 61 17.94 50.21 11.41
CA VAL C 61 17.48 50.40 12.76
C VAL C 61 18.53 51.16 13.55
N SER C 62 18.10 52.16 14.32
CA SER C 62 19.04 52.96 15.11
C SER C 62 19.72 52.08 16.15
N GLY C 63 21.04 52.16 16.21
CA GLY C 63 21.84 51.28 17.03
C GLY C 63 22.63 50.26 16.24
N VAL C 64 22.36 50.13 14.94
CA VAL C 64 23.09 49.20 14.07
C VAL C 64 24.25 49.97 13.43
N PRO C 65 25.47 49.44 13.48
CA PRO C 65 26.63 50.19 12.98
C PRO C 65 26.52 50.51 11.49
N ASP C 66 27.34 51.48 11.06
CA ASP C 66 27.37 51.89 9.66
C ASP C 66 27.81 50.77 8.72
N ARG C 67 28.49 49.76 9.25
CA ARG C 67 28.97 48.67 8.40
C ARG C 67 27.82 47.99 7.66
N PHE C 68 26.68 47.85 8.32
CA PHE C 68 25.52 47.21 7.71
C PHE C 68 24.86 48.18 6.73
N THR C 69 24.59 47.70 5.52
CA THR C 69 23.96 48.51 4.48
C THR C 69 22.90 47.67 3.77
N GLY C 70 21.67 48.18 3.73
CA GLY C 70 20.56 47.48 3.11
C GLY C 70 20.35 47.96 1.69
N SER C 71 20.09 47.02 0.78
CA SER C 71 19.92 47.33 -0.62
C SER C 71 18.70 46.59 -1.16
N GLY C 72 18.28 46.98 -2.34
CA GLY C 72 17.28 46.24 -3.09
C GLY C 72 15.94 46.95 -3.15
N SER C 73 15.10 46.44 -4.03
CA SER C 73 13.72 46.88 -4.22
C SER C 73 13.00 45.80 -5.01
N GLY C 74 11.67 45.82 -4.90
CA GLY C 74 10.81 44.90 -5.60
C GLY C 74 11.06 43.43 -5.32
N THR C 75 11.98 42.83 -6.06
CA THR C 75 12.18 41.40 -5.96
C THR C 75 13.54 41.00 -5.40
N ASP C 76 14.61 41.74 -5.70
CA ASP C 76 15.97 41.36 -5.36
C ASP C 76 16.51 42.30 -4.28
N PHE C 77 17.10 41.71 -3.23
CA PHE C 77 17.56 42.47 -2.08
C PHE C 77 18.94 41.99 -1.68
N THR C 78 19.66 42.84 -0.95
CA THR C 78 21.04 42.56 -0.59
C THR C 78 21.37 43.27 0.71
N LEU C 79 22.07 42.56 1.60
CA LEU C 79 22.63 43.13 2.82
C LEU C 79 24.13 42.93 2.82
N LYS C 80 24.86 44.02 3.09
CA LYS C 80 26.32 44.01 3.10
C LYS C 80 26.85 44.56 4.41
N ILE C 81 27.94 43.95 4.90
CA ILE C 81 28.58 44.36 6.15
C ILE C 81 30.06 44.59 5.86
N SER C 82 30.51 45.83 6.02
CA SER C 82 31.91 46.18 5.78
C SER C 82 32.76 45.87 7.02
N ARG C 83 33.78 45.04 6.83
CA ARG C 83 34.69 44.63 7.89
C ARG C 83 33.92 44.01 9.07
N VAL C 84 33.61 42.72 8.95
CA VAL C 84 32.79 42.04 9.94
C VAL C 84 33.59 41.83 11.22
N GLU C 85 32.93 42.06 12.36
CA GLU C 85 33.51 41.84 13.67
C GLU C 85 32.81 40.66 14.36
N ALA C 86 33.31 40.30 15.54
CA ALA C 86 32.78 39.16 16.26
C ALA C 86 31.36 39.39 16.77
N GLU C 87 30.93 40.65 16.85
CA GLU C 87 29.58 40.96 17.31
C GLU C 87 28.51 40.67 16.26
N ASP C 88 28.90 40.48 15.00
CA ASP C 88 27.96 40.30 13.91
C ASP C 88 27.69 38.84 13.56
N VAL C 89 28.41 37.90 14.17
CA VAL C 89 28.28 36.51 13.76
C VAL C 89 26.92 35.96 14.16
N GLY C 90 26.38 35.09 13.33
CA GLY C 90 25.04 34.56 13.52
C GLY C 90 24.46 34.16 12.18
N VAL C 91 23.20 33.75 12.22
CA VAL C 91 22.48 33.33 11.02
C VAL C 91 21.56 34.46 10.58
N TYR C 92 21.81 35.00 9.40
CA TYR C 92 21.05 36.12 8.89
C TYR C 92 19.86 35.62 8.08
N TYR C 93 18.72 36.30 8.25
CA TYR C 93 17.49 35.95 7.55
C TYR C 93 16.86 37.20 6.97
N CYS C 94 16.32 37.09 5.76
CA CYS C 94 15.42 38.09 5.22
C CYS C 94 13.98 37.62 5.43
N MET C 95 13.06 38.57 5.42
CA MET C 95 11.66 38.26 5.67
C MET C 95 10.78 39.35 5.08
N GLN C 96 9.71 38.92 4.41
CA GLN C 96 8.71 39.85 3.88
C GLN C 96 7.51 39.86 4.80
N GLY C 97 6.91 41.04 4.96
CA GLY C 97 5.74 41.18 5.81
C GLY C 97 4.61 41.95 5.17
N THR C 98 4.69 42.13 3.85
CA THR C 98 3.67 42.87 3.12
C THR C 98 2.54 42.00 2.61
N HIS C 99 2.78 40.70 2.42
CA HIS C 99 1.75 39.74 2.06
C HIS C 99 1.41 38.86 3.25
N TRP C 100 0.26 38.18 3.16
CA TRP C 100 -0.11 37.18 4.15
C TRP C 100 -0.01 35.81 3.53
N PRO C 101 0.64 34.84 4.21
CA PRO C 101 1.32 35.08 5.47
C PRO C 101 2.76 35.55 5.26
N GLY C 102 3.39 36.05 6.32
CA GLY C 102 4.81 36.39 6.22
C GLY C 102 5.64 35.17 5.91
N THR C 103 6.77 35.41 5.24
CA THR C 103 7.67 34.31 4.86
C THR C 103 9.11 34.80 4.93
N PHE C 104 10.00 33.90 5.32
CA PHE C 104 11.41 34.20 5.52
C PHE C 104 12.27 33.22 4.72
N GLY C 105 13.50 33.64 4.47
CA GLY C 105 14.43 32.84 3.70
C GLY C 105 15.04 31.73 4.54
N PRO C 106 15.79 30.85 3.86
CA PRO C 106 16.38 29.71 4.57
C PRO C 106 17.49 30.07 5.53
N GLY C 107 18.05 31.27 5.42
CA GLY C 107 19.04 31.74 6.37
C GLY C 107 20.45 31.65 5.81
N THR C 108 21.33 32.51 6.32
CA THR C 108 22.75 32.46 5.98
C THR C 108 23.58 32.55 7.25
N LYS C 109 24.47 31.57 7.42
CA LYS C 109 25.36 31.53 8.57
C LYS C 109 26.61 32.35 8.25
N VAL C 110 26.85 33.38 9.06
CA VAL C 110 28.00 34.26 8.92
C VAL C 110 28.80 34.18 10.21
N ASP C 111 30.01 33.64 10.14
CA ASP C 111 30.88 33.59 11.30
C ASP C 111 32.30 33.95 10.89
N ILE C 112 33.17 34.08 11.88
CA ILE C 112 34.57 34.41 11.63
C ILE C 112 35.29 33.16 11.17
N LYS C 113 35.95 33.25 10.01
CA LYS C 113 36.67 32.11 9.47
C LYS C 113 37.84 31.74 10.37
N ARG C 114 38.08 30.43 10.48
CA ARG C 114 39.09 29.92 11.39
C ARG C 114 39.63 28.62 10.81
N THR C 115 40.82 28.23 11.25
CA THR C 115 41.35 26.93 10.86
C THR C 115 40.54 25.83 11.52
N VAL C 116 40.41 24.70 10.81
CA VAL C 116 39.61 23.59 11.30
C VAL C 116 40.17 23.10 12.63
N ALA C 117 39.30 23.03 13.64
CA ALA C 117 39.66 22.50 14.96
C ALA C 117 38.71 21.38 15.32
N ALA C 118 39.26 20.24 15.75
CA ALA C 118 38.44 19.12 16.16
C ALA C 118 37.87 19.36 17.56
N PRO C 119 36.69 18.81 17.85
CA PRO C 119 36.13 18.95 19.19
C PRO C 119 36.78 17.99 20.17
N SER C 120 36.86 18.44 21.42
CA SER C 120 37.29 17.60 22.53
C SER C 120 36.04 17.01 23.18
N VAL C 121 35.86 15.71 23.03
CA VAL C 121 34.61 15.04 23.42
C VAL C 121 34.75 14.47 24.82
N PHE C 122 33.81 14.82 25.69
CA PHE C 122 33.71 14.27 27.04
C PHE C 122 32.28 13.85 27.30
N ILE C 123 32.10 12.73 27.98
CA ILE C 123 30.79 12.26 28.41
C ILE C 123 30.74 12.39 29.93
N PHE C 124 29.52 12.43 30.47
CA PHE C 124 29.34 12.58 31.92
C PHE C 124 28.12 11.79 32.35
N PRO C 125 28.22 11.02 33.43
CA PRO C 125 27.06 10.31 33.95
C PRO C 125 26.17 11.25 34.74
N PRO C 126 24.93 10.86 35.04
CA PRO C 126 24.08 11.71 35.87
C PRO C 126 24.58 11.75 37.31
N SER C 127 24.30 12.87 37.98
CA SER C 127 24.67 12.99 39.38
C SER C 127 23.82 12.06 40.23
N ASP C 128 24.37 11.68 41.39
CA ASP C 128 23.61 10.84 42.31
C ASP C 128 22.39 11.57 42.84
N GLU C 129 22.52 12.88 43.09
CA GLU C 129 21.39 13.65 43.59
C GLU C 129 20.26 13.68 42.58
N GLN C 130 20.58 13.74 41.29
CA GLN C 130 19.55 13.69 40.26
C GLN C 130 18.93 12.31 40.18
N LEU C 131 19.70 11.25 40.44
CA LEU C 131 19.14 9.91 40.43
C LEU C 131 18.17 9.69 41.59
N LYS C 132 18.42 10.34 42.73
CA LYS C 132 17.45 10.32 43.82
C LYS C 132 16.14 10.98 43.42
N SER C 133 16.17 11.89 42.45
CA SER C 133 14.97 12.50 41.90
C SER C 133 14.26 11.61 40.88
N GLY C 134 14.87 10.49 40.49
CA GLY C 134 14.30 9.62 39.48
C GLY C 134 14.64 9.97 38.05
N THR C 135 15.52 10.95 37.84
CA THR C 135 15.88 11.41 36.51
C THR C 135 17.37 11.20 36.27
N ALA C 136 17.73 10.86 35.04
CA ALA C 136 19.13 10.70 34.65
C ALA C 136 19.37 11.45 33.35
N SER C 137 20.23 12.46 33.40
CA SER C 137 20.62 13.24 32.23
C SER C 137 22.08 12.94 31.92
N VAL C 138 22.31 12.26 30.79
CA VAL C 138 23.66 11.93 30.35
C VAL C 138 24.14 13.05 29.44
N VAL C 139 25.28 13.65 29.78
CA VAL C 139 25.80 14.81 29.07
C VAL C 139 27.00 14.39 28.23
N CYS C 140 27.02 14.81 26.98
CA CYS C 140 28.18 14.69 26.10
C CYS C 140 28.62 16.09 25.69
N LEU C 141 29.90 16.39 25.87
CA LEU C 141 30.43 17.74 25.69
C LEU C 141 31.40 17.77 24.52
N LEU C 142 31.17 18.70 23.59
CA LEU C 142 32.06 18.96 22.46
C LEU C 142 32.65 20.36 22.67
N ASN C 143 33.95 20.42 22.94
CA ASN C 143 34.58 21.66 23.37
C ASN C 143 35.56 22.18 22.31
N ASN C 144 35.43 23.46 21.99
CA ASN C 144 36.38 24.18 21.14
C ASN C 144 36.59 23.50 19.80
N PHE C 145 35.69 23.73 18.85
CA PHE C 145 35.79 23.14 17.52
C PHE C 145 35.34 24.15 16.48
N TYR C 146 35.73 23.90 15.24
CA TYR C 146 35.36 24.71 14.09
C TYR C 146 35.57 23.88 12.83
N PRO C 147 34.61 23.85 11.89
CA PRO C 147 33.37 24.66 11.87
C PRO C 147 32.27 24.17 12.80
N ARG C 148 31.12 24.85 12.74
CA ARG C 148 30.01 24.54 13.64
C ARG C 148 29.43 23.15 13.36
N GLU C 149 29.42 22.73 12.10
CA GLU C 149 28.78 21.47 11.72
C GLU C 149 29.36 20.30 12.51
N ALA C 150 28.49 19.58 13.20
CA ALA C 150 28.91 18.42 13.98
C ALA C 150 27.69 17.54 14.22
N LYS C 151 27.93 16.23 14.28
CA LYS C 151 26.88 15.25 14.52
C LYS C 151 27.14 14.57 15.87
N VAL C 152 26.08 14.42 16.65
CA VAL C 152 26.13 13.74 17.94
C VAL C 152 25.15 12.59 17.89
N GLN C 153 25.67 11.36 17.95
CA GLN C 153 24.86 10.14 17.86
C GLN C 153 24.96 9.39 19.18
N TRP C 154 23.84 9.33 19.91
CA TRP C 154 23.79 8.60 21.16
C TRP C 154 23.66 7.11 20.91
N LYS C 155 24.31 6.30 21.74
CA LYS C 155 24.28 4.85 21.63
C LYS C 155 24.11 4.25 23.01
N VAL C 156 23.25 3.23 23.10
CA VAL C 156 23.00 2.52 24.35
C VAL C 156 23.25 1.04 24.09
N ASP C 157 24.33 0.51 24.65
CA ASP C 157 24.75 -0.88 24.44
C ASP C 157 24.83 -1.19 22.95
N ASN C 158 25.48 -0.29 22.21
CA ASN C 158 25.71 -0.37 20.77
C ASN C 158 24.46 -0.18 19.93
N ALA C 159 23.33 0.15 20.55
CA ALA C 159 22.09 0.43 19.83
C ALA C 159 21.90 1.93 19.67
N LEU C 160 21.46 2.35 18.48
CA LEU C 160 21.28 3.77 18.21
C LEU C 160 20.16 4.35 19.07
N GLN C 161 20.45 5.46 19.74
CA GLN C 161 19.50 6.12 20.63
C GLN C 161 19.09 7.46 20.00
N SER C 162 17.82 7.56 19.62
CA SER C 162 17.25 8.81 19.10
C SER C 162 16.22 9.33 20.08
N GLY C 163 16.15 10.65 20.20
CA GLY C 163 15.16 11.26 21.08
C GLY C 163 15.57 11.24 22.52
N ASN C 164 14.73 11.87 23.35
CA ASN C 164 15.05 12.14 24.74
C ASN C 164 16.37 12.88 24.86
N SER C 165 16.61 13.77 23.90
CA SER C 165 17.91 14.40 23.72
C SER C 165 17.75 15.86 23.31
N GLN C 166 18.55 16.73 23.93
CA GLN C 166 18.56 18.15 23.63
C GLN C 166 20.01 18.61 23.54
N GLU C 167 20.34 19.34 22.48
CA GLU C 167 21.68 19.85 22.30
C GLU C 167 21.65 21.36 22.20
N SER C 168 22.68 22.01 22.74
CA SER C 168 22.76 23.46 22.79
C SER C 168 24.19 23.88 22.52
N VAL C 169 24.39 24.73 21.53
CA VAL C 169 25.70 25.24 21.16
C VAL C 169 25.87 26.64 21.74
N THR C 170 27.11 27.02 21.98
CA THR C 170 27.44 28.39 22.33
C THR C 170 27.62 29.23 21.07
N GLU C 171 27.59 30.55 21.25
CA GLU C 171 27.98 31.43 20.16
C GLU C 171 29.47 31.29 19.91
N GLN C 172 29.91 31.74 18.73
CA GLN C 172 31.32 31.68 18.40
C GLN C 172 32.13 32.52 19.36
N ASP C 173 33.21 31.94 19.88
CA ASP C 173 34.01 32.61 20.90
C ASP C 173 34.70 33.84 20.31
N SER C 174 34.62 34.95 21.05
CA SER C 174 35.23 36.18 20.59
C SER C 174 36.75 36.07 20.44
N LYS C 175 37.39 35.16 21.18
CA LYS C 175 38.84 35.07 21.21
C LYS C 175 39.39 34.14 20.12
N ASP C 176 39.04 32.85 20.20
CA ASP C 176 39.62 31.84 19.31
C ASP C 176 38.68 31.40 18.20
N SER C 177 37.48 31.98 18.12
CA SER C 177 36.53 31.71 17.04
C SER C 177 36.08 30.25 17.01
N THR C 178 36.04 29.60 18.17
CA THR C 178 35.60 28.22 18.27
C THR C 178 34.20 28.14 18.85
N TYR C 179 33.58 26.98 18.63
CA TYR C 179 32.27 26.69 19.20
C TYR C 179 32.40 25.61 20.26
N SER C 180 31.46 25.64 21.21
CA SER C 180 31.33 24.59 22.22
C SER C 180 29.89 24.13 22.25
N LEU C 181 29.70 22.81 22.38
CA LEU C 181 28.38 22.22 22.27
C LEU C 181 28.19 21.17 23.35
N SER C 182 26.97 21.07 23.85
CA SER C 182 26.59 20.04 24.80
C SER C 182 25.34 19.33 24.29
N SER C 183 25.26 18.03 24.53
CA SER C 183 24.09 17.23 24.20
C SER C 183 23.69 16.46 25.45
N THR C 184 22.44 16.60 25.87
CA THR C 184 21.95 15.99 27.10
C THR C 184 20.88 14.97 26.77
N LEU C 185 21.10 13.71 27.16
CA LEU C 185 20.15 12.64 26.98
C LEU C 185 19.46 12.41 28.32
N THR C 186 18.24 12.91 28.45
CA THR C 186 17.48 12.79 29.69
C THR C 186 16.59 11.56 29.63
N LEU C 187 16.67 10.73 30.66
CA LEU C 187 15.87 9.51 30.77
C LEU C 187 15.27 9.43 32.16
N SER C 188 14.30 8.54 32.31
CA SER C 188 13.83 8.19 33.65
C SER C 188 14.84 7.25 34.30
N LYS C 189 14.78 7.17 35.62
CA LYS C 189 15.71 6.30 36.35
C LYS C 189 15.51 4.84 35.96
N ALA C 190 14.26 4.43 35.75
CA ALA C 190 13.99 3.06 35.32
C ALA C 190 14.58 2.78 33.95
N ASP C 191 14.35 3.69 32.99
CA ASP C 191 14.92 3.52 31.66
C ASP C 191 16.44 3.61 31.68
N TYR C 192 16.99 4.46 32.56
CA TYR C 192 18.44 4.62 32.61
C TYR C 192 19.13 3.36 33.08
N GLU C 193 18.53 2.66 34.04
CA GLU C 193 19.12 1.43 34.57
C GLU C 193 18.90 0.22 33.67
N LYS C 194 18.26 0.40 32.52
CA LYS C 194 18.05 -0.69 31.58
C LYS C 194 19.23 -0.91 30.64
N HIS C 195 20.18 0.02 30.58
CA HIS C 195 21.37 -0.11 29.77
C HIS C 195 22.61 -0.11 30.65
N LYS C 196 23.69 -0.68 30.13
CA LYS C 196 24.95 -0.77 30.87
C LYS C 196 25.98 0.25 30.41
N VAL C 197 26.14 0.44 29.10
CA VAL C 197 27.16 1.33 28.55
C VAL C 197 26.47 2.42 27.76
N TYR C 198 26.75 3.67 28.11
CA TYR C 198 26.28 4.83 27.36
C TYR C 198 27.45 5.40 26.57
N ALA C 199 27.20 5.79 25.34
CA ALA C 199 28.26 6.26 24.45
C ALA C 199 27.79 7.47 23.66
N CYS C 200 28.77 8.23 23.19
CA CYS C 200 28.53 9.46 22.43
C CYS C 200 29.44 9.44 21.21
N GLU C 201 28.84 9.31 20.03
CA GLU C 201 29.60 9.28 18.77
C GLU C 201 29.52 10.65 18.11
N VAL C 202 30.68 11.23 17.82
CA VAL C 202 30.79 12.59 17.31
C VAL C 202 31.41 12.54 15.93
N THR C 203 30.81 13.27 14.97
CA THR C 203 31.33 13.39 13.62
C THR C 203 31.64 14.85 13.34
N HIS C 204 32.85 15.10 12.84
CA HIS C 204 33.31 16.45 12.58
C HIS C 204 34.33 16.43 11.46
N GLN C 205 34.54 17.60 10.85
CA GLN C 205 35.47 17.71 9.73
C GLN C 205 36.92 17.54 10.19
N GLY C 206 37.22 17.90 11.42
CA GLY C 206 38.57 17.82 11.93
C GLY C 206 38.91 16.46 12.53
N LEU C 207 38.15 15.44 12.15
CA LEU C 207 38.35 14.09 12.67
C LEU C 207 38.54 13.11 11.52
N SER C 208 39.46 12.16 11.70
CA SER C 208 39.66 11.13 10.69
C SER C 208 38.45 10.23 10.58
N SER C 209 37.90 9.81 11.70
CA SER C 209 36.72 8.95 11.75
C SER C 209 35.93 9.33 13.01
N PRO C 210 34.64 9.00 13.06
CA PRO C 210 33.82 9.40 14.21
C PRO C 210 34.39 8.90 15.52
N VAL C 211 34.50 9.82 16.50
CA VAL C 211 35.04 9.52 17.82
C VAL C 211 33.90 9.16 18.76
N THR C 212 34.12 8.16 19.60
CA THR C 212 33.10 7.67 20.53
C THR C 212 33.65 7.73 21.95
N LYS C 213 32.96 8.45 22.83
CA LYS C 213 33.27 8.48 24.25
C LYS C 213 32.16 7.77 24.99
N SER C 214 32.54 6.87 25.89
CA SER C 214 31.57 6.00 26.56
C SER C 214 31.85 5.94 28.05
N PHE C 215 30.91 5.32 28.78
CA PHE C 215 31.13 4.99 30.18
C PHE C 215 30.21 3.84 30.55
N ASN C 216 30.53 3.20 31.67
CA ASN C 216 29.71 2.13 32.22
C ASN C 216 28.91 2.66 33.40
N ARG C 217 27.73 2.08 33.60
CA ARG C 217 26.77 2.56 34.58
C ARG C 217 27.19 2.25 36.01
N GLY C 218 26.98 1.01 36.45
CA GLY C 218 27.27 0.62 37.81
C GLY C 218 26.07 0.02 38.52
N ASP D 2 16.40 17.17 -64.86
CA ASP D 2 16.37 18.63 -64.93
C ASP D 2 15.55 19.22 -63.79
N ILE D 3 14.25 18.93 -63.80
CA ILE D 3 13.34 19.38 -62.75
C ILE D 3 13.34 18.34 -61.63
N VAL D 4 13.40 18.82 -60.40
CA VAL D 4 13.33 17.96 -59.21
C VAL D 4 11.91 18.04 -58.66
N MET D 5 11.29 16.89 -58.48
CA MET D 5 9.94 16.79 -57.92
C MET D 5 10.05 16.28 -56.49
N THR D 6 9.74 17.13 -55.52
CA THR D 6 9.69 16.74 -54.12
C THR D 6 8.25 16.42 -53.73
N GLN D 7 8.08 15.40 -52.90
CA GLN D 7 6.77 14.90 -52.52
C GLN D 7 6.68 14.76 -51.01
N THR D 8 5.53 15.12 -50.45
CA THR D 8 5.25 15.01 -49.03
C THR D 8 3.80 14.57 -48.86
N PRO D 9 3.52 13.65 -47.92
CA PRO D 9 4.51 13.02 -47.05
C PRO D 9 5.12 11.77 -47.68
N VAL D 10 5.97 11.08 -46.92
CA VAL D 10 6.58 9.84 -47.40
C VAL D 10 5.58 8.69 -47.38
N SER D 11 4.73 8.65 -46.36
CA SER D 11 3.72 7.61 -46.22
C SER D 11 2.50 8.17 -45.51
N LEU D 12 1.35 7.56 -45.74
CA LEU D 12 0.08 8.02 -45.18
C LEU D 12 -0.74 6.81 -44.73
N ALA D 13 -0.95 6.70 -43.43
CA ALA D 13 -1.82 5.67 -42.84
C ALA D 13 -3.07 6.38 -42.33
N VAL D 14 -4.18 6.23 -43.04
CA VAL D 14 -5.39 6.97 -42.74
C VAL D 14 -6.35 6.08 -41.95
N THR D 15 -7.01 6.69 -40.97
CA THR D 15 -8.11 6.02 -40.27
C THR D 15 -9.34 6.00 -41.16
N PRO D 16 -10.08 4.89 -41.20
CA PRO D 16 -11.25 4.80 -42.09
C PRO D 16 -12.19 5.99 -41.92
N GLY D 17 -12.57 6.58 -43.05
CA GLY D 17 -13.45 7.72 -43.08
C GLY D 17 -12.76 9.07 -43.15
N GLN D 18 -11.46 9.12 -42.86
CA GLN D 18 -10.74 10.39 -42.86
C GLN D 18 -10.21 10.73 -44.25
N SER D 19 -9.69 11.94 -44.38
CA SER D 19 -9.18 12.46 -45.64
C SER D 19 -7.68 12.25 -45.76
N ALA D 20 -7.20 12.30 -47.00
CA ALA D 20 -5.78 12.20 -47.29
C ALA D 20 -5.38 13.33 -48.24
N SER D 21 -4.23 13.93 -47.98
CA SER D 21 -3.74 15.05 -48.78
C SER D 21 -2.28 14.80 -49.12
N ILE D 22 -1.97 14.79 -50.41
CA ILE D 22 -0.61 14.60 -50.90
C ILE D 22 -0.24 15.83 -51.72
N SER D 23 0.96 16.36 -51.47
CA SER D 23 1.42 17.56 -52.15
C SER D 23 2.71 17.27 -52.88
N CYS D 24 2.94 18.04 -53.95
CA CYS D 24 4.09 17.84 -54.83
C CYS D 24 4.60 19.18 -55.31
N ARG D 25 5.89 19.43 -55.13
CA ARG D 25 6.54 20.67 -55.51
C ARG D 25 7.62 20.42 -56.56
N SER D 26 7.69 21.30 -57.55
CA SER D 26 8.65 21.21 -58.63
C SER D 26 9.77 22.23 -58.44
N SER D 27 10.97 21.86 -58.86
CA SER D 27 12.14 22.72 -58.70
C SER D 27 12.04 24.00 -59.52
N GLN D 28 11.21 24.00 -60.57
CA GLN D 28 10.88 25.21 -61.33
C GLN D 28 9.43 25.12 -61.76
N SER D 29 8.95 26.19 -62.39
CA SER D 29 7.54 26.24 -62.80
C SER D 29 7.24 25.16 -63.82
N LEU D 30 6.07 24.53 -63.67
CA LEU D 30 5.57 23.57 -64.65
C LEU D 30 4.58 24.21 -65.61
N LEU D 31 4.42 25.53 -65.56
CA LEU D 31 3.53 26.22 -66.48
C LEU D 31 4.17 26.27 -67.87
N HIS D 32 3.48 25.70 -68.85
CA HIS D 32 3.96 25.68 -70.22
C HIS D 32 3.53 26.95 -70.96
N GLY D 33 4.12 27.15 -72.14
CA GLY D 33 3.80 28.29 -72.98
C GLY D 33 2.34 28.39 -73.38
N ASP D 34 1.63 27.26 -73.43
CA ASP D 34 0.21 27.25 -73.79
C ASP D 34 -0.71 27.56 -72.62
N GLY D 35 -0.16 27.85 -71.44
CA GLY D 35 -0.97 28.16 -70.28
C GLY D 35 -1.43 26.97 -69.48
N ARG D 36 -0.86 25.79 -69.69
CA ARG D 36 -1.20 24.59 -68.95
C ARG D 36 -0.01 24.13 -68.12
N SER D 37 -0.29 23.63 -66.93
CA SER D 37 0.72 22.99 -66.08
C SER D 37 0.62 21.49 -66.29
N TYR D 38 1.63 20.91 -66.94
CA TYR D 38 1.63 19.48 -67.27
C TYR D 38 2.13 18.70 -66.07
N LEU D 39 1.18 18.30 -65.23
CA LEU D 39 1.46 17.56 -64.00
C LEU D 39 0.31 16.56 -63.82
N TYR D 40 0.64 15.28 -63.68
CA TYR D 40 -0.39 14.28 -63.52
C TYR D 40 -0.06 13.34 -62.36
N TRP D 41 -1.13 12.84 -61.74
CA TRP D 41 -1.05 11.92 -60.61
C TRP D 41 -1.45 10.52 -61.06
N TYR D 42 -0.82 9.52 -60.44
CA TYR D 42 -1.17 8.14 -60.68
C TYR D 42 -0.86 7.34 -59.43
N VAL D 43 -1.36 6.11 -59.37
CA VAL D 43 -1.21 5.25 -58.20
C VAL D 43 -0.77 3.87 -58.66
N GLN D 44 0.25 3.33 -58.00
CA GLN D 44 0.72 1.98 -58.24
C GLN D 44 0.16 1.05 -57.17
N ARG D 45 -0.23 -0.15 -57.58
CA ARG D 45 -0.79 -1.14 -56.69
C ARG D 45 -0.17 -2.50 -57.00
N PRO D 46 0.00 -3.36 -56.00
CA PRO D 46 0.67 -4.65 -56.22
C PRO D 46 -0.10 -5.53 -57.19
N GLY D 47 0.61 -6.01 -58.22
CA GLY D 47 0.00 -6.86 -59.22
C GLY D 47 -0.99 -6.15 -60.11
N GLN D 48 -0.88 -4.83 -60.26
CA GLN D 48 -1.81 -4.05 -61.03
C GLN D 48 -1.06 -3.06 -61.91
N SER D 49 -1.69 -2.67 -63.01
CA SER D 49 -1.18 -1.59 -63.83
C SER D 49 -1.33 -0.27 -63.09
N PRO D 50 -0.51 0.72 -63.42
CA PRO D 50 -0.69 2.04 -62.82
C PRO D 50 -2.00 2.66 -63.27
N GLN D 51 -2.71 3.27 -62.33
CA GLN D 51 -3.97 3.94 -62.62
C GLN D 51 -3.76 5.44 -62.65
N LEU D 52 -4.11 6.07 -63.77
CA LEU D 52 -4.08 7.51 -63.88
C LEU D 52 -5.32 8.10 -63.20
N LEU D 53 -5.12 9.14 -62.39
CA LEU D 53 -6.19 9.77 -61.64
C LEU D 53 -6.46 11.20 -62.07
N MET D 54 -5.42 12.03 -62.15
CA MET D 54 -5.55 13.44 -62.46
C MET D 54 -4.47 13.81 -63.47
N TYR D 55 -4.79 14.72 -64.38
CA TYR D 55 -3.81 15.21 -65.35
C TYR D 55 -3.99 16.70 -65.52
N GLU D 56 -2.89 17.37 -65.87
CA GLU D 56 -2.84 18.83 -65.91
C GLU D 56 -3.28 19.43 -64.57
N ALA D 57 -2.78 18.82 -63.49
CA ALA D 57 -2.96 19.28 -62.12
C ALA D 57 -4.36 19.05 -61.58
N SER D 58 -5.39 19.48 -62.31
CA SER D 58 -6.73 19.55 -61.76
C SER D 58 -7.78 18.74 -62.51
N THR D 59 -7.50 18.30 -63.74
CA THR D 59 -8.51 17.60 -64.53
C THR D 59 -8.56 16.12 -64.15
N ARG D 60 -9.69 15.68 -63.63
CA ARG D 60 -9.88 14.29 -63.26
C ARG D 60 -10.27 13.46 -64.48
N VAL D 61 -9.59 12.33 -64.67
CA VAL D 61 -9.86 11.49 -65.84
C VAL D 61 -11.15 10.71 -65.61
N SER D 62 -11.79 10.33 -66.72
CA SER D 62 -13.10 9.71 -66.65
C SER D 62 -13.04 8.37 -65.93
N GLY D 63 -14.01 8.15 -65.03
CA GLY D 63 -14.10 6.93 -64.27
C GLY D 63 -13.60 7.03 -62.84
N VAL D 64 -12.89 8.10 -62.49
CA VAL D 64 -12.36 8.27 -61.14
C VAL D 64 -13.45 8.88 -60.26
N PRO D 65 -13.64 8.37 -59.04
CA PRO D 65 -14.64 8.96 -58.14
C PRO D 65 -14.37 10.44 -57.89
N ASP D 66 -15.44 11.15 -57.48
CA ASP D 66 -15.35 12.58 -57.22
C ASP D 66 -14.49 12.91 -56.01
N ARG D 67 -14.22 11.92 -55.15
CA ARG D 67 -13.44 12.18 -53.94
C ARG D 67 -12.01 12.60 -54.26
N PHE D 68 -11.48 12.20 -55.40
CA PHE D 68 -10.17 12.64 -55.83
C PHE D 68 -10.25 14.05 -56.39
N THR D 69 -9.45 14.97 -55.86
CA THR D 69 -9.41 16.34 -56.32
C THR D 69 -7.96 16.81 -56.36
N GLY D 70 -7.60 17.48 -57.45
CA GLY D 70 -6.25 17.99 -57.61
C GLY D 70 -6.25 19.48 -57.90
N SER D 71 -5.28 20.17 -57.31
CA SER D 71 -5.12 21.61 -57.51
C SER D 71 -3.63 21.93 -57.59
N GLY D 72 -3.31 23.01 -58.28
CA GLY D 72 -1.91 23.36 -58.45
C GLY D 72 -1.63 24.72 -59.03
N SER D 73 -0.53 25.33 -58.55
CA SER D 73 -0.07 26.62 -59.05
C SER D 73 0.73 26.46 -60.32
N GLY D 74 2.02 26.21 -60.16
CA GLY D 74 2.95 25.95 -61.25
C GLY D 74 4.20 25.35 -60.66
N THR D 75 4.40 25.60 -59.37
CA THR D 75 5.47 25.00 -58.58
C THR D 75 4.94 24.24 -57.37
N ASP D 76 3.64 24.29 -57.12
CA ASP D 76 3.04 23.71 -55.92
C ASP D 76 1.74 23.04 -56.31
N PHE D 77 1.66 21.74 -56.09
CA PHE D 77 0.52 20.94 -56.51
C PHE D 77 0.06 20.02 -55.38
N THR D 78 -1.23 19.70 -55.38
CA THR D 78 -1.82 18.90 -54.32
C THR D 78 -2.88 17.97 -54.89
N LEU D 79 -2.86 16.72 -54.43
CA LEU D 79 -3.92 15.75 -54.72
C LEU D 79 -4.62 15.39 -53.42
N LYS D 80 -5.94 15.49 -53.41
CA LYS D 80 -6.73 15.28 -52.20
C LYS D 80 -7.73 14.14 -52.41
N ILE D 81 -7.78 13.22 -51.45
CA ILE D 81 -8.76 12.15 -51.41
C ILE D 81 -9.62 12.40 -50.18
N SER D 82 -10.86 12.87 -50.40
CA SER D 82 -11.69 13.28 -49.28
C SER D 82 -12.10 12.10 -48.39
N ARG D 83 -11.93 10.87 -48.88
CA ARG D 83 -12.34 9.69 -48.12
C ARG D 83 -11.62 8.49 -48.73
N VAL D 84 -10.62 7.97 -48.04
CA VAL D 84 -9.80 6.89 -48.56
C VAL D 84 -10.55 5.58 -48.41
N GLU D 85 -10.90 4.95 -49.53
CA GLU D 85 -11.55 3.65 -49.54
C GLU D 85 -10.51 2.54 -49.72
N ALA D 86 -10.97 1.30 -49.57
CA ALA D 86 -10.08 0.15 -49.70
C ALA D 86 -9.45 0.10 -51.08
N GLU D 87 -10.23 0.38 -52.12
CA GLU D 87 -9.73 0.31 -53.49
C GLU D 87 -8.74 1.42 -53.82
N ASP D 88 -8.63 2.44 -52.97
CA ASP D 88 -7.75 3.57 -53.23
C ASP D 88 -6.33 3.36 -52.74
N VAL D 89 -6.07 2.30 -51.97
CA VAL D 89 -4.77 2.12 -51.34
C VAL D 89 -3.70 1.89 -52.42
N GLY D 90 -2.50 2.36 -52.14
CA GLY D 90 -1.40 2.22 -53.09
C GLY D 90 -0.34 3.27 -52.82
N VAL D 91 0.56 3.41 -53.79
CA VAL D 91 1.66 4.36 -53.71
C VAL D 91 1.42 5.41 -54.79
N TYR D 92 1.19 6.65 -54.36
CA TYR D 92 0.79 7.72 -55.26
C TYR D 92 2.01 8.49 -55.73
N TYR D 93 1.99 8.92 -56.98
CA TYR D 93 3.12 9.63 -57.58
C TYR D 93 2.62 10.84 -58.37
N CYS D 94 3.38 11.93 -58.30
CA CYS D 94 3.22 13.04 -59.21
C CYS D 94 4.27 12.94 -60.31
N MET D 95 3.98 13.57 -61.45
CA MET D 95 4.85 13.43 -62.61
C MET D 95 4.70 14.66 -63.50
N GLN D 96 5.80 15.38 -63.73
CA GLN D 96 5.79 16.56 -64.58
C GLN D 96 6.14 16.18 -66.01
N GLY D 97 5.46 16.82 -66.97
CA GLY D 97 5.69 16.58 -68.37
C GLY D 97 5.94 17.85 -69.14
N THR D 98 6.20 18.94 -68.41
CA THR D 98 6.43 20.23 -69.05
C THR D 98 7.84 20.34 -69.61
N HIS D 99 8.83 19.83 -68.88
CA HIS D 99 10.23 19.96 -69.25
C HIS D 99 10.83 18.59 -69.54
N TRP D 100 11.69 18.54 -70.55
CA TRP D 100 12.40 17.32 -70.89
C TRP D 100 13.66 17.19 -70.06
N PRO D 101 13.92 16.02 -69.45
CA PRO D 101 13.00 14.89 -69.45
C PRO D 101 11.99 14.97 -68.31
N GLY D 102 10.95 14.16 -68.37
CA GLY D 102 9.99 14.11 -67.29
C GLY D 102 10.63 13.56 -66.01
N THR D 103 10.09 14.02 -64.88
CA THR D 103 10.58 13.59 -63.57
C THR D 103 9.40 13.41 -62.64
N PHE D 104 9.61 12.60 -61.61
CA PHE D 104 8.54 12.26 -60.67
C PHE D 104 9.09 12.30 -59.25
N GLY D 105 8.17 12.51 -58.31
CA GLY D 105 8.52 12.54 -56.90
C GLY D 105 8.77 11.16 -56.35
N PRO D 106 9.30 11.13 -55.12
CA PRO D 106 9.58 9.83 -54.48
C PRO D 106 8.37 8.95 -54.30
N GLY D 107 7.18 9.53 -54.14
CA GLY D 107 5.98 8.77 -53.96
C GLY D 107 5.47 8.82 -52.52
N THR D 108 4.20 8.45 -52.36
CA THR D 108 3.56 8.44 -51.05
C THR D 108 2.76 7.16 -50.89
N LYS D 109 3.14 6.34 -49.91
CA LYS D 109 2.42 5.10 -49.62
C LYS D 109 1.17 5.42 -48.80
N VAL D 110 0.00 5.09 -49.35
CA VAL D 110 -1.29 5.40 -48.73
C VAL D 110 -2.06 4.10 -48.56
N ASP D 111 -2.43 3.77 -47.32
CA ASP D 111 -3.26 2.62 -47.02
C ASP D 111 -4.19 2.98 -45.86
N ILE D 112 -5.03 2.02 -45.48
CA ILE D 112 -5.96 2.20 -44.37
C ILE D 112 -5.24 1.80 -43.09
N LYS D 113 -5.19 2.70 -42.12
CA LYS D 113 -4.47 2.43 -40.88
C LYS D 113 -5.25 1.46 -40.01
N ARG D 114 -4.55 0.48 -39.48
CA ARG D 114 -5.09 -0.56 -38.64
C ARG D 114 -4.20 -0.68 -37.41
N THR D 115 -4.76 -1.21 -36.32
CA THR D 115 -3.92 -1.48 -35.16
C THR D 115 -2.81 -2.45 -35.56
N VAL D 116 -1.65 -2.32 -34.89
CA VAL D 116 -0.48 -3.08 -35.28
C VAL D 116 -0.77 -4.58 -35.14
N ALA D 117 -0.42 -5.34 -36.18
CA ALA D 117 -0.57 -6.78 -36.19
C ALA D 117 0.76 -7.42 -36.59
N ALA D 118 1.28 -8.29 -35.73
CA ALA D 118 2.54 -8.95 -36.04
C ALA D 118 2.32 -10.01 -37.13
N PRO D 119 3.33 -10.25 -37.96
CA PRO D 119 3.21 -11.33 -38.95
C PRO D 119 3.21 -12.70 -38.29
N SER D 120 2.41 -13.60 -38.85
CA SER D 120 2.50 -15.01 -38.52
C SER D 120 3.38 -15.65 -39.59
N VAL D 121 4.55 -16.15 -39.18
CA VAL D 121 5.60 -16.56 -40.09
C VAL D 121 5.61 -18.08 -40.20
N PHE D 122 5.70 -18.59 -41.42
CA PHE D 122 5.84 -20.01 -41.71
C PHE D 122 6.90 -20.21 -42.78
N ILE D 123 7.64 -21.30 -42.67
CA ILE D 123 8.64 -21.67 -43.67
C ILE D 123 8.29 -23.05 -44.22
N PHE D 124 8.62 -23.26 -45.49
CA PHE D 124 8.19 -24.46 -46.22
C PHE D 124 9.36 -25.06 -46.99
N PRO D 125 9.73 -26.32 -46.74
CA PRO D 125 10.76 -26.95 -47.56
C PRO D 125 10.25 -27.21 -48.96
N PRO D 126 11.13 -27.20 -49.97
CA PRO D 126 10.70 -27.51 -51.33
C PRO D 126 10.17 -28.94 -51.43
N SER D 127 9.22 -29.13 -52.34
CA SER D 127 8.59 -30.43 -52.53
C SER D 127 9.58 -31.43 -53.12
N ASP D 128 9.46 -32.69 -52.69
CA ASP D 128 10.34 -33.74 -53.21
C ASP D 128 10.16 -33.91 -54.72
N GLU D 129 8.93 -33.76 -55.21
CA GLU D 129 8.67 -34.02 -56.62
C GLU D 129 9.01 -32.83 -57.50
N GLN D 130 8.90 -31.60 -56.99
CA GLN D 130 9.48 -30.48 -57.72
C GLN D 130 10.98 -30.32 -57.47
N LEU D 131 11.52 -31.00 -56.45
CA LEU D 131 12.96 -31.09 -56.32
C LEU D 131 13.58 -31.87 -57.47
N LYS D 132 12.81 -32.80 -58.06
CA LYS D 132 13.28 -33.52 -59.23
C LYS D 132 13.42 -32.61 -60.45
N SER D 133 12.85 -31.41 -60.40
CA SER D 133 13.03 -30.45 -61.47
C SER D 133 14.43 -29.86 -61.50
N GLY D 134 15.27 -30.16 -60.51
CA GLY D 134 16.58 -29.55 -60.38
C GLY D 134 16.59 -28.22 -59.68
N THR D 135 15.44 -27.64 -59.36
CA THR D 135 15.35 -26.35 -58.69
C THR D 135 14.65 -26.51 -57.35
N ALA D 136 15.20 -25.88 -56.33
CA ALA D 136 14.62 -25.86 -54.99
C ALA D 136 14.13 -24.46 -54.66
N SER D 137 12.87 -24.35 -54.27
CA SER D 137 12.25 -23.08 -53.90
C SER D 137 11.83 -23.17 -52.44
N VAL D 138 12.58 -22.52 -51.56
CA VAL D 138 12.22 -22.42 -50.15
C VAL D 138 11.41 -21.15 -49.94
N VAL D 139 10.24 -21.29 -49.32
CA VAL D 139 9.29 -20.19 -49.17
C VAL D 139 9.10 -19.89 -47.68
N CYS D 140 9.26 -18.62 -47.34
CA CYS D 140 8.95 -18.10 -46.00
C CYS D 140 7.77 -17.17 -46.13
N LEU D 141 6.69 -17.47 -45.40
CA LEU D 141 5.42 -16.78 -45.57
C LEU D 141 5.11 -15.92 -44.36
N LEU D 142 4.72 -14.67 -44.60
CA LEU D 142 4.33 -13.73 -43.56
C LEU D 142 2.84 -13.44 -43.76
N ASN D 143 2.02 -13.88 -42.80
CA ASN D 143 0.56 -13.83 -42.96
C ASN D 143 -0.05 -12.77 -42.06
N ASN D 144 -0.91 -11.94 -42.65
CA ASN D 144 -1.78 -11.01 -41.93
C ASN D 144 -1.01 -10.11 -40.97
N PHE D 145 -0.34 -9.09 -41.50
CA PHE D 145 0.44 -8.17 -40.69
C PHE D 145 0.16 -6.74 -41.11
N TYR D 146 0.42 -5.82 -40.18
CA TYR D 146 0.32 -4.38 -40.41
C TYR D 146 1.20 -3.71 -39.37
N PRO D 147 1.98 -2.68 -39.75
CA PRO D 147 2.03 -2.06 -41.08
C PRO D 147 2.77 -2.90 -42.13
N ARG D 148 2.88 -2.34 -43.35
CA ARG D 148 3.45 -3.07 -44.47
C ARG D 148 4.94 -3.34 -44.29
N GLU D 149 5.66 -2.43 -43.64
CA GLU D 149 7.12 -2.51 -43.54
C GLU D 149 7.55 -3.75 -42.77
N ALA D 150 8.30 -4.62 -43.44
CA ALA D 150 8.82 -5.82 -42.81
C ALA D 150 10.09 -6.24 -43.53
N LYS D 151 11.03 -6.81 -42.77
CA LYS D 151 12.31 -7.22 -43.30
C LYS D 151 12.46 -8.73 -43.17
N VAL D 152 12.83 -9.38 -44.27
CA VAL D 152 13.05 -10.82 -44.30
C VAL D 152 14.49 -11.06 -44.75
N GLN D 153 15.23 -11.81 -43.94
CA GLN D 153 16.61 -12.18 -44.24
C GLN D 153 16.71 -13.69 -44.28
N TRP D 154 17.39 -14.22 -45.29
CA TRP D 154 17.57 -15.65 -45.44
C TRP D 154 18.93 -16.07 -44.90
N LYS D 155 18.95 -17.20 -44.19
CA LYS D 155 20.17 -17.73 -43.60
C LYS D 155 20.22 -19.22 -43.84
N VAL D 156 21.32 -19.69 -44.43
CA VAL D 156 21.52 -21.09 -44.72
C VAL D 156 22.78 -21.53 -43.97
N ASP D 157 22.60 -22.41 -42.97
CA ASP D 157 23.68 -22.81 -42.07
C ASP D 157 24.32 -21.59 -41.43
N ASN D 158 23.47 -20.67 -40.96
CA ASN D 158 23.87 -19.44 -40.28
C ASN D 158 24.73 -18.54 -41.17
N ALA D 159 24.52 -18.63 -42.48
CA ALA D 159 25.21 -17.77 -43.44
C ALA D 159 24.19 -16.89 -44.13
N LEU D 160 24.38 -15.57 -44.04
CA LEU D 160 23.45 -14.63 -44.63
C LEU D 160 23.39 -14.80 -46.15
N GLN D 161 22.18 -14.87 -46.69
CA GLN D 161 21.99 -15.08 -48.11
C GLN D 161 21.83 -13.76 -48.84
N SER D 162 22.19 -13.77 -50.14
CA SER D 162 22.19 -12.56 -50.94
C SER D 162 22.03 -12.93 -52.40
N GLY D 163 21.09 -12.29 -53.08
CA GLY D 163 20.92 -12.44 -54.51
C GLY D 163 20.04 -13.59 -54.96
N ASN D 164 19.66 -14.50 -54.06
CA ASN D 164 18.93 -15.71 -54.42
C ASN D 164 17.50 -15.71 -53.87
N SER D 165 16.93 -14.54 -53.62
CA SER D 165 15.59 -14.45 -53.05
C SER D 165 14.80 -13.35 -53.75
N GLN D 166 13.47 -13.49 -53.69
CA GLN D 166 12.55 -12.49 -54.21
C GLN D 166 11.36 -12.38 -53.26
N GLU D 167 10.83 -11.18 -53.15
CA GLU D 167 9.68 -10.91 -52.30
C GLU D 167 8.45 -10.59 -53.14
N SER D 168 7.28 -10.80 -52.55
CA SER D 168 6.02 -10.50 -53.20
C SER D 168 4.97 -10.24 -52.12
N VAL D 169 4.34 -9.08 -52.19
CA VAL D 169 3.34 -8.68 -51.20
C VAL D 169 1.99 -8.55 -51.89
N THR D 170 0.94 -8.91 -51.17
CA THR D 170 -0.40 -8.69 -51.65
C THR D 170 -0.80 -7.23 -51.45
N GLU D 171 -1.83 -6.81 -52.17
CA GLU D 171 -2.45 -5.55 -51.83
C GLU D 171 -3.11 -5.64 -50.47
N GLN D 172 -3.33 -4.49 -49.84
CA GLN D 172 -3.97 -4.47 -48.54
C GLN D 172 -5.34 -5.13 -48.61
N ASP D 173 -5.59 -6.06 -47.70
CA ASP D 173 -6.86 -6.76 -47.67
C ASP D 173 -8.00 -5.78 -47.44
N SER D 174 -9.08 -5.94 -48.21
CA SER D 174 -10.17 -4.98 -48.22
C SER D 174 -11.07 -5.07 -47.00
N LYS D 175 -10.87 -6.04 -46.11
CA LYS D 175 -11.77 -6.23 -44.98
C LYS D 175 -11.08 -6.23 -43.63
N ASP D 176 -9.93 -6.88 -43.49
CA ASP D 176 -9.18 -6.80 -42.24
C ASP D 176 -7.98 -5.87 -42.34
N SER D 177 -7.74 -5.27 -43.50
CA SER D 177 -6.73 -4.23 -43.71
C SER D 177 -5.30 -4.70 -43.43
N THR D 178 -5.06 -6.00 -43.47
CA THR D 178 -3.72 -6.56 -43.27
C THR D 178 -3.04 -6.82 -44.60
N TYR D 179 -1.74 -7.08 -44.53
CA TYR D 179 -0.93 -7.49 -45.66
C TYR D 179 -0.45 -8.92 -45.45
N SER D 180 -0.02 -9.54 -46.54
CA SER D 180 0.66 -10.82 -46.46
C SER D 180 1.75 -10.85 -47.51
N LEU D 181 2.86 -11.50 -47.18
CA LEU D 181 4.06 -11.45 -47.99
C LEU D 181 4.66 -12.84 -48.09
N SER D 182 5.36 -13.08 -49.20
CA SER D 182 6.11 -14.32 -49.40
C SER D 182 7.50 -13.97 -49.91
N SER D 183 8.50 -14.68 -49.38
CA SER D 183 9.88 -14.57 -49.83
C SER D 183 10.35 -15.95 -50.24
N THR D 184 10.79 -16.09 -51.49
CA THR D 184 11.19 -17.37 -52.05
C THR D 184 12.69 -17.38 -52.29
N LEU D 185 13.41 -18.18 -51.51
CA LEU D 185 14.84 -18.42 -51.70
C LEU D 185 15.00 -19.58 -52.66
N THR D 186 15.41 -19.28 -53.90
CA THR D 186 15.49 -20.27 -54.95
C THR D 186 16.92 -20.76 -55.11
N LEU D 187 17.10 -22.08 -55.06
CA LEU D 187 18.40 -22.71 -55.22
C LEU D 187 18.29 -23.84 -56.24
N SER D 188 19.43 -24.25 -56.77
CA SER D 188 19.48 -25.48 -57.52
C SER D 188 19.38 -26.66 -56.57
N LYS D 189 18.95 -27.80 -57.11
CA LYS D 189 18.85 -29.02 -56.30
C LYS D 189 20.21 -29.36 -55.68
N ALA D 190 21.28 -29.28 -56.48
CA ALA D 190 22.61 -29.60 -55.97
C ALA D 190 23.03 -28.62 -54.88
N ASP D 191 22.79 -27.33 -55.09
CA ASP D 191 23.10 -26.34 -54.06
C ASP D 191 22.24 -26.56 -52.82
N TYR D 192 20.97 -26.93 -53.02
CA TYR D 192 20.07 -27.14 -51.90
C TYR D 192 20.51 -28.31 -51.04
N GLU D 193 20.96 -29.39 -51.67
CA GLU D 193 21.39 -30.57 -50.93
C GLU D 193 22.79 -30.45 -50.36
N LYS D 194 23.44 -29.29 -50.53
CA LYS D 194 24.75 -29.02 -49.96
C LYS D 194 24.68 -28.52 -48.52
N HIS D 195 23.49 -28.13 -48.06
CA HIS D 195 23.35 -27.50 -46.76
C HIS D 195 22.24 -28.17 -45.96
N LYS D 196 22.15 -27.78 -44.69
CA LYS D 196 21.36 -28.51 -43.70
C LYS D 196 20.19 -27.71 -43.16
N VAL D 197 20.42 -26.51 -42.63
CA VAL D 197 19.39 -25.70 -42.00
C VAL D 197 19.16 -24.45 -42.85
N TYR D 198 17.89 -24.19 -43.16
CA TYR D 198 17.47 -23.03 -43.94
C TYR D 198 16.56 -22.20 -43.07
N ALA D 199 16.91 -20.94 -42.84
CA ALA D 199 16.19 -20.09 -41.91
C ALA D 199 15.83 -18.76 -42.55
N CYS D 200 14.64 -18.26 -42.24
CA CYS D 200 14.24 -16.90 -42.56
C CYS D 200 14.01 -16.15 -41.26
N GLU D 201 14.66 -15.01 -41.11
CA GLU D 201 14.47 -14.15 -39.95
C GLU D 201 13.65 -12.95 -40.38
N VAL D 202 12.69 -12.57 -39.53
CA VAL D 202 11.69 -11.57 -39.87
C VAL D 202 11.65 -10.52 -38.76
N THR D 203 11.79 -9.25 -39.13
CA THR D 203 11.65 -8.14 -38.20
C THR D 203 10.46 -7.29 -38.64
N HIS D 204 9.65 -6.88 -37.67
CA HIS D 204 8.44 -6.13 -37.92
C HIS D 204 8.13 -5.30 -36.68
N GLN D 205 7.34 -4.23 -36.88
CA GLN D 205 7.00 -3.35 -35.78
C GLN D 205 6.25 -4.10 -34.67
N GLY D 206 5.40 -5.05 -35.05
CA GLY D 206 4.63 -5.82 -34.10
C GLY D 206 5.34 -6.96 -33.41
N LEU D 207 6.62 -7.16 -33.68
CA LEU D 207 7.39 -8.26 -33.09
C LEU D 207 8.30 -7.71 -32.00
N SER D 208 8.25 -8.34 -30.82
CA SER D 208 9.14 -7.93 -29.73
C SER D 208 10.60 -8.23 -30.08
N SER D 209 10.86 -9.40 -30.65
CA SER D 209 12.18 -9.84 -31.08
C SER D 209 12.06 -10.43 -32.47
N PRO D 210 13.15 -10.45 -33.24
CA PRO D 210 13.08 -11.06 -34.57
C PRO D 210 12.71 -12.54 -34.48
N VAL D 211 11.75 -12.94 -35.28
CA VAL D 211 11.33 -14.34 -35.34
C VAL D 211 12.11 -15.04 -36.42
N THR D 212 12.52 -16.27 -36.14
CA THR D 212 13.33 -17.06 -37.05
C THR D 212 12.68 -18.44 -37.19
N LYS D 213 12.05 -18.67 -38.33
CA LYS D 213 11.51 -19.97 -38.67
C LYS D 213 12.48 -20.69 -39.61
N SER D 214 12.63 -21.99 -39.41
CA SER D 214 13.66 -22.73 -40.14
C SER D 214 13.26 -24.21 -40.18
N PHE D 215 14.06 -25.00 -40.90
CA PHE D 215 13.89 -26.44 -40.93
C PHE D 215 15.24 -27.10 -41.19
N ASN D 216 15.30 -28.39 -40.91
CA ASN D 216 16.46 -29.22 -41.19
C ASN D 216 16.03 -30.33 -42.14
N ARG D 217 16.70 -30.43 -43.29
CA ARG D 217 16.38 -31.43 -44.29
C ARG D 217 17.28 -32.65 -44.15
N GLY D 218 16.93 -33.70 -44.89
CA GLY D 218 17.68 -34.94 -44.86
C GLY D 218 17.82 -35.59 -46.22
N MET E 1 -92.53 10.78 19.50
CA MET E 1 -92.08 11.53 20.67
C MET E 1 -90.91 10.82 21.35
N ASP E 2 -89.94 10.39 20.55
CA ASP E 2 -88.73 9.79 21.11
C ASP E 2 -87.92 10.85 21.85
N ILE E 3 -87.47 10.50 23.05
CA ILE E 3 -86.62 11.40 23.82
C ILE E 3 -85.26 11.51 23.15
N VAL E 4 -84.87 12.72 22.78
CA VAL E 4 -83.61 12.96 22.09
C VAL E 4 -82.52 13.17 23.12
N MET E 5 -81.42 12.42 22.99
CA MET E 5 -80.27 12.51 23.88
C MET E 5 -79.14 13.22 23.16
N THR E 6 -78.65 14.31 23.75
CA THR E 6 -77.53 15.07 23.19
C THR E 6 -76.31 14.93 24.10
N GLN E 7 -75.13 14.95 23.48
CA GLN E 7 -73.89 14.81 24.22
C GLN E 7 -72.89 15.84 23.73
N THR E 8 -72.07 16.35 24.66
CA THR E 8 -70.98 17.26 24.33
C THR E 8 -69.82 16.95 25.27
N PRO E 9 -68.58 17.03 24.76
CA PRO E 9 -68.24 17.34 23.38
C PRO E 9 -68.27 16.12 22.47
N VAL E 10 -67.97 16.32 21.19
CA VAL E 10 -67.81 15.19 20.28
C VAL E 10 -66.63 14.34 20.71
N SER E 11 -65.50 14.98 21.00
CA SER E 11 -64.29 14.29 21.44
C SER E 11 -63.45 15.23 22.27
N LEU E 12 -62.54 14.64 23.05
CA LEU E 12 -61.59 15.42 23.83
C LEU E 12 -60.36 14.57 24.09
N ALA E 13 -59.22 15.24 24.24
CA ALA E 13 -57.95 14.59 24.56
C ALA E 13 -57.40 15.20 25.83
N VAL E 14 -56.96 14.36 26.76
CA VAL E 14 -56.43 14.80 28.05
C VAL E 14 -55.06 14.19 28.25
N THR E 15 -54.26 14.84 29.11
CA THR E 15 -53.01 14.22 29.51
C THR E 15 -53.23 13.32 30.71
N PRO E 16 -52.49 12.21 30.78
CA PRO E 16 -52.66 11.28 31.92
C PRO E 16 -52.52 12.00 33.25
N GLY E 17 -53.54 11.86 34.09
CA GLY E 17 -53.55 12.45 35.41
C GLY E 17 -54.50 13.62 35.56
N GLN E 18 -54.91 14.26 34.47
CA GLN E 18 -55.84 15.37 34.58
C GLN E 18 -57.27 14.87 34.43
N SER E 19 -58.23 15.79 34.50
CA SER E 19 -59.63 15.44 34.58
C SER E 19 -60.33 15.63 33.24
N ALA E 20 -61.38 14.84 33.02
CA ALA E 20 -62.22 14.93 31.84
C ALA E 20 -63.68 14.97 32.26
N SER E 21 -64.45 15.87 31.63
CA SER E 21 -65.85 16.07 31.97
C SER E 21 -66.70 15.90 30.72
N ILE E 22 -67.72 15.05 30.81
CA ILE E 22 -68.69 14.82 29.74
C ILE E 22 -70.06 15.30 30.22
N SER E 23 -70.81 15.92 29.32
CA SER E 23 -72.15 16.41 29.66
C SER E 23 -73.16 15.87 28.65
N CYS E 24 -74.37 15.64 29.15
CA CYS E 24 -75.43 15.02 28.36
C CYS E 24 -76.76 15.71 28.67
N ARG E 25 -77.56 15.93 27.63
CA ARG E 25 -78.84 16.60 27.79
C ARG E 25 -79.95 15.78 27.17
N SER E 26 -81.07 15.68 27.88
CA SER E 26 -82.30 15.08 27.38
C SER E 26 -83.23 16.18 26.88
N SER E 27 -84.02 15.84 25.85
CA SER E 27 -85.02 16.77 25.36
C SER E 27 -86.27 16.81 26.25
N GLN E 28 -86.43 15.82 27.12
CA GLN E 28 -87.52 15.80 28.09
C GLN E 28 -86.96 15.37 29.45
N SER E 29 -87.64 15.81 30.51
CA SER E 29 -87.15 15.52 31.85
C SER E 29 -87.16 14.02 32.13
N LEU E 30 -86.16 13.57 32.89
CA LEU E 30 -86.04 12.17 33.28
C LEU E 30 -86.26 11.95 34.76
N LEU E 31 -86.64 12.99 35.50
CA LEU E 31 -86.83 12.87 36.94
C LEU E 31 -88.21 12.27 37.25
N HIS E 32 -88.22 11.28 38.13
CA HIS E 32 -89.45 10.59 38.52
C HIS E 32 -89.87 11.03 39.92
N GLY E 33 -90.97 10.45 40.39
CA GLY E 33 -91.58 10.90 41.63
C GLY E 33 -90.73 10.64 42.86
N ASP E 34 -89.86 9.65 42.81
CA ASP E 34 -89.01 9.31 43.96
C ASP E 34 -87.78 10.19 44.06
N GLY E 35 -87.68 11.24 43.24
CA GLY E 35 -86.52 12.11 43.30
C GLY E 35 -85.28 11.57 42.64
N ARG E 36 -85.44 10.72 41.62
CA ARG E 36 -84.32 10.13 40.90
C ARG E 36 -84.57 10.27 39.41
N SER E 37 -83.56 10.78 38.69
CA SER E 37 -83.58 10.86 37.24
C SER E 37 -82.90 9.62 36.66
N TYR E 38 -83.63 8.89 35.81
CA TYR E 38 -83.15 7.59 35.34
C TYR E 38 -82.36 7.78 34.04
N LEU E 39 -81.09 8.13 34.23
CA LEU E 39 -80.12 8.31 33.16
C LEU E 39 -78.84 7.61 33.58
N TYR E 40 -78.24 6.84 32.68
CA TYR E 40 -77.04 6.10 33.03
C TYR E 40 -75.93 6.32 32.00
N TRP E 41 -74.71 6.09 32.45
CA TRP E 41 -73.50 6.29 31.67
C TRP E 41 -72.78 4.96 31.46
N TYR E 42 -72.19 4.80 30.28
CA TYR E 42 -71.38 3.63 29.99
C TYR E 42 -70.32 4.00 28.97
N VAL E 43 -69.31 3.14 28.83
CA VAL E 43 -68.19 3.37 27.94
C VAL E 43 -68.02 2.16 27.04
N GLN E 44 -67.80 2.42 25.75
CA GLN E 44 -67.50 1.38 24.77
C GLN E 44 -66.02 1.39 24.44
N ARG E 45 -65.45 0.19 24.25
CA ARG E 45 -64.06 0.02 23.86
C ARG E 45 -63.96 -1.05 22.79
N PRO E 46 -63.00 -0.93 21.88
CA PRO E 46 -62.90 -1.91 20.78
C PRO E 46 -62.67 -3.32 21.32
N GLY E 47 -63.46 -4.26 20.82
CA GLY E 47 -63.32 -5.65 21.21
C GLY E 47 -63.60 -5.92 22.67
N GLN E 48 -64.45 -5.10 23.30
CA GLN E 48 -64.76 -5.24 24.71
C GLN E 48 -66.23 -4.99 24.93
N SER E 49 -66.81 -5.67 25.92
CA SER E 49 -68.20 -5.46 26.27
C SER E 49 -68.37 -4.08 26.91
N PRO E 50 -69.54 -3.47 26.77
CA PRO E 50 -69.78 -2.18 27.43
C PRO E 50 -69.76 -2.34 28.95
N GLN E 51 -69.18 -1.37 29.63
CA GLN E 51 -69.11 -1.36 31.08
C GLN E 51 -69.98 -0.24 31.63
N LEU E 52 -70.88 -0.59 32.54
CA LEU E 52 -71.73 0.39 33.20
C LEU E 52 -70.93 1.11 34.28
N LEU E 53 -70.92 2.45 34.21
CA LEU E 53 -70.20 3.28 35.18
C LEU E 53 -71.13 3.96 36.16
N MET E 54 -72.15 4.65 35.66
CA MET E 54 -73.06 5.43 36.47
C MET E 54 -74.49 5.05 36.10
N TYR E 55 -75.37 4.97 37.10
CA TYR E 55 -76.79 4.78 36.85
C TYR E 55 -77.56 5.67 37.80
N GLU E 56 -78.81 5.96 37.42
CA GLU E 56 -79.64 6.93 38.14
C GLU E 56 -78.89 8.26 38.30
N ALA E 57 -78.26 8.69 37.20
CA ALA E 57 -77.53 9.95 37.09
C ALA E 57 -76.24 9.96 37.91
N SER E 58 -76.30 9.58 39.20
CA SER E 58 -75.19 9.82 40.11
C SER E 58 -74.73 8.60 40.91
N THR E 59 -75.39 7.45 40.79
CA THR E 59 -75.02 6.28 41.57
C THR E 59 -73.91 5.52 40.84
N ARG E 60 -72.77 5.37 41.51
CA ARG E 60 -71.61 4.74 40.90
C ARG E 60 -71.71 3.22 41.00
N VAL E 61 -71.49 2.55 39.87
CA VAL E 61 -71.47 1.09 39.86
C VAL E 61 -70.37 0.58 40.76
N SER E 62 -70.70 -0.36 41.64
CA SER E 62 -69.70 -0.93 42.52
C SER E 62 -68.61 -1.62 41.71
N GLY E 63 -67.36 -1.33 42.03
CA GLY E 63 -66.23 -1.78 41.27
C GLY E 63 -65.65 -0.73 40.33
N VAL E 64 -66.42 0.29 40.00
CA VAL E 64 -65.92 1.40 39.20
C VAL E 64 -65.09 2.33 40.10
N PRO E 65 -63.90 2.74 39.68
CA PRO E 65 -63.06 3.58 40.55
C PRO E 65 -63.78 4.86 40.97
N ASP E 66 -63.36 5.39 42.12
CA ASP E 66 -64.01 6.59 42.67
C ASP E 66 -63.67 7.85 41.89
N ARG E 67 -62.81 7.77 40.87
CA ARG E 67 -62.52 8.93 40.04
C ARG E 67 -63.72 9.33 39.18
N PHE E 68 -64.70 8.43 39.01
CA PHE E 68 -65.89 8.71 38.23
C PHE E 68 -66.99 9.24 39.14
N THR E 69 -67.55 10.39 38.79
CA THR E 69 -68.67 10.96 39.52
C THR E 69 -69.71 11.43 38.52
N GLY E 70 -70.98 11.08 38.77
CA GLY E 70 -72.09 11.51 37.95
C GLY E 70 -72.93 12.52 38.70
N SER E 71 -73.59 13.40 37.95
CA SER E 71 -74.40 14.45 38.56
C SER E 71 -75.38 14.98 37.53
N GLY E 72 -76.46 15.59 38.02
CA GLY E 72 -77.47 16.19 37.17
C GLY E 72 -78.86 15.73 37.54
N SER E 73 -79.83 16.33 36.85
CA SER E 73 -81.23 15.99 37.08
C SER E 73 -82.05 16.44 35.88
N GLY E 74 -83.19 15.78 35.70
CA GLY E 74 -84.17 16.16 34.70
C GLY E 74 -83.67 16.17 33.27
N THR E 75 -83.03 17.27 32.87
CA THR E 75 -82.65 17.48 31.47
C THR E 75 -81.15 17.48 31.23
N ASP E 76 -80.34 17.89 32.21
CA ASP E 76 -78.91 18.08 32.02
C ASP E 76 -78.14 17.22 33.00
N PHE E 77 -77.15 16.48 32.49
CA PHE E 77 -76.35 15.56 33.29
C PHE E 77 -74.89 15.67 32.89
N THR E 78 -74.02 15.27 33.81
CA THR E 78 -72.58 15.39 33.61
C THR E 78 -71.87 14.18 34.22
N LEU E 79 -70.92 13.63 33.48
CA LEU E 79 -70.02 12.60 33.98
C LEU E 79 -68.61 13.16 34.02
N LYS E 80 -67.91 12.92 35.13
CA LYS E 80 -66.57 13.48 35.32
C LYS E 80 -65.60 12.39 35.75
N ILE E 81 -64.41 12.40 35.14
CA ILE E 81 -63.30 11.54 35.51
C ILE E 81 -62.19 12.43 36.04
N SER E 82 -61.78 12.21 37.30
CA SER E 82 -60.91 13.16 37.97
C SER E 82 -59.43 12.96 37.64
N ARG E 83 -59.00 11.72 37.40
CA ARG E 83 -57.61 11.43 37.06
C ARG E 83 -57.63 10.38 35.96
N VAL E 84 -57.61 10.84 34.71
CA VAL E 84 -57.77 9.94 33.58
C VAL E 84 -56.54 9.03 33.47
N GLU E 85 -56.80 7.74 33.31
CA GLU E 85 -55.77 6.74 33.08
C GLU E 85 -55.91 6.16 31.68
N ALA E 86 -54.88 5.44 31.24
CA ALA E 86 -54.89 4.86 29.90
C ALA E 86 -56.04 3.88 29.73
N GLU E 87 -56.51 3.26 30.82
CA GLU E 87 -57.64 2.36 30.73
C GLU E 87 -58.95 3.09 30.47
N ASP E 88 -59.01 4.39 30.73
CA ASP E 88 -60.23 5.15 30.53
C ASP E 88 -60.51 5.49 29.07
N VAL E 89 -59.59 5.19 28.16
CA VAL E 89 -59.79 5.53 26.76
C VAL E 89 -60.97 4.75 26.20
N GLY E 90 -61.85 5.44 25.50
CA GLY E 90 -63.04 4.82 24.95
C GLY E 90 -64.03 5.89 24.53
N VAL E 91 -65.24 5.44 24.20
CA VAL E 91 -66.34 6.32 23.85
C VAL E 91 -67.39 6.21 24.94
N TYR E 92 -67.79 7.36 25.49
CA TYR E 92 -68.69 7.41 26.63
C TYR E 92 -70.08 7.83 26.16
N TYR E 93 -71.11 7.12 26.63
CA TYR E 93 -72.49 7.33 26.20
C TYR E 93 -73.37 7.58 27.41
N CYS E 94 -74.39 8.41 27.22
CA CYS E 94 -75.50 8.51 28.15
C CYS E 94 -76.73 7.90 27.52
N MET E 95 -77.66 7.42 28.36
CA MET E 95 -78.82 6.70 27.86
C MET E 95 -79.91 6.69 28.92
N GLN E 96 -81.13 7.01 28.51
CA GLN E 96 -82.31 6.87 29.35
C GLN E 96 -83.02 5.56 29.01
N GLY E 97 -83.50 4.87 30.04
CA GLY E 97 -84.07 3.55 29.81
C GLY E 97 -85.45 3.31 30.38
N THR E 98 -86.08 4.35 30.95
CA THR E 98 -87.41 4.20 31.51
C THR E 98 -88.52 4.54 30.53
N HIS E 99 -88.27 5.48 29.62
CA HIS E 99 -89.25 5.84 28.60
C HIS E 99 -89.02 5.03 27.33
N TRP E 100 -90.12 4.53 26.76
CA TRP E 100 -90.05 3.65 25.59
C TRP E 100 -90.05 4.47 24.32
N PRO E 101 -89.13 4.20 23.37
CA PRO E 101 -88.03 3.25 23.57
C PRO E 101 -86.82 3.92 24.19
N GLY E 102 -85.86 3.12 24.65
CA GLY E 102 -84.62 3.68 25.16
C GLY E 102 -83.88 4.46 24.08
N THR E 103 -83.18 5.50 24.52
CA THR E 103 -82.46 6.36 23.61
C THR E 103 -81.11 6.73 24.22
N PHE E 104 -80.12 6.89 23.36
CA PHE E 104 -78.74 7.13 23.79
C PHE E 104 -78.14 8.28 22.98
N GLY E 105 -77.13 8.90 23.56
CA GLY E 105 -76.46 10.02 22.92
C GLY E 105 -75.51 9.56 21.83
N PRO E 106 -74.96 10.52 21.10
CA PRO E 106 -74.02 10.18 20.03
C PRO E 106 -72.65 9.73 20.55
N GLY E 107 -72.39 9.88 21.84
CA GLY E 107 -71.12 9.43 22.39
C GLY E 107 -70.05 10.50 22.33
N THR E 108 -69.14 10.45 23.31
CA THR E 108 -67.99 11.33 23.39
C THR E 108 -66.73 10.49 23.44
N LYS E 109 -65.87 10.63 22.43
CA LYS E 109 -64.61 9.91 22.41
C LYS E 109 -63.63 10.58 23.36
N VAL E 110 -63.10 9.81 24.30
CA VAL E 110 -62.10 10.28 25.27
C VAL E 110 -60.75 9.71 24.86
N ASP E 111 -59.84 10.58 24.47
CA ASP E 111 -58.49 10.20 24.09
C ASP E 111 -57.50 10.67 25.13
N ILE E 112 -56.29 10.12 25.06
CA ILE E 112 -55.20 10.47 25.96
C ILE E 112 -54.00 10.86 25.11
N LYS E 113 -53.46 12.05 25.38
CA LYS E 113 -52.26 12.53 24.71
C LYS E 113 -51.04 12.09 25.53
N ARG E 114 -50.34 11.06 25.04
CA ARG E 114 -49.10 10.59 25.66
C ARG E 114 -47.94 11.28 24.97
N THR E 115 -47.46 12.36 25.57
CA THR E 115 -46.35 13.11 24.99
C THR E 115 -45.01 12.55 25.44
N VAL E 116 -43.95 12.97 24.76
CA VAL E 116 -42.60 12.51 25.08
C VAL E 116 -42.19 13.07 26.43
N ALA E 117 -41.71 12.18 27.31
CA ALA E 117 -41.27 12.57 28.64
C ALA E 117 -39.81 12.18 28.82
N ALA E 118 -38.99 13.13 29.24
CA ALA E 118 -37.60 12.84 29.53
C ALA E 118 -37.48 12.07 30.84
N PRO E 119 -36.53 11.13 30.93
CA PRO E 119 -36.35 10.40 32.18
C PRO E 119 -35.71 11.28 33.26
N SER E 120 -36.03 10.95 34.51
CA SER E 120 -35.39 11.55 35.67
C SER E 120 -34.32 10.58 36.14
N VAL E 121 -33.05 10.97 35.98
CA VAL E 121 -31.92 10.07 36.15
C VAL E 121 -31.29 10.29 37.51
N PHE E 122 -31.08 9.19 38.25
CA PHE E 122 -30.42 9.22 39.54
C PHE E 122 -29.47 8.04 39.63
N ILE E 123 -28.38 8.22 40.38
CA ILE E 123 -27.37 7.19 40.57
C ILE E 123 -27.29 6.87 42.06
N PHE E 124 -27.16 5.59 42.39
CA PHE E 124 -27.10 5.16 43.77
C PHE E 124 -25.86 4.29 43.99
N PRO E 125 -25.08 4.55 45.04
CA PRO E 125 -23.99 3.66 45.37
C PRO E 125 -24.51 2.41 46.07
N PRO E 126 -23.74 1.33 46.09
CA PRO E 126 -24.18 0.14 46.82
C PRO E 126 -24.24 0.41 48.32
N SER E 127 -25.16 -0.29 48.98
CA SER E 127 -25.27 -0.16 50.43
C SER E 127 -24.05 -0.72 51.12
N ASP E 128 -23.76 -0.19 52.31
CA ASP E 128 -22.67 -0.75 53.11
C ASP E 128 -22.98 -2.17 53.53
N GLU E 129 -24.26 -2.53 53.62
CA GLU E 129 -24.65 -3.90 53.93
C GLU E 129 -24.28 -4.85 52.78
N GLN E 130 -24.59 -4.45 51.54
CA GLN E 130 -24.28 -5.32 50.40
C GLN E 130 -22.77 -5.53 50.26
N LEU E 131 -21.98 -4.50 50.55
CA LEU E 131 -20.53 -4.64 50.43
C LEU E 131 -19.99 -5.70 51.38
N LYS E 132 -20.67 -5.91 52.52
CA LYS E 132 -20.26 -6.96 53.44
C LYS E 132 -20.53 -8.36 52.91
N SER E 133 -21.28 -8.49 51.81
CA SER E 133 -21.49 -9.77 51.16
C SER E 133 -20.46 -10.06 50.08
N GLY E 134 -19.63 -9.08 49.72
CA GLY E 134 -18.60 -9.26 48.72
C GLY E 134 -18.93 -8.74 47.34
N THR E 135 -20.13 -8.22 47.14
CA THR E 135 -20.57 -7.75 45.84
C THR E 135 -21.14 -6.35 45.96
N ALA E 136 -20.89 -5.52 44.96
CA ALA E 136 -21.43 -4.17 44.87
C ALA E 136 -22.33 -4.05 43.65
N SER E 137 -23.48 -3.42 43.84
CA SER E 137 -24.45 -3.15 42.78
C SER E 137 -24.65 -1.65 42.71
N VAL E 138 -24.11 -1.03 41.66
CA VAL E 138 -24.28 0.41 41.43
C VAL E 138 -25.51 0.59 40.56
N VAL E 139 -26.50 1.33 41.09
CA VAL E 139 -27.80 1.46 40.44
C VAL E 139 -27.92 2.82 39.77
N CYS E 140 -28.44 2.82 38.54
CA CYS E 140 -28.87 4.03 37.87
C CYS E 140 -30.34 3.90 37.52
N LEU E 141 -31.15 4.86 37.97
CA LEU E 141 -32.60 4.80 37.83
C LEU E 141 -33.07 5.78 36.77
N LEU E 142 -33.88 5.30 35.84
CA LEU E 142 -34.51 6.12 34.80
C LEU E 142 -36.00 6.15 35.09
N ASN E 143 -36.52 7.32 35.47
CA ASN E 143 -37.86 7.44 36.03
C ASN E 143 -38.79 8.14 35.05
N ASN E 144 -39.84 7.42 34.63
CA ASN E 144 -41.04 7.97 33.99
C ASN E 144 -40.71 8.70 32.68
N PHE E 145 -40.32 7.90 31.70
CA PHE E 145 -39.98 8.40 30.38
C PHE E 145 -40.82 7.72 29.31
N TYR E 146 -40.90 8.36 28.16
CA TYR E 146 -41.65 7.86 27.02
C TYR E 146 -41.11 8.51 25.75
N PRO E 147 -40.81 7.74 24.70
CA PRO E 147 -40.93 6.29 24.52
C PRO E 147 -39.95 5.47 25.34
N ARG E 148 -39.95 4.16 25.07
CA ARG E 148 -39.13 3.20 25.79
C ARG E 148 -37.67 3.19 25.33
N GLU E 149 -37.40 3.57 24.09
CA GLU E 149 -36.04 3.53 23.55
C GLU E 149 -35.09 4.44 24.32
N ALA E 150 -34.10 3.84 24.98
CA ALA E 150 -33.12 4.60 25.75
C ALA E 150 -31.84 3.78 25.88
N LYS E 151 -30.71 4.48 25.97
CA LYS E 151 -29.40 3.84 26.07
C LYS E 151 -28.68 4.34 27.32
N VAL E 152 -28.04 3.41 28.02
CA VAL E 152 -27.36 3.70 29.28
C VAL E 152 -25.91 3.26 29.14
N GLN E 153 -24.98 4.18 29.42
CA GLN E 153 -23.56 3.89 29.43
C GLN E 153 -23.02 4.09 30.85
N TRP E 154 -22.14 3.19 31.28
CA TRP E 154 -21.52 3.26 32.59
C TRP E 154 -20.07 3.71 32.45
N LYS E 155 -19.65 4.58 33.37
CA LYS E 155 -18.27 5.06 33.43
C LYS E 155 -17.73 4.86 34.84
N VAL E 156 -16.51 4.33 34.94
CA VAL E 156 -15.84 4.14 36.21
C VAL E 156 -14.46 4.75 36.08
N ASP E 157 -14.24 5.89 36.72
CA ASP E 157 -12.98 6.64 36.64
C ASP E 157 -12.59 6.91 35.20
N ASN E 158 -13.53 7.48 34.44
CA ASN E 158 -13.39 7.84 33.03
C ASN E 158 -13.25 6.64 32.12
N ALA E 159 -13.55 5.42 32.60
CA ALA E 159 -13.41 4.21 31.80
C ALA E 159 -14.80 3.68 31.44
N LEU E 160 -15.07 3.53 30.14
CA LEU E 160 -16.36 3.03 29.69
C LEU E 160 -16.48 1.53 29.96
N GLN E 161 -17.62 1.12 30.53
CA GLN E 161 -17.85 -0.26 30.91
C GLN E 161 -18.50 -1.04 29.77
N SER E 162 -18.41 -2.37 29.88
CA SER E 162 -18.98 -3.26 28.87
C SER E 162 -19.17 -4.64 29.47
N GLY E 163 -20.38 -5.20 29.32
CA GLY E 163 -20.64 -6.57 29.70
C GLY E 163 -20.85 -6.82 31.17
N ASN E 164 -20.69 -5.81 32.02
CA ASN E 164 -20.97 -5.95 33.45
C ASN E 164 -22.25 -5.22 33.86
N SER E 165 -23.05 -4.78 32.89
CA SER E 165 -24.30 -4.08 33.15
C SER E 165 -25.48 -5.01 32.98
N GLN E 166 -26.62 -4.58 33.52
CA GLN E 166 -27.84 -5.39 33.45
C GLN E 166 -29.03 -4.46 33.65
N GLU E 167 -29.77 -4.19 32.58
CA GLU E 167 -30.95 -3.35 32.65
C GLU E 167 -32.19 -4.21 32.88
N SER E 168 -33.14 -3.65 33.63
CA SER E 168 -34.43 -4.31 33.84
C SER E 168 -35.51 -3.23 33.70
N VAL E 169 -35.92 -2.98 32.46
CA VAL E 169 -36.90 -1.93 32.20
C VAL E 169 -38.24 -2.29 32.81
N THR E 170 -38.50 -3.58 32.96
CA THR E 170 -39.83 -4.12 33.23
C THR E 170 -40.61 -3.27 34.21
N GLU E 171 -41.14 -2.14 33.74
CA GLU E 171 -42.02 -1.30 34.53
C GLU E 171 -42.64 -0.20 33.67
N GLN E 172 -43.66 -0.53 32.89
CA GLN E 172 -44.50 0.49 32.27
C GLN E 172 -45.65 0.81 33.22
N ASP E 173 -45.86 2.10 33.46
CA ASP E 173 -46.97 2.51 34.31
C ASP E 173 -48.29 2.14 33.66
N SER E 174 -49.18 1.53 34.44
CA SER E 174 -50.50 1.19 33.92
C SER E 174 -51.43 2.40 33.86
N LYS E 175 -51.00 3.55 34.38
CA LYS E 175 -51.83 4.75 34.41
C LYS E 175 -51.39 5.78 33.39
N ASP E 176 -50.15 6.27 33.47
CA ASP E 176 -49.65 7.26 32.50
C ASP E 176 -48.83 6.64 31.39
N SER E 177 -48.68 5.31 31.36
CA SER E 177 -48.02 4.59 30.28
C SER E 177 -46.58 5.04 30.07
N THR E 178 -45.93 5.56 31.11
CA THR E 178 -44.51 5.86 31.03
C THR E 178 -43.70 4.67 31.52
N TYR E 179 -42.44 4.61 31.08
CA TYR E 179 -41.53 3.54 31.44
C TYR E 179 -40.58 3.99 32.55
N SER E 180 -40.07 3.02 33.30
CA SER E 180 -39.08 3.25 34.34
C SER E 180 -38.09 2.12 34.33
N LEU E 181 -36.83 2.44 34.05
CA LEU E 181 -35.76 1.45 33.90
C LEU E 181 -34.76 1.58 35.05
N SER E 182 -34.21 0.44 35.46
CA SER E 182 -33.13 0.40 36.43
C SER E 182 -31.96 -0.38 35.84
N SER E 183 -30.80 0.26 35.74
CA SER E 183 -29.59 -0.37 35.26
C SER E 183 -28.64 -0.58 36.43
N THR E 184 -28.05 -1.76 36.52
CA THR E 184 -27.19 -2.13 37.64
C THR E 184 -25.81 -2.53 37.12
N LEU E 185 -24.77 -1.90 37.67
CA LEU E 185 -23.39 -2.27 37.40
C LEU E 185 -22.88 -3.12 38.56
N THR E 186 -22.63 -4.40 38.29
CA THR E 186 -22.28 -5.36 39.33
C THR E 186 -20.77 -5.57 39.33
N LEU E 187 -20.13 -5.19 40.42
CA LEU E 187 -18.71 -5.41 40.65
C LEU E 187 -18.54 -6.19 41.95
N SER E 188 -17.33 -6.71 42.15
CA SER E 188 -16.99 -7.28 43.44
C SER E 188 -16.74 -6.16 44.45
N LYS E 189 -16.88 -6.49 45.73
CA LYS E 189 -16.63 -5.51 46.78
C LYS E 189 -15.24 -4.91 46.64
N ALA E 190 -14.26 -5.74 46.28
CA ALA E 190 -12.90 -5.27 46.04
C ALA E 190 -12.86 -4.29 44.87
N ASP E 191 -13.25 -4.75 43.68
CA ASP E 191 -13.28 -3.94 42.47
C ASP E 191 -13.95 -2.59 42.70
N TYR E 192 -15.05 -2.58 43.47
CA TYR E 192 -15.78 -1.34 43.69
C TYR E 192 -14.96 -0.33 44.47
N GLU E 193 -14.30 -0.77 45.55
CA GLU E 193 -13.61 0.15 46.44
C GLU E 193 -12.25 0.59 45.91
N LYS E 194 -11.81 0.08 44.77
CA LYS E 194 -10.57 0.53 44.15
C LYS E 194 -10.76 1.81 43.34
N HIS E 195 -11.99 2.14 42.96
CA HIS E 195 -12.28 3.30 42.13
C HIS E 195 -12.99 4.38 42.95
N LYS E 196 -13.08 5.57 42.37
CA LYS E 196 -13.65 6.72 43.06
C LYS E 196 -14.90 7.26 42.40
N VAL E 197 -14.87 7.54 41.09
CA VAL E 197 -15.97 8.19 40.40
C VAL E 197 -16.74 7.13 39.62
N TYR E 198 -18.04 7.05 39.87
CA TYR E 198 -18.95 6.18 39.13
C TYR E 198 -20.00 7.06 38.47
N ALA E 199 -20.18 6.88 37.17
CA ALA E 199 -21.03 7.75 36.37
C ALA E 199 -22.04 6.94 35.58
N CYS E 200 -23.20 7.54 35.35
CA CYS E 200 -24.28 6.94 34.58
C CYS E 200 -24.70 7.93 33.51
N GLU E 201 -24.57 7.53 32.23
CA GLU E 201 -24.94 8.39 31.12
C GLU E 201 -26.19 7.84 30.45
N VAL E 202 -27.16 8.71 30.20
CA VAL E 202 -28.47 8.32 29.66
C VAL E 202 -28.76 9.14 28.42
N THR E 203 -29.19 8.48 27.35
CA THR E 203 -29.55 9.13 26.10
C THR E 203 -31.00 8.83 25.81
N HIS E 204 -31.79 9.88 25.53
CA HIS E 204 -33.21 9.73 25.28
C HIS E 204 -33.69 10.91 24.45
N GLN E 205 -34.64 10.66 23.55
CA GLN E 205 -35.10 11.72 22.66
C GLN E 205 -35.80 12.84 23.41
N GLY E 206 -36.28 12.60 24.62
CA GLY E 206 -36.82 13.66 25.44
C GLY E 206 -35.78 14.59 26.02
N LEU E 207 -34.51 14.21 25.97
CA LEU E 207 -33.42 15.05 26.46
C LEU E 207 -32.76 15.76 25.29
N SER E 208 -32.45 17.05 25.48
CA SER E 208 -31.76 17.80 24.43
C SER E 208 -30.35 17.26 24.21
N SER E 209 -29.66 16.91 25.30
CA SER E 209 -28.33 16.33 25.27
C SER E 209 -28.26 15.27 26.35
N PRO E 210 -27.45 14.23 26.16
CA PRO E 210 -27.38 13.15 27.16
C PRO E 210 -27.01 13.66 28.54
N VAL E 211 -27.67 13.08 29.55
CA VAL E 211 -27.49 13.45 30.95
C VAL E 211 -26.55 12.43 31.60
N THR E 212 -25.61 12.93 32.40
CA THR E 212 -24.66 12.07 33.10
C THR E 212 -24.78 12.33 34.60
N LYS E 213 -25.20 11.30 35.33
CA LYS E 213 -25.25 11.34 36.78
C LYS E 213 -24.07 10.56 37.35
N SER E 214 -23.43 11.11 38.38
CA SER E 214 -22.22 10.51 38.92
C SER E 214 -22.19 10.64 40.43
N PHE E 215 -21.35 9.81 41.05
CA PHE E 215 -21.01 9.97 42.46
C PHE E 215 -19.54 9.62 42.66
N ASN E 216 -18.94 10.26 43.66
CA ASN E 216 -17.57 10.02 44.07
C ASN E 216 -17.57 9.39 45.45
N ARG E 217 -17.11 8.14 45.54
CA ARG E 217 -17.05 7.42 46.80
C ARG E 217 -15.72 7.61 47.52
N GLY E 218 -14.77 8.34 46.94
CA GLY E 218 -13.43 8.38 47.48
C GLY E 218 -12.98 9.73 48.00
N GLU E 219 -11.70 10.05 47.79
CA GLU E 219 -11.07 11.24 48.35
C GLU E 219 -11.61 12.53 47.73
N ALA E 220 -11.26 12.80 46.48
CA ALA E 220 -11.59 14.06 45.81
C ALA E 220 -11.31 13.97 44.32
N ASP F 2 -7.39 23.78 7.52
CA ASP F 2 -7.43 22.32 7.46
C ASP F 2 -7.44 21.81 6.01
N ILE F 3 -6.95 20.60 5.82
CA ILE F 3 -7.07 19.92 4.53
C ILE F 3 -8.44 19.27 4.45
N VAL F 4 -9.16 19.53 3.37
CA VAL F 4 -10.44 18.89 3.12
C VAL F 4 -10.19 17.63 2.30
N MET F 5 -10.59 16.49 2.84
CA MET F 5 -10.49 15.21 2.15
C MET F 5 -11.85 14.83 1.60
N THR F 6 -11.91 14.55 0.30
CA THR F 6 -13.12 14.05 -0.34
C THR F 6 -12.91 12.61 -0.79
N GLN F 7 -14.02 11.88 -0.88
CA GLN F 7 -14.00 10.49 -1.30
C GLN F 7 -15.13 10.26 -2.29
N THR F 8 -14.93 9.30 -3.20
CA THR F 8 -15.96 8.93 -4.14
C THR F 8 -15.80 7.46 -4.49
N PRO F 9 -16.91 6.70 -4.64
CA PRO F 9 -18.27 7.20 -4.40
C PRO F 9 -18.64 7.17 -2.92
N VAL F 10 -19.84 7.64 -2.61
CA VAL F 10 -20.33 7.59 -1.23
C VAL F 10 -20.60 6.15 -0.81
N SER F 11 -21.28 5.40 -1.67
CA SER F 11 -21.53 3.99 -1.42
C SER F 11 -21.51 3.25 -2.75
N LEU F 12 -21.27 1.95 -2.68
CA LEU F 12 -21.34 1.09 -3.85
C LEU F 12 -21.71 -0.32 -3.41
N ALA F 13 -22.42 -1.03 -4.27
CA ALA F 13 -22.77 -2.42 -4.07
C ALA F 13 -22.23 -3.23 -5.24
N VAL F 14 -21.47 -4.27 -4.93
CA VAL F 14 -20.87 -5.13 -5.94
C VAL F 14 -21.31 -6.57 -5.68
N THR F 15 -21.09 -7.42 -6.68
CA THR F 15 -21.28 -8.86 -6.64
C THR F 15 -19.97 -9.55 -6.26
N PRO F 16 -20.02 -10.53 -5.36
CA PRO F 16 -18.81 -11.27 -4.98
C PRO F 16 -18.03 -11.73 -6.21
N GLY F 17 -16.74 -11.40 -6.23
CA GLY F 17 -15.87 -11.71 -7.34
C GLY F 17 -15.61 -10.55 -8.28
N GLN F 18 -16.43 -9.51 -8.23
CA GLN F 18 -16.24 -8.35 -9.08
C GLN F 18 -15.29 -7.35 -8.41
N SER F 19 -14.83 -6.38 -9.20
CA SER F 19 -13.85 -5.42 -8.70
C SER F 19 -14.54 -4.16 -8.19
N ALA F 20 -13.83 -3.46 -7.31
CA ALA F 20 -14.31 -2.21 -6.74
C ALA F 20 -13.17 -1.20 -6.72
N SER F 21 -13.50 0.07 -6.93
CA SER F 21 -12.51 1.12 -6.98
C SER F 21 -13.01 2.35 -6.22
N ILE F 22 -12.17 2.84 -5.30
CA ILE F 22 -12.47 4.02 -4.50
C ILE F 22 -11.34 5.02 -4.70
N SER F 23 -11.68 6.29 -4.75
CA SER F 23 -10.69 7.33 -4.98
C SER F 23 -10.79 8.40 -3.90
N CYS F 24 -9.65 8.97 -3.55
CA CYS F 24 -9.57 10.03 -2.57
C CYS F 24 -8.87 11.24 -3.17
N ARG F 25 -9.21 12.43 -2.68
CA ARG F 25 -8.49 13.63 -3.10
C ARG F 25 -8.39 14.62 -1.94
N SER F 26 -7.22 15.26 -1.85
CA SER F 26 -6.89 16.23 -0.81
C SER F 26 -6.96 17.64 -1.38
N SER F 27 -7.37 18.58 -0.52
CA SER F 27 -7.40 19.99 -0.91
C SER F 27 -6.00 20.57 -1.08
N GLN F 28 -4.98 19.93 -0.53
CA GLN F 28 -3.59 20.35 -0.71
C GLN F 28 -2.73 19.12 -0.86
N SER F 29 -1.59 19.28 -1.55
CA SER F 29 -0.70 18.16 -1.80
C SER F 29 -0.20 17.55 -0.49
N LEU F 30 -0.34 16.24 -0.38
CA LEU F 30 0.18 15.50 0.77
C LEU F 30 1.64 15.10 0.58
N LEU F 31 2.30 15.66 -0.43
CA LEU F 31 3.68 15.34 -0.74
C LEU F 31 4.61 16.15 0.16
N HIS F 32 5.59 15.47 0.77
CA HIS F 32 6.64 16.13 1.54
C HIS F 32 7.78 16.52 0.60
N GLY F 33 8.90 16.96 1.17
CA GLY F 33 10.09 17.20 0.37
C GLY F 33 10.89 15.95 0.08
N ASP F 34 10.56 14.83 0.71
CA ASP F 34 11.30 13.58 0.57
C ASP F 34 10.67 12.65 -0.45
N GLY F 35 9.70 13.11 -1.23
CA GLY F 35 9.02 12.27 -2.19
C GLY F 35 7.93 11.39 -1.63
N ARG F 36 7.70 11.42 -0.32
CA ARG F 36 6.71 10.58 0.33
C ARG F 36 5.40 11.34 0.50
N SER F 37 4.31 10.73 0.06
CA SER F 37 2.97 11.26 0.24
C SER F 37 2.32 10.52 1.41
N TYR F 38 1.99 11.24 2.47
CA TYR F 38 1.55 10.63 3.73
C TYR F 38 0.03 10.54 3.72
N LEU F 39 -0.48 9.46 3.13
CA LEU F 39 -1.90 9.14 3.12
C LEU F 39 -2.06 7.64 3.32
N TYR F 40 -3.00 7.27 4.18
CA TYR F 40 -3.25 5.86 4.42
C TYR F 40 -4.75 5.55 4.30
N TRP F 41 -5.03 4.30 3.93
CA TRP F 41 -6.39 3.78 3.78
C TRP F 41 -6.68 2.77 4.89
N TYR F 42 -7.92 2.80 5.38
CA TYR F 42 -8.38 1.82 6.35
C TYR F 42 -9.87 1.59 6.14
N VAL F 43 -10.37 0.49 6.71
CA VAL F 43 -11.76 0.10 6.58
C VAL F 43 -12.36 -0.13 7.96
N GLN F 44 -13.56 0.37 8.18
CA GLN F 44 -14.27 0.21 9.43
C GLN F 44 -15.37 -0.82 9.28
N ARG F 45 -15.44 -1.75 10.24
CA ARG F 45 -16.48 -2.78 10.28
C ARG F 45 -17.20 -2.72 11.62
N PRO F 46 -18.51 -3.00 11.64
CA PRO F 46 -19.25 -2.96 12.91
C PRO F 46 -18.78 -4.07 13.85
N GLY F 47 -18.47 -3.68 15.08
CA GLY F 47 -17.98 -4.61 16.08
C GLY F 47 -16.55 -5.05 15.90
N GLN F 48 -15.80 -4.43 15.00
CA GLN F 48 -14.41 -4.75 14.76
C GLN F 48 -13.55 -3.51 14.94
N SER F 49 -12.30 -3.74 15.30
CA SER F 49 -11.33 -2.65 15.30
C SER F 49 -10.96 -2.31 13.86
N PRO F 50 -10.63 -1.06 13.58
CA PRO F 50 -10.29 -0.68 12.20
C PRO F 50 -9.08 -1.44 11.70
N GLN F 51 -9.08 -1.73 10.41
CA GLN F 51 -8.02 -2.49 9.77
C GLN F 51 -7.24 -1.57 8.85
N LEU F 52 -5.94 -1.48 9.06
CA LEU F 52 -5.08 -0.68 8.19
C LEU F 52 -4.83 -1.43 6.90
N LEU F 53 -5.03 -0.75 5.77
CA LEU F 53 -4.91 -1.36 4.45
C LEU F 53 -3.67 -0.88 3.70
N MET F 54 -3.57 0.43 3.46
CA MET F 54 -2.42 1.03 2.80
C MET F 54 -1.85 2.12 3.70
N TYR F 55 -0.55 2.37 3.56
CA TYR F 55 0.09 3.51 4.19
C TYR F 55 1.07 4.12 3.20
N GLU F 56 1.21 5.44 3.28
CA GLU F 56 1.95 6.22 2.29
C GLU F 56 1.39 5.96 0.89
N ALA F 57 0.06 5.99 0.81
CA ALA F 57 -0.71 5.91 -0.42
C ALA F 57 -0.74 4.51 -1.03
N SER F 58 0.43 3.90 -1.23
CA SER F 58 0.51 2.73 -2.09
C SER F 58 1.13 1.49 -1.45
N THR F 59 1.66 1.58 -0.24
CA THR F 59 2.32 0.44 0.38
C THR F 59 1.27 -0.39 1.13
N ARG F 60 1.17 -1.67 0.76
CA ARG F 60 0.19 -2.55 1.37
C ARG F 60 0.73 -3.13 2.68
N VAL F 61 -0.04 -2.96 3.75
CA VAL F 61 0.33 -3.51 5.06
C VAL F 61 0.33 -5.03 4.99
N SER F 62 1.33 -5.64 5.62
CA SER F 62 1.43 -7.09 5.62
C SER F 62 0.24 -7.70 6.35
N GLY F 63 -0.28 -8.80 5.80
CA GLY F 63 -1.52 -9.38 6.26
C GLY F 63 -2.73 -8.98 5.42
N VAL F 64 -2.57 -8.00 4.54
CA VAL F 64 -3.65 -7.56 3.66
C VAL F 64 -3.53 -8.32 2.34
N PRO F 65 -4.62 -8.84 1.80
CA PRO F 65 -4.52 -9.66 0.58
C PRO F 65 -4.04 -8.87 -0.63
N ASP F 66 -3.55 -9.60 -1.63
CA ASP F 66 -3.15 -8.99 -2.89
C ASP F 66 -4.31 -8.31 -3.61
N ARG F 67 -5.55 -8.62 -3.23
CA ARG F 67 -6.70 -8.01 -3.87
C ARG F 67 -6.71 -6.50 -3.71
N PHE F 68 -6.14 -6.01 -2.61
CA PHE F 68 -6.08 -4.58 -2.36
C PHE F 68 -4.81 -4.00 -2.97
N THR F 69 -4.95 -2.87 -3.67
CA THR F 69 -3.80 -2.20 -4.25
C THR F 69 -4.03 -0.69 -4.17
N GLY F 70 -3.13 0.00 -3.49
CA GLY F 70 -3.17 1.45 -3.38
C GLY F 70 -2.27 2.11 -4.41
N SER F 71 -2.65 3.30 -4.83
CA SER F 71 -1.87 4.03 -5.82
C SER F 71 -2.20 5.52 -5.69
N GLY F 72 -1.37 6.34 -6.32
CA GLY F 72 -1.57 7.76 -6.36
C GLY F 72 -0.50 8.52 -5.59
N SER F 73 -0.54 9.83 -5.75
CA SER F 73 0.44 10.72 -5.12
C SER F 73 -0.12 12.13 -5.13
N GLY F 74 0.60 13.04 -4.48
CA GLY F 74 0.25 14.44 -4.49
C GLY F 74 -1.12 14.71 -3.90
N THR F 75 -2.15 14.76 -4.74
CA THR F 75 -3.50 15.05 -4.28
C THR F 75 -4.54 14.03 -4.71
N ASP F 76 -4.23 13.13 -5.65
CA ASP F 76 -5.18 12.14 -6.12
C ASP F 76 -4.70 10.74 -5.75
N PHE F 77 -5.61 9.94 -5.19
CA PHE F 77 -5.30 8.62 -4.68
C PHE F 77 -6.46 7.67 -4.97
N THR F 78 -6.14 6.38 -5.06
CA THR F 78 -7.12 5.37 -5.45
C THR F 78 -6.81 4.06 -4.73
N LEU F 79 -7.86 3.41 -4.23
CA LEU F 79 -7.78 2.08 -3.65
C LEU F 79 -8.58 1.12 -4.53
N LYS F 80 -7.98 -0.01 -4.88
CA LYS F 80 -8.60 -0.99 -5.78
C LYS F 80 -8.71 -2.32 -5.07
N ILE F 81 -9.90 -2.92 -5.14
CA ILE F 81 -10.15 -4.28 -4.66
C ILE F 81 -10.51 -5.11 -5.89
N SER F 82 -9.62 -6.03 -6.27
CA SER F 82 -9.74 -6.69 -7.57
C SER F 82 -10.92 -7.65 -7.61
N ARG F 83 -11.11 -8.45 -6.55
CA ARG F 83 -12.21 -9.41 -6.51
C ARG F 83 -12.80 -9.35 -5.10
N VAL F 84 -13.89 -8.61 -4.94
CA VAL F 84 -14.44 -8.33 -3.62
C VAL F 84 -14.97 -9.61 -3.00
N GLU F 85 -14.72 -9.76 -1.70
CA GLU F 85 -15.21 -10.89 -0.91
C GLU F 85 -16.09 -10.37 0.22
N ALA F 86 -16.78 -11.31 0.87
CA ALA F 86 -17.71 -10.95 1.94
C ALA F 86 -17.00 -10.27 3.10
N GLU F 87 -15.74 -10.63 3.35
CA GLU F 87 -15.00 -10.01 4.44
C GLU F 87 -14.68 -8.54 4.17
N ASP F 88 -14.78 -8.10 2.92
CA ASP F 88 -14.45 -6.72 2.57
C ASP F 88 -15.57 -5.73 2.85
N VAL F 89 -16.73 -6.20 3.32
CA VAL F 89 -17.83 -5.28 3.61
C VAL F 89 -17.41 -4.35 4.73
N GLY F 90 -17.63 -3.05 4.52
CA GLY F 90 -17.27 -2.07 5.51
C GLY F 90 -17.31 -0.67 4.89
N VAL F 91 -16.85 0.30 5.67
CA VAL F 91 -16.75 1.68 5.23
C VAL F 91 -15.27 2.02 5.13
N TYR F 92 -14.82 2.37 3.93
CA TYR F 92 -13.42 2.62 3.66
C TYR F 92 -13.14 4.11 3.72
N TYR F 93 -12.04 4.47 4.38
CA TYR F 93 -11.71 5.87 4.63
C TYR F 93 -10.29 6.15 4.13
N CYS F 94 -10.05 7.36 3.62
CA CYS F 94 -8.69 7.83 3.41
C CYS F 94 -8.41 8.94 4.41
N MET F 95 -7.16 9.02 4.84
CA MET F 95 -6.75 9.96 5.88
C MET F 95 -5.34 10.44 5.57
N GLN F 96 -5.16 11.75 5.62
CA GLN F 96 -3.85 12.37 5.48
C GLN F 96 -3.22 12.55 6.85
N GLY F 97 -1.91 12.30 6.93
CA GLY F 97 -1.22 12.34 8.20
C GLY F 97 0.00 13.24 8.23
N THR F 98 0.10 14.18 7.30
CA THR F 98 1.25 15.07 7.23
C THR F 98 1.00 16.42 7.89
N HIS F 99 -0.13 17.06 7.60
CA HIS F 99 -0.44 18.37 8.13
C HIS F 99 -1.29 18.26 9.39
N TRP F 100 -1.30 19.34 10.16
CA TRP F 100 -2.00 19.35 11.44
C TRP F 100 -3.27 20.17 11.33
N PRO F 101 -4.40 19.66 11.82
CA PRO F 101 -4.49 18.29 12.31
C PRO F 101 -4.82 17.31 11.19
N GLY F 102 -4.85 16.02 11.50
CA GLY F 102 -5.21 15.03 10.51
C GLY F 102 -6.65 15.19 10.05
N THR F 103 -6.90 14.82 8.81
CA THR F 103 -8.26 14.88 8.27
C THR F 103 -8.54 13.63 7.46
N PHE F 104 -9.80 13.21 7.47
CA PHE F 104 -10.21 11.99 6.81
C PHE F 104 -11.44 12.28 5.94
N GLY F 105 -11.63 11.41 4.95
CA GLY F 105 -12.72 11.54 4.01
C GLY F 105 -14.06 11.17 4.64
N PRO F 106 -15.15 11.42 3.90
CA PRO F 106 -16.47 11.09 4.45
C PRO F 106 -16.75 9.60 4.52
N GLY F 107 -15.97 8.78 3.83
CA GLY F 107 -16.15 7.34 3.89
C GLY F 107 -16.87 6.81 2.65
N THR F 108 -16.54 5.57 2.30
CA THR F 108 -17.15 4.88 1.17
C THR F 108 -17.74 3.58 1.68
N LYS F 109 -19.06 3.48 1.69
CA LYS F 109 -19.74 2.26 2.09
C LYS F 109 -19.62 1.23 0.99
N VAL F 110 -19.01 0.09 1.30
CA VAL F 110 -18.85 -1.01 0.35
C VAL F 110 -19.75 -2.15 0.82
N ASP F 111 -20.78 -2.45 0.04
CA ASP F 111 -21.72 -3.50 0.36
C ASP F 111 -21.67 -4.59 -0.71
N ILE F 112 -22.00 -5.81 -0.31
CA ILE F 112 -22.08 -6.95 -1.21
C ILE F 112 -23.55 -7.26 -1.44
N LYS F 113 -23.94 -7.39 -2.70
CA LYS F 113 -25.30 -7.79 -3.07
C LYS F 113 -25.36 -9.31 -3.05
N ARG F 114 -25.84 -9.87 -1.94
CA ARG F 114 -25.96 -11.33 -1.79
C ARG F 114 -27.32 -11.74 -2.34
N THR F 115 -27.35 -11.99 -3.64
CA THR F 115 -28.60 -12.41 -4.29
C THR F 115 -28.96 -13.84 -3.90
N VAL F 116 -30.21 -14.20 -4.15
CA VAL F 116 -30.61 -15.59 -4.02
C VAL F 116 -29.95 -16.40 -5.12
N ALA F 117 -29.30 -17.50 -4.74
CA ALA F 117 -28.57 -18.35 -5.68
C ALA F 117 -29.18 -19.75 -5.68
N ALA F 118 -29.51 -20.25 -6.86
CA ALA F 118 -29.98 -21.61 -6.96
C ALA F 118 -28.80 -22.59 -6.90
N PRO F 119 -29.01 -23.78 -6.35
CA PRO F 119 -27.91 -24.74 -6.28
C PRO F 119 -27.58 -25.30 -7.65
N SER F 120 -26.28 -25.44 -7.92
CA SER F 120 -25.80 -26.16 -9.09
C SER F 120 -25.62 -27.61 -8.66
N VAL F 121 -26.52 -28.49 -9.10
CA VAL F 121 -26.62 -29.83 -8.57
C VAL F 121 -25.90 -30.79 -9.51
N PHE F 122 -25.11 -31.69 -8.93
CA PHE F 122 -24.45 -32.77 -9.66
C PHE F 122 -24.60 -34.05 -8.87
N ILE F 123 -24.80 -35.16 -9.58
CA ILE F 123 -24.85 -36.48 -8.96
C ILE F 123 -23.61 -37.25 -9.39
N PHE F 124 -23.18 -38.19 -8.55
CA PHE F 124 -21.95 -38.93 -8.80
C PHE F 124 -22.13 -40.40 -8.42
N PRO F 125 -21.75 -41.33 -9.29
CA PRO F 125 -21.83 -42.75 -8.95
C PRO F 125 -20.70 -43.14 -8.03
N PRO F 126 -20.79 -44.29 -7.36
CA PRO F 126 -19.66 -44.75 -6.55
C PRO F 126 -18.50 -45.16 -7.43
N SER F 127 -17.31 -45.08 -6.85
CA SER F 127 -16.11 -45.48 -7.55
C SER F 127 -16.03 -47.00 -7.65
N ASP F 128 -15.35 -47.47 -8.70
CA ASP F 128 -15.12 -48.91 -8.85
C ASP F 128 -14.35 -49.47 -7.66
N GLU F 129 -13.41 -48.68 -7.12
CA GLU F 129 -12.61 -49.16 -6.00
C GLU F 129 -13.44 -49.28 -4.73
N GLN F 130 -14.34 -48.32 -4.48
CA GLN F 130 -15.21 -48.45 -3.31
C GLN F 130 -16.15 -49.66 -3.43
N LEU F 131 -16.58 -49.98 -4.65
CA LEU F 131 -17.45 -51.15 -4.83
C LEU F 131 -16.72 -52.43 -4.46
N LYS F 132 -15.41 -52.49 -4.69
CA LYS F 132 -14.64 -53.66 -4.29
C LYS F 132 -14.59 -53.82 -2.78
N SER F 133 -14.90 -52.76 -2.02
CA SER F 133 -15.02 -52.87 -0.57
C SER F 133 -16.36 -53.44 -0.13
N GLY F 134 -17.32 -53.55 -1.04
CA GLY F 134 -18.65 -54.03 -0.71
C GLY F 134 -19.66 -52.96 -0.43
N THR F 135 -19.25 -51.69 -0.39
CA THR F 135 -20.13 -50.57 -0.12
C THR F 135 -20.18 -49.64 -1.31
N ALA F 136 -21.29 -48.91 -1.43
CA ALA F 136 -21.51 -47.97 -2.52
C ALA F 136 -22.00 -46.65 -1.95
N SER F 137 -21.38 -45.56 -2.37
CA SER F 137 -21.75 -44.21 -1.92
C SER F 137 -22.16 -43.40 -3.14
N VAL F 138 -23.45 -43.16 -3.28
CA VAL F 138 -23.96 -42.26 -4.31
C VAL F 138 -24.04 -40.87 -3.69
N VAL F 139 -23.40 -39.90 -4.34
CA VAL F 139 -23.26 -38.56 -3.78
C VAL F 139 -23.93 -37.55 -4.71
N CYS F 140 -24.77 -36.70 -4.14
CA CYS F 140 -25.41 -35.59 -4.83
C CYS F 140 -24.88 -34.30 -4.24
N LEU F 141 -24.33 -33.43 -5.09
CA LEU F 141 -23.62 -32.24 -4.66
C LEU F 141 -24.44 -30.99 -4.97
N LEU F 142 -24.63 -30.14 -3.96
CA LEU F 142 -25.34 -28.87 -4.10
C LEU F 142 -24.34 -27.75 -3.96
N ASN F 143 -24.03 -27.08 -5.06
CA ASN F 143 -22.90 -26.15 -5.13
C ASN F 143 -23.39 -24.71 -5.15
N ASN F 144 -22.95 -23.93 -4.15
CA ASN F 144 -23.04 -22.48 -4.15
C ASN F 144 -24.48 -21.98 -4.26
N PHE F 145 -25.21 -22.17 -3.17
CA PHE F 145 -26.61 -21.75 -3.10
C PHE F 145 -26.82 -20.89 -1.86
N TYR F 146 -27.76 -19.95 -1.98
CA TYR F 146 -28.12 -19.03 -0.91
C TYR F 146 -29.60 -18.71 -1.09
N PRO F 147 -30.41 -18.79 -0.01
CA PRO F 147 -30.01 -19.07 1.38
C PRO F 147 -29.76 -20.54 1.70
N ARG F 148 -29.76 -20.85 3.00
CA ARG F 148 -29.27 -22.13 3.50
C ARG F 148 -30.30 -23.25 3.36
N GLU F 149 -31.59 -22.93 3.41
CA GLU F 149 -32.62 -23.95 3.43
C GLU F 149 -32.66 -24.70 2.10
N ALA F 150 -32.47 -26.01 2.16
CA ALA F 150 -32.51 -26.86 0.97
C ALA F 150 -33.09 -28.21 1.33
N LYS F 151 -33.60 -28.91 0.33
CA LYS F 151 -34.21 -30.22 0.50
C LYS F 151 -33.72 -31.14 -0.60
N VAL F 152 -33.24 -32.33 -0.20
CA VAL F 152 -32.72 -33.33 -1.13
C VAL F 152 -33.49 -34.62 -0.89
N GLN F 153 -33.97 -35.23 -1.98
CA GLN F 153 -34.64 -36.52 -1.94
C GLN F 153 -33.97 -37.46 -2.91
N TRP F 154 -33.85 -38.73 -2.53
CA TRP F 154 -33.19 -39.75 -3.33
C TRP F 154 -34.21 -40.70 -3.94
N LYS F 155 -33.96 -41.05 -5.21
CA LYS F 155 -34.79 -41.99 -5.94
C LYS F 155 -33.90 -43.05 -6.58
N VAL F 156 -34.27 -44.32 -6.44
CA VAL F 156 -33.53 -45.43 -7.03
C VAL F 156 -34.53 -46.22 -7.86
N ASP F 157 -34.48 -46.02 -9.18
CA ASP F 157 -35.44 -46.60 -10.13
C ASP F 157 -36.87 -46.30 -9.69
N ASN F 158 -37.14 -45.00 -9.52
CA ASN F 158 -38.47 -44.48 -9.24
C ASN F 158 -39.01 -44.93 -7.88
N ALA F 159 -38.13 -45.26 -6.94
CA ALA F 159 -38.52 -45.56 -5.57
C ALA F 159 -37.83 -44.59 -4.63
N LEU F 160 -38.62 -43.88 -3.81
CA LEU F 160 -38.08 -42.88 -2.89
C LEU F 160 -37.40 -43.57 -1.72
N GLN F 161 -36.12 -43.26 -1.51
CA GLN F 161 -35.39 -43.83 -0.39
C GLN F 161 -35.68 -43.07 0.89
N SER F 162 -35.42 -43.72 2.03
CA SER F 162 -35.64 -43.11 3.33
C SER F 162 -34.87 -43.89 4.39
N GLY F 163 -33.94 -43.21 5.08
CA GLY F 163 -33.20 -43.81 6.16
C GLY F 163 -31.78 -44.23 5.82
N ASN F 164 -31.41 -44.25 4.54
CA ASN F 164 -30.09 -44.67 4.10
C ASN F 164 -29.28 -43.52 3.53
N SER F 165 -29.54 -42.30 3.99
CA SER F 165 -28.87 -41.11 3.46
C SER F 165 -28.44 -40.22 4.61
N GLN F 166 -27.39 -39.43 4.35
CA GLN F 166 -26.96 -38.41 5.30
C GLN F 166 -26.33 -37.25 4.55
N GLU F 167 -26.54 -36.05 5.08
CA GLU F 167 -26.10 -34.81 4.45
C GLU F 167 -25.02 -34.15 5.30
N SER F 168 -24.03 -33.55 4.62
CA SER F 168 -22.97 -32.81 5.27
C SER F 168 -22.92 -31.43 4.65
N VAL F 169 -23.13 -30.40 5.48
CA VAL F 169 -23.18 -29.02 5.02
C VAL F 169 -21.87 -28.32 5.36
N THR F 170 -21.41 -27.45 4.47
CA THR F 170 -20.27 -26.60 4.76
C THR F 170 -20.74 -25.28 5.35
N GLU F 171 -19.81 -24.57 5.99
CA GLU F 171 -20.11 -23.25 6.48
C GLU F 171 -20.34 -22.29 5.30
N GLN F 172 -20.82 -21.09 5.63
CA GLN F 172 -20.98 -20.06 4.62
C GLN F 172 -19.64 -19.78 3.94
N ASP F 173 -19.62 -19.86 2.61
CA ASP F 173 -18.41 -19.59 1.85
C ASP F 173 -17.83 -18.24 2.24
N SER F 174 -16.55 -18.23 2.59
CA SER F 174 -15.88 -17.04 3.10
C SER F 174 -15.78 -15.92 2.08
N LYS F 175 -16.16 -16.15 0.82
CA LYS F 175 -16.01 -15.16 -0.23
C LYS F 175 -17.34 -14.67 -0.80
N ASP F 176 -18.24 -15.57 -1.20
CA ASP F 176 -19.52 -15.17 -1.77
C ASP F 176 -20.69 -15.48 -0.83
N SER F 177 -20.43 -15.90 0.40
CA SER F 177 -21.45 -16.14 1.41
C SER F 177 -22.47 -17.20 0.99
N THR F 178 -22.13 -18.05 0.03
CA THR F 178 -23.02 -19.11 -0.40
C THR F 178 -22.77 -20.39 0.39
N TYR F 179 -23.73 -21.29 0.33
CA TYR F 179 -23.65 -22.58 1.01
C TYR F 179 -23.44 -23.69 -0.01
N SER F 180 -22.81 -24.77 0.45
CA SER F 180 -22.63 -25.97 -0.36
C SER F 180 -22.87 -27.19 0.50
N LEU F 181 -23.63 -28.14 -0.03
CA LEU F 181 -24.07 -29.30 0.72
C LEU F 181 -23.86 -30.56 -0.10
N SER F 182 -23.55 -31.65 0.59
CA SER F 182 -23.39 -32.97 -0.03
C SER F 182 -24.34 -33.96 0.62
N SER F 183 -25.10 -34.67 -0.21
CA SER F 183 -25.97 -35.75 0.24
C SER F 183 -25.40 -37.07 -0.27
N THR F 184 -25.29 -38.04 0.62
CA THR F 184 -24.69 -39.34 0.29
C THR F 184 -25.69 -40.45 0.58
N LEU F 185 -26.05 -41.20 -0.46
CA LEU F 185 -26.87 -42.40 -0.32
C LEU F 185 -25.94 -43.61 -0.25
N THR F 186 -26.02 -44.36 0.85
CA THR F 186 -25.09 -45.45 1.11
C THR F 186 -25.84 -46.78 0.97
N LEU F 187 -25.46 -47.56 -0.04
CA LEU F 187 -26.02 -48.89 -0.24
C LEU F 187 -24.89 -49.91 -0.26
N SER F 188 -25.25 -51.17 -0.09
CA SER F 188 -24.29 -52.25 -0.26
C SER F 188 -23.98 -52.43 -1.74
N LYS F 189 -22.86 -53.10 -2.02
CA LYS F 189 -22.47 -53.35 -3.40
C LYS F 189 -23.53 -54.18 -4.11
N ALA F 190 -24.13 -55.15 -3.41
CA ALA F 190 -25.18 -55.97 -4.00
C ALA F 190 -26.42 -55.14 -4.29
N ASP F 191 -26.89 -54.37 -3.30
CA ASP F 191 -28.07 -53.55 -3.50
C ASP F 191 -27.87 -52.54 -4.62
N TYR F 192 -26.67 -51.95 -4.70
CA TYR F 192 -26.42 -50.93 -5.70
C TYR F 192 -26.49 -51.51 -7.11
N GLU F 193 -25.82 -52.64 -7.34
CA GLU F 193 -25.79 -53.25 -8.66
C GLU F 193 -27.12 -53.89 -9.04
N LYS F 194 -28.12 -53.86 -8.16
CA LYS F 194 -29.45 -54.32 -8.55
C LYS F 194 -30.12 -53.35 -9.50
N HIS F 195 -29.84 -52.05 -9.36
CA HIS F 195 -30.64 -51.01 -9.99
C HIS F 195 -29.85 -50.32 -11.10
N LYS F 196 -30.57 -49.52 -11.88
CA LYS F 196 -30.01 -48.87 -13.06
C LYS F 196 -29.99 -47.36 -12.95
N VAL F 197 -31.11 -46.73 -12.63
CA VAL F 197 -31.22 -45.27 -12.59
C VAL F 197 -31.19 -44.81 -11.15
N TYR F 198 -30.31 -43.86 -10.85
CA TYR F 198 -30.23 -43.22 -9.54
C TYR F 198 -30.46 -41.74 -9.73
N ALA F 199 -31.40 -41.18 -8.97
CA ALA F 199 -31.82 -39.80 -9.16
C ALA F 199 -31.72 -39.04 -7.86
N CYS F 200 -31.47 -37.74 -7.98
CA CYS F 200 -31.37 -36.83 -6.84
C CYS F 200 -32.28 -35.64 -7.11
N GLU F 201 -33.29 -35.46 -6.26
CA GLU F 201 -34.22 -34.35 -6.38
C GLU F 201 -33.83 -33.27 -5.38
N VAL F 202 -33.75 -32.03 -5.86
CA VAL F 202 -33.29 -30.89 -5.06
C VAL F 202 -34.30 -29.76 -5.21
N THR F 203 -34.84 -29.31 -4.08
CA THR F 203 -35.76 -28.17 -4.07
C THR F 203 -35.12 -27.03 -3.29
N HIS F 204 -35.25 -25.82 -3.82
CA HIS F 204 -34.63 -24.64 -3.24
C HIS F 204 -35.42 -23.41 -3.66
N GLN F 205 -35.32 -22.35 -2.86
CA GLN F 205 -36.07 -21.13 -3.13
C GLN F 205 -35.70 -20.53 -4.47
N GLY F 206 -34.42 -20.62 -4.85
CA GLY F 206 -33.95 -20.08 -6.11
C GLY F 206 -34.26 -20.91 -7.33
N LEU F 207 -35.01 -21.99 -7.18
CA LEU F 207 -35.40 -22.86 -8.28
C LEU F 207 -36.89 -22.71 -8.54
N SER F 208 -37.25 -22.41 -9.78
CA SER F 208 -38.67 -22.35 -10.14
C SER F 208 -39.31 -23.72 -10.05
N SER F 209 -38.58 -24.76 -10.44
CA SER F 209 -39.01 -26.15 -10.32
C SER F 209 -37.87 -26.97 -9.75
N PRO F 210 -38.17 -28.00 -8.95
CA PRO F 210 -37.11 -28.83 -8.38
C PRO F 210 -36.29 -29.50 -9.48
N VAL F 211 -35.00 -29.60 -9.23
CA VAL F 211 -34.08 -30.20 -10.19
C VAL F 211 -33.89 -31.67 -9.84
N THR F 212 -33.93 -32.53 -10.86
CA THR F 212 -33.71 -33.95 -10.70
C THR F 212 -32.48 -34.34 -11.53
N LYS F 213 -31.35 -34.57 -10.85
CA LYS F 213 -30.13 -35.00 -11.53
C LYS F 213 -30.08 -36.52 -11.53
N SER F 214 -29.60 -37.09 -12.64
CA SER F 214 -29.77 -38.52 -12.85
C SER F 214 -28.47 -39.14 -13.29
N PHE F 215 -28.44 -40.47 -13.24
CA PHE F 215 -27.46 -41.24 -13.98
C PHE F 215 -27.91 -42.69 -14.07
N ASN F 216 -27.56 -43.33 -15.18
CA ASN F 216 -27.85 -44.73 -15.45
C ASN F 216 -26.54 -45.51 -15.49
N ARG F 217 -26.41 -46.50 -14.61
CA ARG F 217 -25.21 -47.33 -14.57
C ARG F 217 -25.28 -48.51 -15.53
N GLY F 218 -26.46 -48.83 -16.05
CA GLY F 218 -26.62 -49.88 -17.03
C GLY F 218 -26.54 -49.37 -18.45
N GLU F 219 -27.32 -50.01 -19.33
CA GLU F 219 -27.34 -49.63 -20.74
C GLU F 219 -28.72 -49.85 -21.34
N ASP G 2 -21.65 -17.34 -27.34
CA ASP G 2 -22.17 -16.04 -26.94
C ASP G 2 -21.26 -15.37 -25.92
N ILE G 3 -20.87 -14.13 -26.21
CA ILE G 3 -19.98 -13.39 -25.31
C ILE G 3 -20.77 -12.93 -24.10
N VAL G 4 -20.24 -13.21 -22.91
CA VAL G 4 -20.88 -12.86 -21.66
C VAL G 4 -20.31 -11.53 -21.18
N MET G 5 -21.18 -10.55 -20.95
CA MET G 5 -20.79 -9.23 -20.51
C MET G 5 -21.05 -9.08 -19.02
N THR G 6 -20.03 -8.69 -18.28
CA THR G 6 -20.15 -8.42 -16.86
C THR G 6 -19.77 -6.97 -16.59
N GLN G 7 -20.44 -6.37 -15.60
CA GLN G 7 -20.21 -5.00 -15.23
C GLN G 7 -19.99 -4.90 -13.73
N THR G 8 -19.31 -3.83 -13.31
CA THR G 8 -19.12 -3.59 -11.89
C THR G 8 -18.98 -2.09 -11.68
N PRO G 9 -19.54 -1.52 -10.60
CA PRO G 9 -20.35 -2.23 -9.60
C PRO G 9 -21.79 -2.48 -10.06
N VAL G 10 -22.61 -3.06 -9.18
CA VAL G 10 -24.03 -3.17 -9.47
C VAL G 10 -24.69 -1.79 -9.37
N SER G 11 -24.35 -1.02 -8.34
CA SER G 11 -24.86 0.33 -8.17
C SER G 11 -23.84 1.15 -7.40
N LEU G 12 -23.94 2.47 -7.55
CA LEU G 12 -23.13 3.39 -6.77
C LEU G 12 -23.87 4.70 -6.61
N ALA G 13 -23.62 5.37 -5.48
CA ALA G 13 -24.15 6.70 -5.21
C ALA G 13 -22.99 7.68 -5.11
N VAL G 14 -23.11 8.82 -5.78
CA VAL G 14 -22.04 9.80 -5.89
C VAL G 14 -22.55 11.15 -5.40
N THR G 15 -21.65 11.93 -4.81
CA THR G 15 -21.88 13.33 -4.49
C THR G 15 -21.73 14.17 -5.76
N PRO G 16 -22.63 15.12 -6.00
CA PRO G 16 -22.51 15.98 -7.18
C PRO G 16 -21.15 16.68 -7.23
N GLY G 17 -20.46 16.55 -8.36
CA GLY G 17 -19.12 17.06 -8.52
C GLY G 17 -18.02 16.03 -8.37
N GLN G 18 -18.33 14.88 -7.76
CA GLN G 18 -17.37 13.81 -7.61
C GLN G 18 -17.32 12.95 -8.87
N SER G 19 -16.41 11.99 -8.91
CA SER G 19 -16.19 11.15 -10.06
C SER G 19 -16.76 9.75 -9.84
N ALA G 20 -17.04 9.06 -10.95
CA ALA G 20 -17.56 7.70 -10.92
C ALA G 20 -16.91 6.90 -12.04
N SER G 21 -16.59 5.63 -11.73
CA SER G 21 -15.95 4.74 -12.70
C SER G 21 -16.77 3.47 -12.82
N ILE G 22 -17.10 3.11 -14.06
CA ILE G 22 -17.81 1.87 -14.38
C ILE G 22 -16.91 1.00 -15.21
N SER G 23 -16.88 -0.30 -14.91
CA SER G 23 -16.03 -1.25 -15.60
C SER G 23 -16.88 -2.30 -16.31
N CYS G 24 -16.29 -2.90 -17.34
CA CYS G 24 -16.97 -3.87 -18.20
C CYS G 24 -15.98 -4.93 -18.64
N ARG G 25 -16.40 -6.20 -18.56
CA ARG G 25 -15.54 -7.32 -18.91
C ARG G 25 -16.26 -8.29 -19.85
N SER G 26 -15.55 -8.77 -20.85
CA SER G 26 -16.06 -9.71 -21.83
C SER G 26 -15.48 -11.09 -21.60
N SER G 27 -16.27 -12.12 -21.92
CA SER G 27 -15.80 -13.50 -21.74
C SER G 27 -14.66 -13.81 -22.69
N GLN G 28 -14.63 -13.17 -23.85
CA GLN G 28 -13.55 -13.27 -24.81
C GLN G 28 -13.15 -11.86 -25.25
N SER G 29 -12.00 -11.77 -25.92
CA SER G 29 -11.50 -10.46 -26.31
C SER G 29 -12.33 -9.90 -27.47
N LEU G 30 -12.58 -8.59 -27.41
CA LEU G 30 -13.38 -7.92 -28.42
C LEU G 30 -12.56 -7.38 -29.58
N LEU G 31 -11.31 -7.79 -29.70
CA LEU G 31 -10.48 -7.40 -30.83
C LEU G 31 -10.99 -8.09 -32.09
N HIS G 32 -11.64 -7.32 -32.95
CA HIS G 32 -12.13 -7.83 -34.23
C HIS G 32 -10.95 -8.16 -35.15
N GLY G 33 -11.26 -8.89 -36.22
CA GLY G 33 -10.24 -9.20 -37.21
C GLY G 33 -9.71 -8.00 -37.96
N ASP G 34 -10.47 -6.90 -38.01
CA ASP G 34 -10.03 -5.68 -38.66
C ASP G 34 -9.22 -4.78 -37.73
N GLY G 35 -8.90 -5.24 -36.52
CA GLY G 35 -8.04 -4.50 -35.62
C GLY G 35 -8.76 -3.56 -34.67
N ARG G 36 -10.04 -3.27 -34.91
CA ARG G 36 -10.84 -2.49 -33.97
C ARG G 36 -11.49 -3.39 -32.94
N SER G 37 -11.81 -2.79 -31.80
CA SER G 37 -12.48 -3.47 -30.69
C SER G 37 -13.82 -2.78 -30.47
N TYR G 38 -14.91 -3.42 -30.89
CA TYR G 38 -16.22 -2.78 -30.94
C TYR G 38 -16.91 -2.94 -29.59
N LEU G 39 -16.66 -1.99 -28.70
CA LEU G 39 -17.40 -1.89 -27.44
C LEU G 39 -17.84 -0.45 -27.25
N TYR G 40 -19.11 -0.25 -26.90
CA TYR G 40 -19.61 1.10 -26.66
C TYR G 40 -20.39 1.16 -25.35
N TRP G 41 -20.54 2.39 -24.87
CA TRP G 41 -21.21 2.69 -23.62
C TRP G 41 -22.44 3.54 -23.90
N TYR G 42 -23.52 3.29 -23.14
CA TYR G 42 -24.73 4.09 -23.25
C TYR G 42 -25.45 4.07 -21.91
N VAL G 43 -26.30 5.07 -21.70
CA VAL G 43 -27.01 5.25 -20.44
C VAL G 43 -28.51 5.19 -20.71
N GLN G 44 -29.24 4.46 -19.86
CA GLN G 44 -30.68 4.34 -19.94
C GLN G 44 -31.33 5.16 -18.84
N ARG G 45 -32.37 5.90 -19.19
CA ARG G 45 -33.13 6.71 -18.25
C ARG G 45 -34.62 6.45 -18.44
N PRO G 46 -35.39 6.49 -17.35
CA PRO G 46 -36.83 6.18 -17.47
C PRO G 46 -37.55 7.18 -18.36
N GLY G 47 -38.36 6.65 -19.28
CA GLY G 47 -39.09 7.50 -20.21
C GLY G 47 -38.23 8.20 -21.24
N GLN G 48 -37.02 7.72 -21.47
CA GLN G 48 -36.08 8.38 -22.37
C GLN G 48 -35.40 7.36 -23.27
N SER G 49 -35.00 7.82 -24.45
CA SER G 49 -34.26 6.97 -25.38
C SER G 49 -32.80 6.84 -24.92
N PRO G 50 -32.16 5.72 -25.24
CA PRO G 50 -30.77 5.52 -24.80
C PRO G 50 -29.84 6.54 -25.44
N GLN G 51 -28.91 7.06 -24.66
CA GLN G 51 -27.93 8.03 -25.14
C GLN G 51 -26.57 7.35 -25.23
N LEU G 52 -26.02 7.31 -26.45
CA LEU G 52 -24.69 6.77 -26.66
C LEU G 52 -23.64 7.74 -26.14
N LEU G 53 -22.65 7.22 -25.42
CA LEU G 53 -21.63 8.04 -24.77
C LEU G 53 -20.24 7.81 -25.33
N MET G 54 -19.81 6.56 -25.44
CA MET G 54 -18.48 6.21 -25.90
C MET G 54 -18.62 5.03 -26.85
N TYR G 55 -17.79 5.00 -27.88
CA TYR G 55 -17.78 3.87 -28.81
C TYR G 55 -16.34 3.55 -29.19
N GLU G 56 -16.14 2.31 -29.64
CA GLU G 56 -14.82 1.75 -29.88
C GLU G 56 -13.92 1.98 -28.66
N ALA G 57 -14.46 1.62 -27.50
CA ALA G 57 -13.79 1.65 -26.20
C ALA G 57 -13.51 3.07 -25.70
N SER G 58 -12.96 3.94 -26.56
CA SER G 58 -12.42 5.22 -26.10
C SER G 58 -12.89 6.45 -26.88
N THR G 59 -13.59 6.29 -28.00
CA THR G 59 -13.96 7.43 -28.83
C THR G 59 -15.26 8.04 -28.32
N ARG G 60 -15.19 9.27 -27.85
CA ARG G 60 -16.36 9.99 -27.37
C ARG G 60 -17.23 10.44 -28.54
N VAL G 61 -18.53 10.21 -28.43
CA VAL G 61 -19.45 10.62 -29.50
C VAL G 61 -19.66 12.13 -29.43
N SER G 62 -20.02 12.70 -30.58
CA SER G 62 -20.16 14.15 -30.70
C SER G 62 -21.28 14.66 -29.79
N GLY G 63 -20.96 15.70 -29.02
CA GLY G 63 -21.92 16.32 -28.12
C GLY G 63 -21.82 15.89 -26.68
N VAL G 64 -21.17 14.75 -26.42
CA VAL G 64 -20.98 14.31 -25.04
C VAL G 64 -19.85 15.13 -24.41
N PRO G 65 -20.03 15.65 -23.20
CA PRO G 65 -19.02 16.54 -22.61
C PRO G 65 -17.70 15.81 -22.36
N ASP G 66 -16.67 16.61 -22.08
CA ASP G 66 -15.34 16.10 -21.78
C ASP G 66 -15.28 15.28 -20.49
N ARG G 67 -16.30 15.38 -19.64
CA ARG G 67 -16.28 14.68 -18.36
C ARG G 67 -16.19 13.16 -18.54
N PHE G 68 -16.72 12.65 -19.65
CA PHE G 68 -16.73 11.21 -19.92
C PHE G 68 -15.45 10.80 -20.62
N THR G 69 -14.81 9.74 -20.11
CA THR G 69 -13.60 9.20 -20.70
C THR G 69 -13.70 7.68 -20.76
N GLY G 70 -13.30 7.10 -21.89
CA GLY G 70 -13.35 5.67 -22.10
C GLY G 70 -11.96 5.10 -22.28
N SER G 71 -11.75 3.90 -21.75
CA SER G 71 -10.45 3.24 -21.84
C SER G 71 -10.66 1.74 -21.78
N GLY G 72 -9.64 1.01 -22.25
CA GLY G 72 -9.62 -0.43 -22.16
C GLY G 72 -9.25 -1.09 -23.49
N SER G 73 -9.01 -2.39 -23.41
CA SER G 73 -8.69 -3.18 -24.58
C SER G 73 -8.90 -4.64 -24.25
N GLY G 74 -8.96 -5.47 -25.29
CA GLY G 74 -9.12 -6.90 -25.13
C GLY G 74 -10.41 -7.30 -24.46
N THR G 75 -10.37 -7.48 -23.14
CA THR G 75 -11.53 -7.92 -22.39
C THR G 75 -11.99 -6.96 -21.30
N ASP G 76 -11.18 -5.97 -20.93
CA ASP G 76 -11.48 -5.08 -19.81
C ASP G 76 -11.65 -3.66 -20.31
N PHE G 77 -12.72 -3.00 -19.87
CA PHE G 77 -13.03 -1.65 -20.31
C PHE G 77 -13.58 -0.86 -19.13
N THR G 78 -13.36 0.46 -19.15
CA THR G 78 -13.75 1.34 -18.06
C THR G 78 -14.34 2.62 -18.63
N LEU G 79 -15.47 3.05 -18.08
CA LEU G 79 -16.05 4.36 -18.36
C LEU G 79 -15.94 5.21 -17.11
N LYS G 80 -15.44 6.43 -17.27
CA LYS G 80 -15.21 7.34 -16.17
C LYS G 80 -15.98 8.63 -16.38
N ILE G 81 -16.66 9.10 -15.34
CA ILE G 81 -17.34 10.38 -15.32
C ILE G 81 -16.68 11.22 -14.23
N SER G 82 -16.04 12.33 -14.63
CA SER G 82 -15.15 13.04 -13.71
C SER G 82 -15.91 13.94 -12.75
N ARG G 83 -16.91 14.70 -13.24
CA ARG G 83 -17.68 15.62 -12.41
C ARG G 83 -19.15 15.35 -12.70
N VAL G 84 -19.72 14.35 -12.02
CA VAL G 84 -21.08 13.93 -12.35
C VAL G 84 -22.07 15.04 -12.01
N GLU G 85 -23.13 15.12 -12.79
CA GLU G 85 -24.19 16.10 -12.64
C GLU G 85 -25.52 15.38 -12.44
N ALA G 86 -26.56 16.15 -12.15
CA ALA G 86 -27.87 15.57 -11.88
C ALA G 86 -28.41 14.79 -13.07
N GLU G 87 -28.13 15.25 -14.29
CA GLU G 87 -28.63 14.57 -15.47
C GLU G 87 -27.84 13.33 -15.82
N ASP G 88 -26.74 13.05 -15.12
CA ASP G 88 -25.99 11.82 -15.33
C ASP G 88 -26.63 10.61 -14.65
N VAL G 89 -27.69 10.81 -13.86
CA VAL G 89 -28.33 9.70 -13.17
C VAL G 89 -28.95 8.76 -14.18
N GLY G 90 -28.75 7.46 -13.99
CA GLY G 90 -29.31 6.48 -14.88
C GLY G 90 -28.68 5.12 -14.66
N VAL G 91 -28.91 4.23 -15.62
CA VAL G 91 -28.29 2.91 -15.64
C VAL G 91 -27.38 2.86 -16.85
N TYR G 92 -26.10 2.55 -16.61
CA TYR G 92 -25.08 2.57 -17.64
C TYR G 92 -24.78 1.16 -18.10
N TYR G 93 -24.67 0.97 -19.42
CA TYR G 93 -24.47 -0.34 -20.00
C TYR G 93 -23.30 -0.31 -20.98
N CYS G 94 -22.62 -1.44 -21.08
CA CYS G 94 -21.66 -1.68 -22.15
C CYS G 94 -22.21 -2.74 -23.08
N MET G 95 -21.83 -2.67 -24.34
CA MET G 95 -22.29 -3.64 -25.34
C MET G 95 -21.19 -3.83 -26.37
N GLN G 96 -21.00 -5.08 -26.78
CA GLN G 96 -20.02 -5.43 -27.79
C GLN G 96 -20.69 -5.64 -29.14
N GLY G 97 -19.98 -5.25 -30.20
CA GLY G 97 -20.43 -5.48 -31.55
C GLY G 97 -19.41 -6.22 -32.38
N THR G 98 -18.48 -6.91 -31.70
CA THR G 98 -17.42 -7.62 -32.39
C THR G 98 -17.88 -9.02 -32.82
N HIS G 99 -18.51 -9.75 -31.91
CA HIS G 99 -18.97 -11.10 -32.17
C HIS G 99 -20.48 -11.12 -32.35
N TRP G 100 -20.95 -12.05 -33.19
CA TRP G 100 -22.38 -12.22 -33.39
C TRP G 100 -22.92 -13.26 -32.42
N PRO G 101 -24.04 -12.97 -31.72
CA PRO G 101 -24.73 -11.68 -31.78
C PRO G 101 -24.17 -10.68 -30.78
N GLY G 102 -24.67 -9.45 -30.82
CA GLY G 102 -24.29 -8.48 -29.81
C GLY G 102 -24.77 -8.89 -28.44
N THR G 103 -24.03 -8.47 -27.42
CA THR G 103 -24.39 -8.78 -26.03
C THR G 103 -24.05 -7.57 -25.17
N PHE G 104 -24.80 -7.40 -24.09
CA PHE G 104 -24.67 -6.26 -23.21
C PHE G 104 -24.62 -6.72 -21.76
N GLY G 105 -24.01 -5.88 -20.91
CA GLY G 105 -23.88 -6.19 -19.51
C GLY G 105 -25.15 -5.93 -18.73
N PRO G 106 -25.12 -6.28 -17.44
CA PRO G 106 -26.30 -6.11 -16.59
C PRO G 106 -26.58 -4.67 -16.19
N GLY G 107 -25.69 -3.75 -16.52
CA GLY G 107 -25.92 -2.36 -16.18
C GLY G 107 -25.43 -2.01 -14.79
N THR G 108 -25.00 -0.76 -14.65
CA THR G 108 -24.65 -0.17 -13.36
C THR G 108 -25.52 1.05 -13.16
N LYS G 109 -26.31 1.07 -12.09
CA LYS G 109 -27.15 2.20 -11.77
C LYS G 109 -26.31 3.24 -11.04
N VAL G 110 -26.17 4.42 -11.62
CA VAL G 110 -25.41 5.53 -11.05
C VAL G 110 -26.40 6.48 -10.42
N ASP G 111 -26.34 6.63 -9.09
CA ASP G 111 -27.21 7.52 -8.36
C ASP G 111 -26.43 8.74 -7.86
N ILE G 112 -27.18 9.74 -7.40
CA ILE G 112 -26.64 10.94 -6.79
C ILE G 112 -27.20 11.06 -5.38
N LYS G 113 -26.32 11.18 -4.40
CA LYS G 113 -26.74 11.40 -3.01
C LYS G 113 -26.92 12.89 -2.80
N ARG G 114 -28.17 13.32 -2.61
CA ARG G 114 -28.51 14.72 -2.40
C ARG G 114 -28.66 14.95 -0.90
N THR G 115 -27.58 15.39 -0.27
CA THR G 115 -27.59 15.60 1.17
C THR G 115 -28.18 16.96 1.52
N VAL G 116 -28.62 17.07 2.77
CA VAL G 116 -29.12 18.35 3.28
C VAL G 116 -27.96 19.34 3.35
N ALA G 117 -28.17 20.53 2.78
CA ALA G 117 -27.17 21.58 2.75
C ALA G 117 -27.73 22.85 3.37
N ALA G 118 -27.01 23.40 4.34
CA ALA G 118 -27.45 24.64 4.96
C ALA G 118 -27.14 25.83 4.05
N PRO G 119 -28.00 26.85 4.04
CA PRO G 119 -27.74 28.00 3.17
C PRO G 119 -26.59 28.85 3.69
N SER G 120 -25.81 29.40 2.76
CA SER G 120 -24.82 30.42 3.06
C SER G 120 -25.50 31.78 2.91
N VAL G 121 -25.64 32.49 4.02
CA VAL G 121 -26.45 33.70 4.08
C VAL G 121 -25.56 34.93 3.99
N PHE G 122 -25.92 35.85 3.10
CA PHE G 122 -25.19 37.10 2.93
C PHE G 122 -26.18 38.25 2.81
N ILE G 123 -25.83 39.40 3.40
CA ILE G 123 -26.65 40.60 3.33
C ILE G 123 -25.86 41.67 2.58
N PHE G 124 -26.58 42.46 1.76
CA PHE G 124 -25.97 43.53 0.99
C PHE G 124 -26.80 44.79 1.17
N PRO G 125 -26.19 45.90 1.52
CA PRO G 125 -26.91 47.18 1.50
C PRO G 125 -27.21 47.59 0.07
N PRO G 126 -28.15 48.51 -0.13
CA PRO G 126 -28.38 49.03 -1.48
C PRO G 126 -27.19 49.84 -1.97
N SER G 127 -26.98 49.82 -3.27
CA SER G 127 -25.91 50.60 -3.88
C SER G 127 -26.21 52.10 -3.77
N ASP G 128 -25.15 52.90 -3.75
CA ASP G 128 -25.32 54.34 -3.71
C ASP G 128 -25.98 54.87 -4.97
N GLU G 129 -25.81 54.19 -6.10
CA GLU G 129 -26.45 54.64 -7.34
C GLU G 129 -27.95 54.39 -7.30
N GLN G 130 -28.38 53.28 -6.68
CA GLN G 130 -29.82 53.05 -6.54
C GLN G 130 -30.45 54.05 -5.59
N LEU G 131 -29.71 54.50 -4.58
CA LEU G 131 -30.26 55.48 -3.64
C LEU G 131 -30.57 56.80 -4.34
N LYS G 132 -29.84 57.12 -5.41
CA LYS G 132 -30.12 58.34 -6.17
C LYS G 132 -31.45 58.29 -6.90
N SER G 133 -32.01 57.09 -7.08
CA SER G 133 -33.33 56.94 -7.69
C SER G 133 -34.47 57.05 -6.69
N GLY G 134 -34.16 57.15 -5.39
CA GLY G 134 -35.17 57.28 -4.36
C GLY G 134 -35.64 55.98 -3.76
N THR G 135 -35.17 54.83 -4.24
CA THR G 135 -35.59 53.53 -3.74
C THR G 135 -34.38 52.71 -3.34
N ALA G 136 -34.49 52.02 -2.21
CA ALA G 136 -33.41 51.18 -1.68
C ALA G 136 -33.89 49.73 -1.61
N SER G 137 -33.03 48.82 -2.04
CA SER G 137 -33.33 47.39 -2.04
C SER G 137 -32.27 46.67 -1.21
N VAL G 138 -32.65 46.21 -0.03
CA VAL G 138 -31.75 45.45 0.84
C VAL G 138 -31.90 43.98 0.50
N VAL G 139 -30.79 43.35 0.13
CA VAL G 139 -30.78 41.99 -0.40
C VAL G 139 -30.22 41.03 0.65
N CYS G 140 -30.96 39.95 0.89
CA CYS G 140 -30.51 38.85 1.74
C CYS G 140 -30.42 37.60 0.85
N LEU G 141 -29.22 37.06 0.71
CA LEU G 141 -28.96 35.96 -0.23
C LEU G 141 -28.80 34.65 0.54
N LEU G 142 -29.56 33.64 0.12
CA LEU G 142 -29.46 32.28 0.64
C LEU G 142 -28.86 31.41 -0.46
N ASN G 143 -27.65 30.89 -0.22
CA ASN G 143 -26.84 30.28 -1.26
C ASN G 143 -26.72 28.76 -1.06
N ASN G 144 -27.18 28.00 -2.05
CA ASN G 144 -26.92 26.56 -2.19
C ASN G 144 -27.39 25.78 -0.95
N PHE G 145 -28.71 25.66 -0.85
CA PHE G 145 -29.31 24.93 0.26
C PHE G 145 -30.26 23.86 -0.26
N TYR G 146 -30.45 22.83 0.56
CA TYR G 146 -31.35 21.72 0.26
C TYR G 146 -31.86 21.19 1.58
N PRO G 147 -33.16 20.91 1.71
CA PRO G 147 -34.19 21.04 0.66
C PRO G 147 -34.69 22.48 0.46
N ARG G 148 -35.92 22.61 -0.06
CA ARG G 148 -36.39 23.90 -0.57
C ARG G 148 -36.85 24.83 0.55
N GLU G 149 -37.71 24.34 1.45
CA GLU G 149 -38.41 25.23 2.35
C GLU G 149 -37.46 25.92 3.32
N ALA G 150 -37.56 27.24 3.38
CA ALA G 150 -36.84 28.05 4.36
C ALA G 150 -37.68 29.28 4.67
N LYS G 151 -37.30 29.97 5.76
CA LYS G 151 -38.02 31.15 6.20
C LYS G 151 -37.05 32.30 6.38
N VAL G 152 -37.45 33.48 5.92
CA VAL G 152 -36.63 34.70 5.99
C VAL G 152 -37.44 35.76 6.70
N GLN G 153 -36.92 36.28 7.80
CA GLN G 153 -37.49 37.41 8.51
C GLN G 153 -36.54 38.60 8.39
N TRP G 154 -37.11 39.79 8.29
CA TRP G 154 -36.33 41.02 8.18
C TRP G 154 -36.46 41.83 9.46
N LYS G 155 -35.38 42.53 9.82
CA LYS G 155 -35.34 43.35 11.02
C LYS G 155 -34.64 44.66 10.72
N VAL G 156 -35.26 45.77 11.11
CA VAL G 156 -34.72 47.12 10.90
C VAL G 156 -34.73 47.82 12.25
N ASP G 157 -33.54 48.02 12.83
CA ASP G 157 -33.40 48.62 14.15
C ASP G 157 -34.27 47.90 15.18
N ASN G 158 -34.15 46.57 15.21
CA ASN G 158 -34.83 45.68 16.16
C ASN G 158 -36.33 45.55 15.90
N ALA G 159 -36.83 46.04 14.77
CA ALA G 159 -38.25 45.97 14.45
C ALA G 159 -38.49 44.91 13.38
N LEU G 160 -39.47 44.04 13.61
CA LEU G 160 -39.77 42.97 12.67
C LEU G 160 -40.65 43.48 11.53
N GLN G 161 -40.20 43.24 10.30
CA GLN G 161 -40.92 43.69 9.11
C GLN G 161 -41.98 42.68 8.71
N SER G 162 -42.94 43.15 7.91
CA SER G 162 -44.08 42.31 7.54
C SER G 162 -44.79 42.96 6.34
N GLY G 163 -44.53 42.44 5.14
CA GLY G 163 -45.25 42.85 3.96
C GLY G 163 -44.51 43.75 2.99
N ASN G 164 -43.23 44.04 3.25
CA ASN G 164 -42.43 44.88 2.37
C ASN G 164 -41.29 44.12 1.72
N SER G 165 -41.29 42.80 1.79
CA SER G 165 -40.23 41.97 1.24
C SER G 165 -40.78 41.04 0.16
N GLN G 166 -39.91 40.65 -0.77
CA GLN G 166 -40.27 39.79 -1.88
C GLN G 166 -39.14 38.80 -2.12
N GLU G 167 -39.48 37.52 -2.18
CA GLU G 167 -38.49 36.46 -2.33
C GLU G 167 -38.43 35.98 -3.78
N SER G 168 -37.27 35.42 -4.13
CA SER G 168 -37.01 34.90 -5.46
C SER G 168 -36.01 33.75 -5.35
N VAL G 169 -36.31 32.62 -5.99
CA VAL G 169 -35.49 31.42 -5.88
C VAL G 169 -35.20 30.89 -7.29
N THR G 170 -33.91 30.79 -7.63
CA THR G 170 -33.51 30.22 -8.91
C THR G 170 -33.87 28.75 -8.94
N GLU G 171 -34.47 28.30 -10.06
CA GLU G 171 -34.85 26.90 -10.22
C GLU G 171 -33.67 25.98 -9.94
N GLN G 172 -33.49 25.61 -8.67
CA GLN G 172 -32.50 24.63 -8.26
C GLN G 172 -31.11 25.10 -8.67
N ASP G 173 -30.20 24.14 -8.83
CA ASP G 173 -29.02 24.26 -9.66
C ASP G 173 -28.99 23.01 -10.50
N SER G 174 -28.81 23.16 -11.82
CA SER G 174 -29.00 22.03 -12.72
C SER G 174 -27.93 20.95 -12.56
N LYS G 175 -26.98 21.11 -11.65
CA LYS G 175 -25.92 20.12 -11.44
C LYS G 175 -26.02 19.43 -10.08
N ASP G 176 -26.13 20.20 -8.99
CA ASP G 176 -26.16 19.62 -7.65
C ASP G 176 -27.53 19.71 -6.99
N SER G 177 -28.52 20.32 -7.65
CA SER G 177 -29.92 20.36 -7.19
C SER G 177 -30.09 21.05 -5.84
N THR G 178 -29.13 21.86 -5.41
CA THR G 178 -29.37 22.74 -4.28
C THR G 178 -30.20 23.93 -4.74
N TYR G 179 -30.66 24.71 -3.78
CA TYR G 179 -31.46 25.89 -4.06
C TYR G 179 -30.72 27.14 -3.64
N SER G 180 -31.06 28.26 -4.27
CA SER G 180 -30.50 29.55 -3.94
C SER G 180 -31.58 30.61 -4.04
N LEU G 181 -31.78 31.36 -2.95
CA LEU G 181 -32.87 32.33 -2.82
C LEU G 181 -32.30 33.71 -2.52
N SER G 182 -33.03 34.74 -2.96
CA SER G 182 -32.67 36.13 -2.70
C SER G 182 -33.91 36.87 -2.23
N SER G 183 -33.85 37.42 -1.02
CA SER G 183 -34.94 38.20 -0.44
C SER G 183 -34.58 39.68 -0.48
N THR G 184 -35.53 40.50 -0.92
CA THR G 184 -35.31 41.93 -1.08
C THR G 184 -36.32 42.71 -0.24
N LEU G 185 -35.82 43.51 0.71
CA LEU G 185 -36.63 44.44 1.46
C LEU G 185 -36.51 45.80 0.78
N THR G 186 -37.63 46.29 0.25
CA THR G 186 -37.65 47.52 -0.55
C THR G 186 -38.13 48.67 0.32
N LEU G 187 -37.28 49.69 0.46
CA LEU G 187 -37.61 50.90 1.20
C LEU G 187 -37.43 52.12 0.31
N SER G 188 -38.11 53.20 0.67
CA SER G 188 -37.80 54.49 0.08
C SER G 188 -36.42 54.96 0.58
N LYS G 189 -35.80 55.84 -0.19
CA LYS G 189 -34.47 56.32 0.17
C LYS G 189 -34.48 56.94 1.56
N ALA G 190 -35.42 57.86 1.81
CA ALA G 190 -35.48 58.52 3.12
C ALA G 190 -35.75 57.52 4.22
N ASP G 191 -36.68 56.58 4.01
CA ASP G 191 -36.94 55.54 4.99
C ASP G 191 -35.69 54.74 5.31
N TYR G 192 -34.89 54.43 4.28
CA TYR G 192 -33.70 53.61 4.49
C TYR G 192 -32.63 54.37 5.26
N GLU G 193 -32.43 55.65 4.95
CA GLU G 193 -31.35 56.41 5.56
C GLU G 193 -31.62 56.78 7.01
N LYS G 194 -32.84 56.56 7.50
CA LYS G 194 -33.21 56.89 8.87
C LYS G 194 -32.94 55.75 9.85
N HIS G 195 -32.42 54.62 9.38
CA HIS G 195 -32.16 53.48 10.24
C HIS G 195 -30.72 53.04 10.10
N LYS G 196 -30.21 52.38 11.15
CA LYS G 196 -28.81 52.01 11.23
C LYS G 196 -28.58 50.53 10.91
N VAL G 197 -29.24 49.64 11.65
CA VAL G 197 -28.99 48.20 11.55
C VAL G 197 -30.07 47.55 10.71
N TYR G 198 -29.65 46.80 9.70
CA TYR G 198 -30.55 45.98 8.88
C TYR G 198 -30.10 44.53 8.99
N ALA G 199 -31.07 43.63 9.19
CA ALA G 199 -30.75 42.22 9.40
C ALA G 199 -31.80 41.34 8.75
N CYS G 200 -31.38 40.14 8.36
CA CYS G 200 -32.29 39.13 7.85
C CYS G 200 -32.03 37.83 8.61
N GLU G 201 -33.11 37.23 9.11
CA GLU G 201 -33.04 36.00 9.89
C GLU G 201 -33.47 34.83 9.02
N VAL G 202 -32.65 33.79 8.96
CA VAL G 202 -32.84 32.65 8.07
C VAL G 202 -33.05 31.40 8.90
N THR G 203 -34.14 30.68 8.63
CA THR G 203 -34.46 29.43 9.30
C THR G 203 -34.46 28.31 8.26
N HIS G 204 -33.75 27.22 8.56
CA HIS G 204 -33.64 26.11 7.63
C HIS G 204 -33.26 24.86 8.41
N GLN G 205 -33.78 23.71 7.95
CA GLN G 205 -33.57 22.46 8.67
C GLN G 205 -32.11 22.05 8.72
N GLY G 206 -31.28 22.57 7.82
CA GLY G 206 -29.85 22.30 7.85
C GLY G 206 -29.07 23.17 8.81
N LEU G 207 -29.73 24.07 9.53
CA LEU G 207 -29.07 24.95 10.49
C LEU G 207 -29.32 24.45 11.90
N SER G 208 -28.27 24.46 12.72
CA SER G 208 -28.43 24.19 14.14
C SER G 208 -29.45 25.12 14.76
N SER G 209 -29.29 26.42 14.52
CA SER G 209 -30.18 27.46 14.99
C SER G 209 -30.29 28.51 13.90
N PRO G 210 -31.36 29.30 13.90
CA PRO G 210 -31.51 30.34 12.87
C PRO G 210 -30.34 31.31 12.91
N VAL G 211 -29.77 31.57 11.73
CA VAL G 211 -28.64 32.48 11.57
C VAL G 211 -29.17 33.85 11.15
N THR G 212 -28.56 34.90 11.69
CA THR G 212 -28.95 36.27 11.38
C THR G 212 -27.74 37.03 10.85
N LYS G 213 -27.81 37.47 9.60
CA LYS G 213 -26.79 38.30 8.99
C LYS G 213 -27.28 39.75 8.98
N SER G 214 -26.41 40.67 9.35
CA SER G 214 -26.80 42.06 9.52
C SER G 214 -25.70 42.98 9.03
N PHE G 215 -26.07 44.24 8.79
CA PHE G 215 -25.10 45.30 8.56
C PHE G 215 -25.59 46.58 9.22
N ASN G 216 -24.65 47.43 9.62
CA ASN G 216 -24.93 48.72 10.22
C ASN G 216 -24.70 49.82 9.18
N ARG G 217 -25.70 50.68 9.00
CA ARG G 217 -25.62 51.73 7.99
C ARG G 217 -24.86 52.95 8.47
N GLY G 218 -24.84 53.21 9.77
CA GLY G 218 -24.14 54.37 10.31
C GLY G 218 -23.17 54.04 11.42
N ASP H 2 74.79 -19.26 29.50
CA ASP H 2 74.56 -19.17 28.07
C ASP H 2 73.34 -19.98 27.67
N ILE H 3 72.23 -19.28 27.38
CA ILE H 3 70.95 -19.92 27.17
C ILE H 3 70.97 -20.72 25.87
N VAL H 4 70.53 -21.97 25.94
CA VAL H 4 70.36 -22.81 24.77
C VAL H 4 68.89 -22.83 24.40
N MET H 5 68.59 -22.49 23.15
CA MET H 5 67.22 -22.42 22.68
C MET H 5 66.93 -23.65 21.81
N THR H 6 65.96 -24.45 22.23
CA THR H 6 65.53 -25.62 21.48
C THR H 6 64.18 -25.33 20.81
N GLN H 7 63.97 -25.96 19.67
CA GLN H 7 62.74 -25.77 18.91
C GLN H 7 62.28 -27.10 18.34
N THR H 8 60.96 -27.26 18.21
CA THR H 8 60.38 -28.46 17.63
C THR H 8 59.04 -28.10 17.00
N PRO H 9 58.67 -28.71 15.86
CA PRO H 9 59.47 -29.70 15.12
C PRO H 9 60.51 -29.05 14.21
N VAL H 10 61.27 -29.89 13.50
CA VAL H 10 62.26 -29.37 12.55
C VAL H 10 61.57 -28.80 11.32
N SER H 11 60.72 -29.61 10.68
CA SER H 11 59.95 -29.20 9.52
C SER H 11 58.50 -29.61 9.70
N LEU H 12 57.64 -29.05 8.85
CA LEU H 12 56.20 -29.18 9.02
C LEU H 12 55.53 -28.97 7.67
N ALA H 13 54.74 -29.94 7.24
CA ALA H 13 53.96 -29.85 6.02
C ALA H 13 52.48 -29.84 6.38
N VAL H 14 51.77 -28.82 5.89
CA VAL H 14 50.37 -28.59 6.27
C VAL H 14 49.58 -28.24 5.02
N THR H 15 48.28 -28.56 5.04
CA THR H 15 47.40 -28.20 3.94
C THR H 15 46.73 -26.86 4.22
N PRO H 16 46.52 -26.06 3.17
CA PRO H 16 45.91 -24.73 3.37
C PRO H 16 44.57 -24.82 4.09
N GLY H 17 44.39 -23.96 5.07
CA GLY H 17 43.22 -23.96 5.92
C GLY H 17 43.42 -24.66 7.25
N GLN H 18 44.38 -25.57 7.35
CA GLN H 18 44.65 -26.27 8.59
C GLN H 18 45.53 -25.42 9.50
N SER H 19 45.75 -25.93 10.71
CA SER H 19 46.50 -25.21 11.72
C SER H 19 47.91 -25.78 11.86
N ALA H 20 48.80 -24.99 12.47
CA ALA H 20 50.17 -25.38 12.70
C ALA H 20 50.58 -24.97 14.11
N SER H 21 51.41 -25.79 14.75
CA SER H 21 51.87 -25.53 16.11
C SER H 21 53.38 -25.71 16.18
N ILE H 22 54.06 -24.69 16.68
CA ILE H 22 55.51 -24.71 16.90
C ILE H 22 55.75 -24.50 18.39
N SER H 23 56.75 -25.18 18.93
CA SER H 23 57.08 -25.10 20.35
C SER H 23 58.54 -24.73 20.53
N CYS H 24 58.83 -24.11 21.66
CA CYS H 24 60.16 -23.59 21.97
C CYS H 24 60.45 -23.79 23.44
N ARG H 25 61.67 -24.22 23.74
CA ARG H 25 62.11 -24.45 25.10
C ARG H 25 63.44 -23.75 25.32
N SER H 26 63.51 -22.96 26.39
CA SER H 26 64.74 -22.32 26.85
C SER H 26 65.40 -23.14 27.97
N SER H 27 66.74 -23.13 27.99
CA SER H 27 67.51 -23.85 29.00
C SER H 27 67.33 -23.25 30.39
N GLN H 28 67.12 -21.94 30.45
CA GLN H 28 66.82 -21.24 31.70
C GLN H 28 65.68 -20.28 31.44
N SER H 29 64.93 -19.98 32.50
CA SER H 29 63.73 -19.16 32.40
C SER H 29 64.06 -17.76 31.90
N LEU H 30 63.26 -17.28 30.96
CA LEU H 30 63.40 -15.95 30.40
C LEU H 30 62.48 -14.94 31.08
N LEU H 31 61.87 -15.31 32.19
CA LEU H 31 61.01 -14.42 32.95
C LEU H 31 61.84 -13.59 33.92
N HIS H 32 61.35 -12.39 34.23
CA HIS H 32 61.97 -11.52 35.21
C HIS H 32 60.88 -10.89 36.07
N GLY H 33 61.31 -10.08 37.04
CA GLY H 33 60.40 -9.35 37.92
C GLY H 33 59.43 -8.46 37.19
N ASP H 34 59.63 -8.25 35.88
CA ASP H 34 58.63 -7.58 35.05
C ASP H 34 57.29 -8.29 35.11
N GLY H 35 57.29 -9.59 35.41
CA GLY H 35 56.14 -10.42 35.15
C GLY H 35 56.02 -10.85 33.71
N ARG H 36 57.04 -10.60 32.90
CA ARG H 36 57.04 -10.89 31.48
C ARG H 36 58.17 -11.85 31.14
N SER H 37 57.90 -12.78 30.24
CA SER H 37 58.91 -13.67 29.69
C SER H 37 59.37 -13.10 28.36
N TYR H 38 60.67 -12.83 28.25
CA TYR H 38 61.21 -12.09 27.10
C TYR H 38 61.64 -13.08 26.03
N LEU H 39 60.68 -13.44 25.18
CA LEU H 39 60.89 -14.32 24.05
C LEU H 39 60.05 -13.82 22.89
N TYR H 40 60.60 -13.85 21.68
CA TYR H 40 59.88 -13.36 20.51
C TYR H 40 59.96 -14.37 19.38
N TRP H 41 58.90 -14.37 18.56
CA TRP H 41 58.74 -15.25 17.41
C TRP H 41 58.81 -14.43 16.13
N TYR H 42 59.58 -14.93 15.15
CA TYR H 42 59.70 -14.28 13.85
C TYR H 42 59.81 -15.35 12.78
N VAL H 43 59.54 -14.94 11.54
CA VAL H 43 59.54 -15.84 10.40
C VAL H 43 60.49 -15.27 9.34
N GLN H 44 61.34 -16.12 8.80
CA GLN H 44 62.23 -15.76 7.70
C GLN H 44 61.68 -16.31 6.39
N ARG H 45 61.77 -15.50 5.34
CA ARG H 45 61.30 -15.90 4.03
C ARG H 45 62.35 -15.57 2.98
N PRO H 46 62.42 -16.35 1.90
CA PRO H 46 63.38 -16.04 0.83
C PRO H 46 63.07 -14.70 0.18
N GLY H 47 64.09 -13.86 0.07
CA GLY H 47 63.94 -12.56 -0.56
C GLY H 47 63.19 -11.53 0.25
N GLN H 48 63.04 -11.76 1.56
CA GLN H 48 62.28 -10.85 2.41
C GLN H 48 63.07 -10.53 3.67
N SER H 49 62.70 -9.43 4.30
CA SER H 49 63.23 -9.11 5.60
C SER H 49 62.47 -9.89 6.67
N PRO H 50 63.11 -10.19 7.81
CA PRO H 50 62.42 -10.94 8.87
C PRO H 50 61.15 -10.22 9.32
N GLN H 51 60.13 -11.01 9.64
CA GLN H 51 58.85 -10.48 10.07
C GLN H 51 58.65 -10.85 11.53
N LEU H 52 58.61 -9.82 12.39
CA LEU H 52 58.33 -10.06 13.81
C LEU H 52 56.86 -10.38 13.99
N LEU H 53 56.58 -11.47 14.72
CA LEU H 53 55.21 -11.92 14.93
C LEU H 53 54.74 -11.74 16.37
N MET H 54 55.53 -12.23 17.33
CA MET H 54 55.22 -12.11 18.73
C MET H 54 56.41 -11.52 19.46
N TYR H 55 56.13 -10.84 20.57
CA TYR H 55 57.17 -10.41 21.49
C TYR H 55 56.64 -10.54 22.90
N GLU H 56 57.57 -10.66 23.86
CA GLU H 56 57.23 -10.97 25.24
C GLU H 56 56.34 -12.22 25.30
N ALA H 57 56.78 -13.25 24.58
CA ALA H 57 56.14 -14.56 24.52
C ALA H 57 54.76 -14.53 23.88
N SER H 58 53.89 -13.61 24.32
CA SER H 58 52.48 -13.68 23.99
C SER H 58 51.92 -12.49 23.22
N THR H 59 52.58 -11.33 23.24
CA THR H 59 52.01 -10.13 22.66
C THR H 59 52.16 -10.14 21.14
N ARG H 60 51.03 -10.08 20.44
CA ARG H 60 51.06 -10.06 18.98
C ARG H 60 51.49 -8.70 18.45
N VAL H 61 52.38 -8.72 17.47
CA VAL H 61 52.83 -7.49 16.82
C VAL H 61 51.68 -6.92 15.99
N SER H 62 51.45 -5.62 16.12
CA SER H 62 50.34 -4.98 15.41
C SER H 62 50.56 -5.07 13.91
N GLY H 63 49.51 -5.47 13.19
CA GLY H 63 49.58 -5.75 11.78
C GLY H 63 49.63 -7.23 11.43
N VAL H 64 50.03 -8.07 12.37
CA VAL H 64 50.07 -9.52 12.14
C VAL H 64 48.67 -10.08 12.30
N PRO H 65 48.22 -10.96 11.40
CA PRO H 65 46.85 -11.48 11.49
C PRO H 65 46.56 -12.13 12.84
N ASP H 66 45.27 -12.16 13.19
CA ASP H 66 44.82 -12.83 14.40
C ASP H 66 45.00 -14.34 14.34
N ARG H 67 45.31 -14.89 13.16
CA ARG H 67 45.56 -16.32 13.03
C ARG H 67 46.74 -16.76 13.86
N PHE H 68 47.69 -15.87 14.11
CA PHE H 68 48.85 -16.17 14.94
C PHE H 68 48.52 -15.90 16.40
N THR H 69 48.96 -16.81 17.27
CA THR H 69 48.72 -16.67 18.70
C THR H 69 49.93 -17.22 19.46
N GLY H 70 50.48 -16.40 20.34
CA GLY H 70 51.63 -16.79 21.15
C GLY H 70 51.21 -17.09 22.57
N SER H 71 51.89 -18.07 23.17
CA SER H 71 51.55 -18.51 24.52
C SER H 71 52.81 -19.04 25.19
N GLY H 72 52.79 -19.06 26.51
CA GLY H 72 53.87 -19.63 27.29
C GLY H 72 54.51 -18.62 28.23
N SER H 73 55.42 -19.13 29.04
CA SER H 73 56.13 -18.33 30.03
C SER H 73 57.32 -19.14 30.52
N GLY H 74 58.29 -18.43 31.09
CA GLY H 74 59.45 -19.05 31.70
C GLY H 74 60.31 -19.85 30.75
N THR H 75 59.94 -21.11 30.51
CA THR H 75 60.77 -22.03 29.73
C THR H 75 60.07 -22.61 28.51
N ASP H 76 58.75 -22.74 28.52
CA ASP H 76 58.02 -23.40 27.44
C ASP H 76 57.13 -22.39 26.73
N PHE H 77 57.22 -22.35 25.40
CA PHE H 77 56.48 -21.41 24.59
C PHE H 77 55.93 -22.11 23.36
N THR H 78 54.85 -21.56 22.82
CA THR H 78 54.17 -22.17 21.67
C THR H 78 53.63 -21.07 20.76
N LEU H 79 53.81 -21.27 19.45
CA LEU H 79 53.21 -20.40 18.44
C LEU H 79 52.26 -21.24 17.60
N LYS H 80 51.01 -20.79 17.50
CA LYS H 80 49.96 -21.51 16.80
C LYS H 80 49.44 -20.67 15.64
N ILE H 81 49.44 -21.25 14.44
CA ILE H 81 48.93 -20.59 13.24
C ILE H 81 47.67 -21.32 12.83
N SER H 82 46.52 -20.79 13.25
CA SER H 82 45.25 -21.34 12.77
C SER H 82 45.00 -20.87 11.34
N ARG H 83 44.55 -21.79 10.50
CA ARG H 83 44.22 -21.51 9.10
C ARG H 83 45.42 -20.85 8.39
N VAL H 84 46.44 -21.68 8.16
CA VAL H 84 47.64 -21.18 7.50
C VAL H 84 47.34 -20.87 6.03
N GLU H 85 48.19 -20.03 5.45
CA GLU H 85 48.02 -19.57 4.07
C GLU H 85 49.36 -19.66 3.33
N ALA H 86 49.35 -19.23 2.07
CA ALA H 86 50.54 -19.35 1.24
C ALA H 86 51.69 -18.49 1.76
N GLU H 87 51.39 -17.24 2.13
CA GLU H 87 52.44 -16.35 2.62
C GLU H 87 52.87 -16.67 4.05
N ASP H 88 52.22 -17.63 4.71
CA ASP H 88 52.70 -18.12 5.99
C ASP H 88 53.89 -19.06 5.85
N VAL H 89 54.22 -19.48 4.63
CA VAL H 89 55.35 -20.38 4.42
C VAL H 89 56.63 -19.66 4.79
N GLY H 90 57.47 -20.34 5.55
CA GLY H 90 58.74 -19.77 5.97
C GLY H 90 59.39 -20.65 7.01
N VAL H 91 60.46 -20.12 7.60
CA VAL H 91 61.17 -20.78 8.69
C VAL H 91 60.97 -19.93 9.94
N TYR H 92 60.28 -20.50 10.92
CA TYR H 92 59.92 -19.77 12.13
C TYR H 92 60.96 -20.01 13.22
N TYR H 93 61.23 -18.96 14.00
CA TYR H 93 62.25 -19.02 15.05
C TYR H 93 61.70 -18.41 16.33
N CYS H 94 62.21 -18.91 17.46
CA CYS H 94 62.06 -18.26 18.75
C CYS H 94 63.41 -17.75 19.21
N MET H 95 63.40 -16.68 19.99
CA MET H 95 64.65 -16.04 20.38
C MET H 95 64.45 -15.22 21.64
N GLN H 96 65.45 -15.25 22.52
CA GLN H 96 65.48 -14.41 23.71
C GLN H 96 66.58 -13.36 23.55
N GLY H 97 66.28 -12.13 23.96
CA GLY H 97 67.21 -11.04 23.77
C GLY H 97 67.56 -10.29 25.03
N THR H 98 67.28 -10.87 26.19
CA THR H 98 67.61 -10.24 27.46
C THR H 98 68.90 -10.74 28.07
N HIS H 99 69.25 -12.01 27.87
CA HIS H 99 70.48 -12.58 28.40
C HIS H 99 71.56 -12.56 27.32
N TRP H 100 72.77 -12.18 27.72
CA TRP H 100 73.87 -12.06 26.77
C TRP H 100 74.67 -13.37 26.72
N PRO H 101 75.00 -13.88 25.53
CA PRO H 101 74.51 -13.30 24.27
C PRO H 101 73.14 -13.84 23.89
N GLY H 102 72.43 -13.14 23.02
CA GLY H 102 71.14 -13.64 22.56
C GLY H 102 71.29 -14.96 21.83
N THR H 103 70.26 -15.79 21.97
CA THR H 103 70.30 -17.12 21.35
C THR H 103 68.95 -17.42 20.72
N PHE H 104 68.98 -18.25 19.69
CA PHE H 104 67.80 -18.51 18.86
C PHE H 104 67.69 -20.01 18.61
N GLY H 105 66.46 -20.45 18.35
CA GLY H 105 66.20 -21.84 18.04
C GLY H 105 66.70 -22.24 16.68
N PRO H 106 66.84 -23.54 16.43
CA PRO H 106 67.31 -24.00 15.12
C PRO H 106 66.32 -23.79 13.98
N GLY H 107 65.09 -23.34 14.27
CA GLY H 107 64.14 -23.01 13.23
C GLY H 107 63.18 -24.14 12.87
N THR H 108 61.94 -23.78 12.56
CA THR H 108 60.91 -24.73 12.17
C THR H 108 60.42 -24.36 10.78
N LYS H 109 60.64 -25.25 9.81
CA LYS H 109 60.21 -25.01 8.44
C LYS H 109 58.71 -25.35 8.32
N VAL H 110 57.93 -24.38 7.86
CA VAL H 110 56.50 -24.54 7.65
C VAL H 110 56.21 -24.46 6.16
N ASP H 111 55.73 -25.56 5.59
CA ASP H 111 55.47 -25.65 4.16
C ASP H 111 53.99 -25.87 3.90
N ILE H 112 53.55 -25.45 2.72
CA ILE H 112 52.19 -25.70 2.24
C ILE H 112 52.26 -26.85 1.24
N LYS H 113 51.39 -27.84 1.41
CA LYS H 113 51.29 -28.94 0.45
C LYS H 113 50.21 -28.56 -0.56
N ARG H 114 50.63 -28.05 -1.72
CA ARG H 114 49.71 -27.68 -2.79
C ARG H 114 49.58 -28.88 -3.72
N THR H 115 48.57 -29.70 -3.46
CA THR H 115 48.29 -30.85 -4.30
C THR H 115 47.80 -30.40 -5.67
N VAL H 116 47.81 -31.33 -6.62
CA VAL H 116 47.11 -31.10 -7.88
C VAL H 116 45.62 -31.02 -7.59
N ALA H 117 44.99 -29.94 -8.06
CA ALA H 117 43.59 -29.66 -7.75
C ALA H 117 42.79 -29.58 -9.04
N ALA H 118 41.82 -30.48 -9.19
CA ALA H 118 40.94 -30.43 -10.36
C ALA H 118 39.93 -29.29 -10.20
N PRO H 119 39.62 -28.59 -11.29
CA PRO H 119 38.65 -27.48 -11.20
C PRO H 119 37.24 -27.97 -10.93
N SER H 120 36.57 -27.30 -10.01
CA SER H 120 35.12 -27.47 -9.84
C SER H 120 34.43 -26.63 -10.91
N VAL H 121 33.71 -27.29 -11.82
CA VAL H 121 33.17 -26.63 -13.00
C VAL H 121 31.68 -26.41 -12.79
N PHE H 122 31.23 -25.19 -13.11
CA PHE H 122 29.82 -24.84 -13.09
C PHE H 122 29.50 -24.02 -14.33
N ILE H 123 28.25 -24.11 -14.78
CA ILE H 123 27.77 -23.37 -15.94
C ILE H 123 26.58 -22.53 -15.50
N PHE H 124 26.46 -21.34 -16.09
CA PHE H 124 25.40 -20.41 -15.72
C PHE H 124 24.73 -19.85 -16.97
N PRO H 125 23.40 -19.78 -16.97
CA PRO H 125 22.69 -19.10 -18.06
C PRO H 125 22.78 -17.59 -17.88
N PRO H 126 22.55 -16.82 -18.94
CA PRO H 126 22.45 -15.37 -18.78
C PRO H 126 21.25 -15.01 -17.94
N SER H 127 21.34 -13.86 -17.27
CA SER H 127 20.24 -13.40 -16.44
C SER H 127 19.12 -12.85 -17.31
N ASP H 128 17.89 -12.90 -16.77
CA ASP H 128 16.74 -12.38 -17.50
C ASP H 128 16.84 -10.88 -17.72
N GLU H 129 17.46 -10.14 -16.77
CA GLU H 129 17.62 -8.70 -16.96
C GLU H 129 18.60 -8.40 -18.08
N GLN H 130 19.68 -9.17 -18.19
CA GLN H 130 20.59 -8.98 -19.31
C GLN H 130 19.93 -9.32 -20.63
N LEU H 131 19.03 -10.31 -20.64
CA LEU H 131 18.32 -10.65 -21.87
C LEU H 131 17.40 -9.52 -22.31
N LYS H 132 16.79 -8.82 -21.35
CA LYS H 132 16.02 -7.62 -21.70
C LYS H 132 16.89 -6.57 -22.38
N SER H 133 18.20 -6.63 -22.22
CA SER H 133 19.07 -5.74 -22.96
C SER H 133 19.35 -6.17 -24.40
N GLY H 134 19.17 -7.44 -24.75
CA GLY H 134 19.46 -7.91 -26.09
C GLY H 134 20.75 -8.67 -26.24
N THR H 135 21.46 -8.89 -25.14
CA THR H 135 22.71 -9.65 -25.13
C THR H 135 22.60 -10.77 -24.11
N ALA H 136 23.18 -11.92 -24.45
CA ALA H 136 23.24 -13.08 -23.56
C ALA H 136 24.68 -13.45 -23.31
N SER H 137 25.04 -13.63 -22.04
CA SER H 137 26.39 -14.03 -21.63
C SER H 137 26.29 -15.34 -20.88
N VAL H 138 26.71 -16.43 -21.50
CA VAL H 138 26.77 -17.73 -20.84
C VAL H 138 28.14 -17.86 -20.19
N VAL H 139 28.16 -18.25 -18.92
CA VAL H 139 29.38 -18.25 -18.12
C VAL H 139 29.69 -19.67 -17.67
N CYS H 140 30.95 -20.08 -17.84
CA CYS H 140 31.45 -21.34 -17.32
C CYS H 140 32.56 -21.02 -16.32
N LEU H 141 32.42 -21.50 -15.10
CA LEU H 141 33.32 -21.17 -14.00
C LEU H 141 34.18 -22.38 -13.64
N LEU H 142 35.50 -22.18 -13.60
CA LEU H 142 36.46 -23.19 -13.19
C LEU H 142 37.02 -22.76 -11.84
N ASN H 143 36.58 -23.42 -10.77
CA ASN H 143 36.80 -22.93 -9.42
C ASN H 143 37.92 -23.72 -8.73
N ASN H 144 38.97 -23.01 -8.32
CA ASN H 144 40.00 -23.50 -7.39
C ASN H 144 40.70 -24.74 -7.94
N PHE H 145 41.57 -24.50 -8.92
CA PHE H 145 42.32 -25.57 -9.56
C PHE H 145 43.80 -25.23 -9.57
N TYR H 146 44.63 -26.26 -9.70
CA TYR H 146 46.07 -26.15 -9.74
C TYR H 146 46.59 -27.39 -10.46
N PRO H 147 47.51 -27.24 -11.43
CA PRO H 147 48.13 -25.99 -11.86
C PRO H 147 47.24 -25.10 -12.74
N ARG H 148 47.85 -24.14 -13.41
CA ARG H 148 47.09 -23.04 -14.00
C ARG H 148 46.49 -23.41 -15.35
N GLU H 149 47.21 -24.15 -16.17
CA GLU H 149 46.77 -24.34 -17.55
C GLU H 149 45.52 -25.21 -17.59
N ALA H 150 44.50 -24.73 -18.30
CA ALA H 150 43.25 -25.44 -18.49
C ALA H 150 42.66 -25.02 -19.82
N LYS H 151 41.74 -25.84 -20.33
CA LYS H 151 41.14 -25.60 -21.64
C LYS H 151 39.62 -25.71 -21.55
N VAL H 152 38.94 -24.77 -22.19
CA VAL H 152 37.49 -24.68 -22.16
C VAL H 152 36.97 -24.70 -23.60
N GLN H 153 35.98 -25.55 -23.84
CA GLN H 153 35.33 -25.65 -25.15
C GLN H 153 33.83 -25.47 -24.97
N TRP H 154 33.23 -24.65 -25.82
CA TRP H 154 31.81 -24.34 -25.74
C TRP H 154 31.03 -25.11 -26.81
N LYS H 155 29.94 -25.73 -26.40
CA LYS H 155 29.02 -26.43 -27.31
C LYS H 155 27.62 -25.88 -27.13
N VAL H 156 26.93 -25.67 -28.25
CA VAL H 156 25.55 -25.21 -28.26
C VAL H 156 24.80 -26.09 -29.25
N ASP H 157 23.93 -26.97 -28.72
CA ASP H 157 23.20 -27.93 -29.55
C ASP H 157 24.16 -28.78 -30.38
N ASN H 158 25.17 -29.35 -29.71
CA ASN H 158 26.16 -30.21 -30.32
C ASN H 158 26.98 -29.51 -31.39
N ALA H 159 26.93 -28.18 -31.44
CA ALA H 159 27.73 -27.40 -32.38
C ALA H 159 28.88 -26.75 -31.63
N LEU H 160 30.11 -26.99 -32.11
CA LEU H 160 31.30 -26.46 -31.46
C LEU H 160 31.45 -24.98 -31.79
N GLN H 161 31.61 -24.18 -30.74
CA GLN H 161 31.72 -22.73 -30.89
C GLN H 161 33.17 -22.30 -31.01
N SER H 162 33.37 -21.16 -31.68
CA SER H 162 34.70 -20.58 -31.85
C SER H 162 34.59 -19.14 -32.30
N GLY H 163 35.22 -18.22 -31.57
CA GLY H 163 35.27 -16.82 -31.92
C GLY H 163 34.41 -15.92 -31.04
N ASN H 164 33.50 -16.48 -30.25
CA ASN H 164 32.56 -15.71 -29.45
C ASN H 164 32.75 -15.96 -27.96
N SER H 165 33.97 -16.30 -27.54
CA SER H 165 34.25 -16.61 -26.14
C SER H 165 35.44 -15.78 -25.66
N GLN H 166 35.45 -15.50 -24.35
CA GLN H 166 36.52 -14.75 -23.72
C GLN H 166 36.77 -15.31 -22.33
N GLU H 167 38.03 -15.40 -21.94
CA GLU H 167 38.43 -15.93 -20.64
C GLU H 167 38.94 -14.80 -19.76
N SER H 168 38.70 -14.94 -18.45
CA SER H 168 39.19 -14.00 -17.46
C SER H 168 39.55 -14.77 -16.20
N VAL H 169 40.83 -14.79 -15.86
CA VAL H 169 41.34 -15.56 -14.74
C VAL H 169 41.81 -14.61 -13.65
N THR H 170 41.50 -14.95 -12.40
CA THR H 170 42.02 -14.22 -11.26
C THR H 170 43.34 -14.83 -10.82
N GLU H 171 44.15 -14.01 -10.14
CA GLU H 171 45.49 -14.39 -9.78
C GLU H 171 45.48 -15.60 -8.84
N GLN H 172 46.68 -16.18 -8.66
CA GLN H 172 46.87 -17.26 -7.70
C GLN H 172 46.33 -16.85 -6.34
N ASP H 173 45.39 -17.64 -5.81
CA ASP H 173 44.69 -17.29 -4.59
C ASP H 173 45.67 -16.97 -3.47
N SER H 174 45.31 -15.97 -2.66
CA SER H 174 46.20 -15.47 -1.62
C SER H 174 46.49 -16.52 -0.54
N LYS H 175 45.68 -17.58 -0.46
CA LYS H 175 45.77 -18.51 0.66
C LYS H 175 46.09 -19.94 0.22
N ASP H 176 45.31 -20.54 -0.69
CA ASP H 176 45.56 -21.91 -1.11
C ASP H 176 46.27 -21.99 -2.46
N SER H 177 46.66 -20.85 -3.03
CA SER H 177 47.44 -20.79 -4.27
C SER H 177 46.73 -21.45 -5.46
N THR H 178 45.41 -21.56 -5.42
CA THR H 178 44.67 -22.11 -6.54
C THR H 178 44.25 -21.00 -7.50
N TYR H 179 43.95 -21.40 -8.73
CA TYR H 179 43.48 -20.48 -9.76
C TYR H 179 41.99 -20.67 -9.98
N SER H 180 41.35 -19.61 -10.50
CA SER H 180 39.92 -19.65 -10.81
C SER H 180 39.69 -18.89 -12.10
N LEU H 181 39.07 -19.55 -13.08
CA LEU H 181 38.88 -19.01 -14.41
C LEU H 181 37.39 -18.92 -14.71
N SER H 182 37.04 -17.99 -15.60
CA SER H 182 35.67 -17.84 -16.06
C SER H 182 35.68 -17.59 -17.56
N SER H 183 35.00 -18.45 -18.31
CA SER H 183 34.84 -18.30 -19.75
C SER H 183 33.42 -17.85 -20.04
N THR H 184 33.28 -16.79 -20.83
CA THR H 184 31.98 -16.22 -21.14
C THR H 184 31.70 -16.35 -22.63
N LEU H 185 30.62 -17.05 -22.97
CA LEU H 185 30.13 -17.13 -24.34
C LEU H 185 29.10 -16.03 -24.56
N THR H 186 29.41 -15.08 -25.42
CA THR H 186 28.57 -13.91 -25.64
C THR H 186 27.76 -14.08 -26.91
N LEU H 187 26.45 -14.14 -26.76
CA LEU H 187 25.52 -14.32 -27.86
C LEU H 187 24.52 -13.16 -27.89
N SER H 188 23.90 -12.96 -29.05
CA SER H 188 22.73 -12.09 -29.11
C SER H 188 21.56 -12.79 -28.44
N LYS H 189 20.65 -11.98 -27.89
CA LYS H 189 19.48 -12.55 -27.23
C LYS H 189 18.62 -13.35 -28.20
N ALA H 190 18.61 -12.95 -29.47
CA ALA H 190 17.91 -13.74 -30.48
C ALA H 190 18.59 -15.09 -30.69
N ASP H 191 19.92 -15.09 -30.82
CA ASP H 191 20.64 -16.35 -30.98
C ASP H 191 20.51 -17.23 -29.75
N TYR H 192 20.42 -16.63 -28.56
CA TYR H 192 20.38 -17.41 -27.34
C TYR H 192 19.07 -18.19 -27.21
N GLU H 193 17.95 -17.48 -27.28
CA GLU H 193 16.63 -18.11 -27.15
C GLU H 193 16.33 -19.04 -28.31
N LYS H 194 17.17 -19.04 -29.34
CA LYS H 194 17.01 -19.92 -30.49
C LYS H 194 17.49 -21.34 -30.21
N HIS H 195 18.28 -21.53 -29.16
CA HIS H 195 18.83 -22.83 -28.83
C HIS H 195 18.39 -23.23 -27.42
N LYS H 196 18.75 -24.47 -27.04
CA LYS H 196 18.22 -25.07 -25.82
C LYS H 196 19.32 -25.55 -24.89
N VAL H 197 20.24 -26.40 -25.36
CA VAL H 197 21.27 -26.98 -24.50
C VAL H 197 22.59 -26.26 -24.76
N TYR H 198 23.20 -25.76 -23.70
CA TYR H 198 24.50 -25.10 -23.74
C TYR H 198 25.45 -25.92 -22.88
N ALA H 199 26.65 -26.17 -23.39
CA ALA H 199 27.59 -27.07 -22.74
C ALA H 199 28.96 -26.41 -22.58
N CYS H 200 29.69 -26.85 -21.55
CA CYS H 200 31.03 -26.37 -21.27
C CYS H 200 31.92 -27.57 -20.97
N GLU H 201 32.97 -27.76 -21.78
CA GLU H 201 33.89 -28.86 -21.62
C GLU H 201 35.22 -28.33 -21.09
N VAL H 202 35.70 -28.91 -20.00
CA VAL H 202 36.87 -28.42 -19.27
C VAL H 202 37.89 -29.54 -19.18
N THR H 203 39.09 -29.28 -19.69
CA THR H 203 40.21 -30.21 -19.61
C THR H 203 41.27 -29.67 -18.66
N HIS H 204 41.82 -30.55 -17.84
CA HIS H 204 42.80 -30.15 -16.83
C HIS H 204 43.59 -31.37 -16.40
N GLN H 205 44.80 -31.13 -15.90
CA GLN H 205 45.67 -32.22 -15.50
C GLN H 205 45.06 -33.03 -14.36
N GLY H 206 44.37 -32.36 -13.44
CA GLY H 206 43.76 -33.03 -12.31
C GLY H 206 42.46 -33.75 -12.58
N LEU H 207 41.97 -33.71 -13.81
CA LEU H 207 40.74 -34.38 -14.19
C LEU H 207 41.08 -35.64 -14.97
N SER H 208 40.57 -36.78 -14.50
CA SER H 208 40.79 -38.04 -15.21
C SER H 208 40.11 -38.02 -16.57
N SER H 209 38.96 -37.36 -16.69
CA SER H 209 38.26 -37.19 -17.94
C SER H 209 37.74 -35.75 -17.98
N PRO H 210 37.70 -35.13 -19.16
CA PRO H 210 37.16 -33.78 -19.26
C PRO H 210 35.72 -33.73 -18.76
N VAL H 211 35.38 -32.65 -18.09
CA VAL H 211 34.07 -32.46 -17.49
C VAL H 211 33.21 -31.64 -18.46
N THR H 212 32.01 -32.15 -18.75
CA THR H 212 31.06 -31.48 -19.62
C THR H 212 29.84 -31.06 -18.78
N LYS H 213 29.82 -29.80 -18.36
CA LYS H 213 28.68 -29.23 -17.66
C LYS H 213 27.73 -28.57 -18.65
N SER H 214 26.46 -28.50 -18.29
CA SER H 214 25.47 -28.01 -19.24
C SER H 214 24.22 -27.54 -18.51
N PHE H 215 23.33 -26.92 -19.29
CA PHE H 215 21.98 -26.62 -18.85
C PHE H 215 21.05 -26.61 -20.06
N ASN H 216 19.78 -26.87 -19.81
CA ASN H 216 18.73 -26.79 -20.82
C ASN H 216 17.79 -25.66 -20.46
N ARG H 217 17.74 -24.64 -21.31
CA ARG H 217 16.87 -23.49 -21.05
C ARG H 217 15.43 -23.72 -21.50
N GLY H 218 15.18 -24.74 -22.32
CA GLY H 218 13.82 -25.03 -22.73
C GLY H 218 13.07 -25.84 -21.70
N GLU H 219 11.77 -26.03 -21.98
CA GLU H 219 10.94 -26.83 -21.10
C GLU H 219 11.33 -28.30 -21.16
N ALA H 220 10.88 -29.04 -20.16
CA ALA H 220 11.08 -30.48 -20.12
C ALA H 220 9.94 -31.16 -20.87
N LEU H 221 10.26 -31.84 -21.96
CA LEU H 221 9.28 -32.53 -22.77
C LEU H 221 9.68 -34.00 -22.92
N GLU H 222 8.69 -34.88 -22.80
CA GLU H 222 8.95 -36.31 -22.91
C GLU H 222 9.01 -36.74 -24.37
N VAL H 223 9.92 -37.65 -24.68
CA VAL H 223 10.11 -38.17 -26.03
C VAL H 223 9.44 -39.52 -26.15
N LEU H 224 8.80 -39.76 -27.30
CA LEU H 224 8.11 -41.02 -27.55
C LEU H 224 8.53 -41.64 -28.88
#